data_4QVG
#
_entry.id   4QVG
#
_cell.length_a   102.931
_cell.length_b   295.421
_cell.length_c   322.231
_cell.angle_alpha   90.00
_cell.angle_beta   90.00
_cell.angle_gamma   90.00
#
_symmetry.space_group_name_H-M   'F 2 2 2'
#
_entity_poly.entity_id   1
_entity_poly.type   'polypeptide(L)'
_entity_poly.pdbx_seq_one_letter_code
;MSSELSALVPVLFGHAAFQQLNAGCQLGLFELLHERGPLSAEEVADALRLPRRSADILLLGTTALGLSTVTDGGYRNGAP
IGAAFRDGLWPVLRDIVQYQDKIAYQPAADYVESLRTGQNAGIRHFPGTTRDLYSRLAAVPGLEELFYRGMHAWSQLSNP
VLLAQPDFTRVHRVLDVGGGDAVNAVALARAHPSLRVTVLDRPGALEVARKTIAEAGLEERVRTHAADIFTDSYPAGHDC
VLFAHQLVIWSPEQNLTLLRKAYDAVEPGGRVLVFNAFTDDDRTGPLYAALDNVYFTTLPFRHSTIHRWADCESWLREAG
FTDVGRTAPPGWTPHGVVSGSRPRAAALEHHHHHH
;
_entity_poly.pdbx_strand_id   A,B,C,D
#
# COMPACT_ATOMS: atom_id res chain seq x y z
N GLU A 4 22.33 -19.50 -53.06
CA GLU A 4 23.07 -20.73 -52.83
C GLU A 4 22.14 -21.95 -52.63
N LEU A 5 22.54 -22.84 -51.73
CA LEU A 5 21.74 -23.98 -51.35
C LEU A 5 20.61 -23.68 -50.40
N SER A 6 20.46 -22.42 -50.01
CA SER A 6 19.41 -22.11 -49.06
C SER A 6 18.02 -22.52 -49.54
N ALA A 7 17.80 -22.54 -50.85
CA ALA A 7 16.47 -22.87 -51.34
C ALA A 7 16.15 -24.34 -51.07
N LEU A 8 17.16 -25.13 -50.73
CA LEU A 8 16.91 -26.53 -50.44
C LEU A 8 16.22 -26.74 -49.11
N VAL A 9 16.37 -25.78 -48.19
CA VAL A 9 15.93 -25.97 -46.82
C VAL A 9 14.44 -26.27 -46.67
N PRO A 10 13.57 -25.41 -47.23
CA PRO A 10 12.15 -25.75 -47.07
C PRO A 10 11.73 -27.01 -47.82
N VAL A 11 12.60 -27.57 -48.65
CA VAL A 11 12.27 -28.79 -49.39
C VAL A 11 12.87 -30.02 -48.69
N LEU A 12 14.15 -29.97 -48.39
CA LEU A 12 14.81 -31.05 -47.68
C LEU A 12 14.17 -31.31 -46.31
N PHE A 13 13.63 -30.26 -45.68
CA PHE A 13 12.91 -30.37 -44.42
C PHE A 13 11.42 -30.07 -44.58
N GLY A 14 10.90 -30.28 -45.78
CA GLY A 14 9.53 -29.92 -46.09
C GLY A 14 8.50 -30.68 -45.28
N HIS A 15 8.80 -31.93 -44.96
CA HIS A 15 7.87 -32.74 -44.19
C HIS A 15 7.80 -32.22 -42.78
N ALA A 16 8.90 -31.66 -42.31
CA ALA A 16 8.91 -31.07 -40.99
C ALA A 16 8.15 -29.75 -41.01
N ALA A 17 8.31 -28.99 -42.10
CA ALA A 17 7.59 -27.71 -42.22
C ALA A 17 6.11 -27.97 -42.08
N PHE A 18 5.63 -29.02 -42.73
CA PHE A 18 4.24 -29.35 -42.60
C PHE A 18 3.91 -29.67 -41.14
N GLN A 19 4.79 -30.40 -40.48
CA GLN A 19 4.48 -30.83 -39.13
C GLN A 19 4.33 -29.65 -38.17
N GLN A 20 5.00 -28.55 -38.45
CA GLN A 20 4.83 -27.38 -37.61
C GLN A 20 3.38 -26.90 -37.70
N LEU A 21 2.85 -26.77 -38.91
CA LEU A 21 1.46 -26.38 -39.09
C LEU A 21 0.52 -27.42 -38.49
N ASN A 22 0.81 -28.70 -38.73
CA ASN A 22 -0.02 -29.76 -38.20
C ASN A 22 -0.10 -29.62 -36.69
N ALA A 23 1.05 -29.47 -36.02
CA ALA A 23 1.09 -29.36 -34.57
C ALA A 23 0.31 -28.17 -34.02
N GLY A 24 0.60 -26.97 -34.53
CA GLY A 24 -0.13 -25.78 -34.13
C GLY A 24 -1.64 -25.90 -34.26
N CYS A 25 -2.08 -26.78 -35.14
CA CYS A 25 -3.50 -26.97 -35.35
C CYS A 25 -4.04 -27.93 -34.32
N GLN A 26 -3.35 -29.05 -34.13
CA GLN A 26 -3.81 -30.07 -33.20
C GLN A 26 -3.75 -29.60 -31.74
N LEU A 27 -2.77 -28.76 -31.42
CA LEU A 27 -2.58 -28.34 -30.03
C LEU A 27 -3.28 -27.03 -29.76
N GLY A 28 -3.93 -26.49 -30.77
CA GLY A 28 -4.71 -25.28 -30.59
C GLY A 28 -3.91 -23.99 -30.43
N LEU A 29 -2.66 -23.97 -30.86
CA LEU A 29 -1.86 -22.76 -30.78
C LEU A 29 -2.40 -21.56 -31.56
N PHE A 30 -2.80 -21.76 -32.80
CA PHE A 30 -3.19 -20.62 -33.63
C PHE A 30 -4.51 -20.04 -33.15
N GLU A 31 -5.41 -20.90 -32.68
CA GLU A 31 -6.66 -20.45 -32.10
C GLU A 31 -6.36 -19.66 -30.83
N LEU A 32 -5.47 -20.21 -30.00
CA LEU A 32 -4.99 -19.54 -28.80
C LEU A 32 -4.47 -18.15 -29.15
N LEU A 33 -3.49 -18.04 -30.04
CA LEU A 33 -2.96 -16.72 -30.40
C LEU A 33 -4.01 -15.79 -31.03
N HIS A 34 -5.07 -16.36 -31.58
CA HIS A 34 -6.11 -15.54 -32.18
C HIS A 34 -6.98 -14.93 -31.10
N GLU A 35 -7.39 -15.76 -30.15
CA GLU A 35 -8.31 -15.30 -29.13
C GLU A 35 -7.56 -14.44 -28.09
N ARG A 36 -6.40 -14.91 -27.64
CA ARG A 36 -5.66 -14.23 -26.60
C ARG A 36 -4.46 -13.45 -27.08
N GLY A 37 -4.62 -12.71 -28.18
CA GLY A 37 -3.69 -11.64 -28.53
C GLY A 37 -2.26 -12.05 -28.44
N PRO A 38 -1.36 -11.12 -28.09
CA PRO A 38 0.03 -11.54 -27.81
C PRO A 38 0.16 -12.34 -26.52
N LEU A 39 0.82 -13.51 -26.59
CA LEU A 39 1.13 -14.29 -25.39
C LEU A 39 2.60 -14.61 -25.37
N SER A 40 3.15 -14.74 -24.17
CA SER A 40 4.57 -15.06 -24.02
C SER A 40 4.75 -16.55 -24.25
N ALA A 41 5.99 -16.96 -24.50
CA ALA A 41 6.25 -18.38 -24.64
C ALA A 41 5.68 -19.12 -23.43
N GLU A 42 5.94 -18.58 -22.24
CA GLU A 42 5.51 -19.25 -21.01
C GLU A 42 3.97 -19.33 -20.90
N GLU A 43 3.28 -18.25 -21.25
CA GLU A 43 1.83 -18.23 -21.28
C GLU A 43 1.27 -19.23 -22.32
N VAL A 44 1.96 -19.34 -23.46
CA VAL A 44 1.57 -20.30 -24.49
C VAL A 44 1.74 -21.71 -23.94
N ALA A 45 2.94 -21.96 -23.40
CA ALA A 45 3.30 -23.25 -22.79
C ALA A 45 2.30 -23.71 -21.75
N ASP A 46 1.81 -22.76 -20.95
CA ASP A 46 0.80 -23.02 -19.94
C ASP A 46 -0.54 -23.37 -20.55
N ALA A 47 -1.02 -22.52 -21.47
CA ALA A 47 -2.36 -22.69 -22.00
C ALA A 47 -2.53 -24.00 -22.75
N LEU A 48 -1.45 -24.45 -23.39
CA LEU A 48 -1.50 -25.64 -24.22
C LEU A 48 -1.10 -26.88 -23.41
N ARG A 49 -0.74 -26.67 -22.15
CA ARG A 49 -0.29 -27.74 -21.28
C ARG A 49 0.91 -28.50 -21.89
N LEU A 50 1.91 -27.75 -22.33
CA LEU A 50 3.12 -28.33 -22.90
C LEU A 50 4.33 -28.06 -22.03
N PRO A 51 5.27 -29.02 -22.02
CA PRO A 51 6.59 -28.76 -21.44
C PRO A 51 7.15 -27.52 -22.08
N ARG A 52 7.84 -26.69 -21.33
CA ARG A 52 8.36 -25.44 -21.86
C ARG A 52 9.28 -25.71 -23.04
N ARG A 53 10.08 -26.78 -22.94
CA ARG A 53 10.99 -27.15 -24.01
C ARG A 53 10.19 -27.37 -25.31
N SER A 54 9.11 -28.14 -25.16
CA SER A 54 8.25 -28.42 -26.27
C SER A 54 7.67 -27.15 -26.84
N ALA A 55 7.19 -26.25 -26.00
CA ALA A 55 6.60 -25.02 -26.53
C ALA A 55 7.64 -24.15 -27.23
N ASP A 56 8.86 -24.10 -26.71
CA ASP A 56 9.88 -23.28 -27.34
C ASP A 56 10.20 -23.77 -28.76
N ILE A 57 10.30 -25.08 -28.90
CA ILE A 57 10.54 -25.76 -30.18
C ILE A 57 9.41 -25.52 -31.18
N LEU A 58 8.18 -25.75 -30.74
CA LEU A 58 7.03 -25.49 -31.59
C LEU A 58 6.99 -24.03 -32.05
N LEU A 59 7.34 -23.11 -31.15
CA LEU A 59 7.22 -21.70 -31.48
C LEU A 59 8.31 -21.28 -32.42
N LEU A 60 9.48 -21.92 -32.33
CA LEU A 60 10.56 -21.63 -33.26
C LEU A 60 10.19 -22.16 -34.66
N GLY A 61 9.57 -23.33 -34.68
CA GLY A 61 9.08 -23.91 -35.91
C GLY A 61 8.12 -22.92 -36.56
N THR A 62 7.06 -22.60 -35.82
CA THR A 62 6.02 -21.78 -36.40
C THR A 62 6.48 -20.37 -36.71
N THR A 63 7.51 -19.91 -36.07
CA THR A 63 7.88 -18.51 -36.26
C THR A 63 8.83 -18.39 -37.45
N ALA A 64 9.73 -19.35 -37.58
CA ALA A 64 10.61 -19.43 -38.73
C ALA A 64 9.85 -19.56 -40.06
N LEU A 65 8.70 -20.25 -40.01
CA LEU A 65 7.87 -20.50 -41.19
C LEU A 65 6.98 -19.30 -41.51
N GLY A 66 6.97 -18.35 -40.58
CA GLY A 66 6.15 -17.17 -40.72
C GLY A 66 4.72 -17.45 -40.32
N LEU A 67 4.46 -18.62 -39.73
CA LEU A 67 3.11 -18.92 -39.26
C LEU A 67 2.73 -18.12 -38.00
N SER A 68 3.75 -17.71 -37.24
CA SER A 68 3.56 -16.87 -36.08
C SER A 68 4.67 -15.82 -36.10
N THR A 69 4.44 -14.68 -35.45
CA THR A 69 5.55 -13.72 -35.31
C THR A 69 5.82 -13.49 -33.84
N VAL A 70 7.05 -13.10 -33.51
CA VAL A 70 7.38 -12.79 -32.13
C VAL A 70 7.91 -11.38 -31.99
N THR A 71 7.26 -10.61 -31.13
CA THR A 71 7.64 -9.23 -30.84
C THR A 71 7.76 -9.05 -29.34
N ASP A 72 8.93 -8.61 -28.88
CA ASP A 72 9.17 -8.35 -27.46
C ASP A 72 8.66 -9.46 -26.52
N GLY A 73 8.96 -10.72 -26.87
CA GLY A 73 8.57 -11.85 -26.05
C GLY A 73 7.16 -12.39 -26.23
N GLY A 74 6.35 -11.70 -27.02
CA GLY A 74 4.94 -12.05 -27.24
C GLY A 74 4.66 -12.49 -28.65
N TYR A 75 3.88 -13.56 -28.76
CA TYR A 75 3.64 -14.23 -30.02
C TYR A 75 2.28 -13.94 -30.60
N ARG A 76 2.26 -13.55 -31.87
CA ARG A 76 1.02 -13.36 -32.60
C ARG A 76 0.94 -14.37 -33.72
N ASN A 77 -0.24 -14.56 -34.29
CA ASN A 77 -0.35 -15.27 -35.55
C ASN A 77 0.28 -14.40 -36.64
N GLY A 78 0.98 -15.04 -37.58
CA GLY A 78 1.56 -14.35 -38.73
C GLY A 78 0.54 -13.96 -39.80
N ALA A 79 0.99 -13.20 -40.79
CA ALA A 79 0.10 -12.72 -41.86
C ALA A 79 -0.87 -13.75 -42.47
N PRO A 80 -0.34 -14.91 -42.93
CA PRO A 80 -1.26 -15.90 -43.53
C PRO A 80 -2.30 -16.43 -42.54
N ILE A 81 -1.88 -16.90 -41.38
CA ILE A 81 -2.84 -17.41 -40.39
C ILE A 81 -3.78 -16.28 -39.92
N GLY A 82 -3.24 -15.07 -39.77
CA GLY A 82 -4.08 -13.94 -39.43
C GLY A 82 -5.21 -13.77 -40.42
N ALA A 83 -4.83 -13.73 -41.71
CA ALA A 83 -5.79 -13.63 -42.79
C ALA A 83 -6.81 -14.78 -42.81
N ALA A 84 -6.37 -16.01 -42.59
CA ALA A 84 -7.31 -17.13 -42.62
C ALA A 84 -8.43 -16.92 -41.61
N PHE A 85 -8.10 -16.37 -40.45
CA PHE A 85 -9.11 -16.14 -39.45
C PHE A 85 -10.01 -15.00 -39.90
N ARG A 86 -9.40 -13.91 -40.34
CA ARG A 86 -10.12 -12.70 -40.72
C ARG A 86 -11.21 -12.97 -41.76
N ASP A 87 -10.89 -13.84 -42.71
CA ASP A 87 -11.75 -14.17 -43.84
C ASP A 87 -12.68 -15.37 -43.60
N GLY A 88 -12.77 -15.83 -42.34
CA GLY A 88 -13.64 -16.94 -41.97
C GLY A 88 -13.20 -18.30 -42.45
N LEU A 89 -11.93 -18.40 -42.86
CA LEU A 89 -11.39 -19.63 -43.43
C LEU A 89 -10.80 -20.62 -42.45
N TRP A 90 -10.69 -20.25 -41.19
CA TRP A 90 -9.94 -21.10 -40.28
C TRP A 90 -10.52 -22.51 -40.16
N PRO A 91 -11.83 -22.65 -39.97
CA PRO A 91 -12.25 -24.06 -39.83
C PRO A 91 -11.93 -24.89 -41.08
N VAL A 92 -12.01 -24.26 -42.26
CA VAL A 92 -11.69 -24.92 -43.52
C VAL A 92 -10.21 -25.31 -43.55
N LEU A 93 -9.34 -24.34 -43.27
CA LEU A 93 -7.89 -24.61 -43.20
C LEU A 93 -7.54 -25.66 -42.13
N ARG A 94 -8.10 -25.56 -40.93
CA ARG A 94 -7.88 -26.60 -39.94
C ARG A 94 -8.27 -27.98 -40.45
N ASP A 95 -9.46 -28.09 -41.06
CA ASP A 95 -9.94 -29.38 -41.56
C ASP A 95 -9.04 -29.94 -42.67
N ILE A 96 -8.58 -29.07 -43.56
CA ILE A 96 -7.71 -29.50 -44.65
C ILE A 96 -6.39 -30.01 -44.10
N VAL A 97 -5.83 -29.30 -43.12
CA VAL A 97 -4.58 -29.73 -42.47
C VAL A 97 -4.80 -31.06 -41.78
N GLN A 98 -6.02 -31.30 -41.30
CA GLN A 98 -6.29 -32.56 -40.61
C GLN A 98 -6.33 -33.69 -41.63
N TYR A 99 -6.77 -33.32 -42.82
CA TYR A 99 -6.84 -34.25 -43.95
C TYR A 99 -5.43 -34.69 -44.36
N GLN A 100 -4.54 -33.72 -44.56
CA GLN A 100 -3.14 -34.01 -44.87
C GLN A 100 -2.52 -34.88 -43.79
N ASP A 101 -2.84 -34.62 -42.52
CA ASP A 101 -2.30 -35.43 -41.43
C ASP A 101 -2.77 -36.86 -41.47
N LYS A 102 -4.07 -37.08 -41.53
CA LYS A 102 -4.57 -38.44 -41.32
C LYS A 102 -4.71 -39.29 -42.59
N ILE A 103 -4.91 -38.63 -43.75
CA ILE A 103 -5.08 -39.35 -45.01
C ILE A 103 -3.80 -39.28 -45.87
N ALA A 104 -3.30 -38.09 -46.15
CA ALA A 104 -2.27 -37.89 -47.15
C ALA A 104 -0.83 -38.20 -46.70
N TYR A 105 -0.44 -37.78 -45.50
CA TYR A 105 0.98 -37.77 -45.10
C TYR A 105 1.75 -39.09 -45.24
N GLN A 106 1.19 -40.16 -44.72
CA GLN A 106 1.94 -41.38 -44.68
C GLN A 106 2.03 -42.01 -46.08
N PRO A 107 0.90 -42.07 -46.84
CA PRO A 107 0.98 -42.59 -48.22
C PRO A 107 1.88 -41.79 -49.16
N ALA A 108 2.11 -40.51 -48.93
CA ALA A 108 2.99 -39.72 -49.79
C ALA A 108 4.39 -40.31 -49.89
N ALA A 109 4.74 -41.16 -48.93
CA ALA A 109 6.06 -41.79 -48.93
C ALA A 109 6.18 -42.88 -50.02
N ASP A 110 5.06 -43.14 -50.71
CA ASP A 110 4.98 -44.14 -51.79
C ASP A 110 4.84 -43.48 -53.17
N TYR A 111 5.16 -42.20 -53.25
CA TYR A 111 5.18 -41.41 -54.50
C TYR A 111 6.12 -42.04 -55.53
N VAL A 112 7.32 -42.40 -55.11
CA VAL A 112 8.29 -42.98 -56.03
C VAL A 112 7.71 -44.22 -56.69
N GLU A 113 7.19 -45.13 -55.89
CA GLU A 113 6.65 -46.35 -56.45
C GLU A 113 5.39 -46.05 -57.27
N SER A 114 4.66 -44.99 -56.89
CA SER A 114 3.46 -44.65 -57.66
C SER A 114 3.81 -44.11 -59.01
N LEU A 115 4.90 -43.35 -59.10
CA LEU A 115 5.27 -42.80 -60.37
C LEU A 115 5.75 -43.95 -61.27
N ARG A 116 6.57 -44.85 -60.73
CA ARG A 116 7.06 -46.00 -61.47
C ARG A 116 5.95 -46.89 -62.04
N THR A 117 5.02 -47.28 -61.20
CA THR A 117 4.04 -48.26 -61.60
C THR A 117 2.84 -47.60 -62.20
N GLY A 118 2.78 -46.29 -62.13
CA GLY A 118 1.66 -45.55 -62.68
C GLY A 118 0.35 -45.82 -61.95
N GLN A 119 0.44 -46.57 -60.86
CA GLN A 119 -0.72 -46.81 -60.02
C GLN A 119 -0.60 -46.18 -58.61
N ASN A 120 -1.65 -46.34 -57.79
CA ASN A 120 -1.68 -45.70 -56.46
C ASN A 120 -0.96 -46.52 -55.40
N ALA A 121 0.37 -46.43 -55.37
CA ALA A 121 1.15 -47.32 -54.51
C ALA A 121 0.87 -47.10 -53.04
N GLY A 122 0.43 -45.88 -52.71
CA GLY A 122 0.19 -45.49 -51.33
C GLY A 122 -0.96 -46.23 -50.68
N ILE A 123 -1.79 -46.90 -51.47
CA ILE A 123 -2.95 -47.56 -50.90
C ILE A 123 -2.55 -48.78 -50.05
N ARG A 124 -1.26 -49.12 -50.00
CA ARG A 124 -0.80 -50.24 -49.14
C ARG A 124 -1.10 -49.95 -47.70
N HIS A 125 -1.21 -48.68 -47.37
CA HIS A 125 -1.54 -48.26 -46.02
C HIS A 125 -3.02 -48.41 -45.65
N PHE A 126 -3.86 -48.85 -46.58
CA PHE A 126 -5.29 -49.03 -46.33
C PHE A 126 -5.81 -50.33 -46.92
N PRO A 127 -5.45 -51.46 -46.32
CA PRO A 127 -5.78 -52.77 -46.90
C PRO A 127 -7.29 -52.99 -47.10
N GLY A 128 -7.61 -53.50 -48.27
CA GLY A 128 -8.97 -53.87 -48.58
C GLY A 128 -8.98 -54.77 -49.79
N THR A 129 -10.15 -55.29 -50.11
CA THR A 129 -10.35 -56.03 -51.35
C THR A 129 -11.03 -55.18 -52.46
N THR A 130 -11.53 -53.99 -52.13
CA THR A 130 -12.28 -53.20 -53.12
C THR A 130 -11.38 -52.20 -53.82
N ARG A 131 -11.87 -51.55 -54.86
CA ARG A 131 -10.99 -50.81 -55.74
C ARG A 131 -11.38 -49.34 -55.84
N ASP A 132 -11.61 -48.72 -54.69
CA ASP A 132 -11.82 -47.28 -54.65
C ASP A 132 -11.44 -46.76 -53.26
N LEU A 133 -11.06 -45.49 -53.19
CA LEU A 133 -10.41 -44.97 -51.98
C LEU A 133 -11.28 -44.95 -50.74
N TYR A 134 -12.53 -44.53 -50.88
CA TYR A 134 -13.35 -44.34 -49.70
C TYR A 134 -13.63 -45.68 -48.99
N SER A 135 -13.78 -46.75 -49.75
CA SER A 135 -14.08 -48.03 -49.13
C SER A 135 -12.92 -48.49 -48.30
N ARG A 136 -11.72 -48.20 -48.83
CA ARG A 136 -10.50 -48.53 -48.14
C ARG A 136 -10.41 -47.69 -46.90
N LEU A 137 -10.78 -46.41 -47.05
CA LEU A 137 -10.70 -45.50 -45.92
C LEU A 137 -11.76 -45.88 -44.88
N ALA A 138 -12.93 -46.29 -45.34
CA ALA A 138 -14.02 -46.64 -44.43
C ALA A 138 -13.67 -47.83 -43.54
N ALA A 139 -12.68 -48.63 -43.93
CA ALA A 139 -12.24 -49.73 -43.06
C ALA A 139 -11.46 -49.24 -41.83
N VAL A 140 -11.09 -47.97 -41.80
CA VAL A 140 -10.42 -47.44 -40.63
C VAL A 140 -11.38 -46.53 -39.88
N PRO A 141 -11.67 -46.88 -38.61
CA PRO A 141 -12.65 -46.04 -37.90
C PRO A 141 -12.20 -44.58 -37.79
N GLY A 142 -13.07 -43.70 -38.27
CA GLY A 142 -12.84 -42.27 -38.19
C GLY A 142 -12.58 -41.64 -39.53
N LEU A 143 -11.98 -42.40 -40.44
CA LEU A 143 -11.47 -41.85 -41.69
C LEU A 143 -12.50 -41.50 -42.75
N GLU A 144 -13.47 -42.38 -42.98
CA GLU A 144 -14.67 -42.00 -43.73
C GLU A 144 -15.17 -40.61 -43.38
N GLU A 145 -15.49 -40.38 -42.11
CA GLU A 145 -16.02 -39.08 -41.74
C GLU A 145 -15.05 -37.95 -42.05
N LEU A 146 -13.76 -38.17 -41.77
CA LEU A 146 -12.76 -37.14 -42.03
C LEU A 146 -12.57 -36.89 -43.51
N PHE A 147 -12.59 -37.97 -44.29
CA PHE A 147 -12.45 -37.87 -45.72
C PHE A 147 -13.49 -36.93 -46.31
N TYR A 148 -14.76 -37.09 -45.95
CA TYR A 148 -15.79 -36.22 -46.48
C TYR A 148 -15.62 -34.80 -45.91
N ARG A 149 -15.27 -34.67 -44.63
CA ARG A 149 -15.06 -33.35 -44.06
C ARG A 149 -13.95 -32.62 -44.80
N GLY A 150 -12.89 -33.34 -45.15
CA GLY A 150 -11.79 -32.78 -45.92
C GLY A 150 -12.23 -32.33 -47.30
N MET A 151 -12.93 -33.21 -48.01
CA MET A 151 -13.41 -32.90 -49.34
C MET A 151 -14.31 -31.68 -49.33
N HIS A 152 -15.18 -31.57 -48.32
CA HIS A 152 -16.05 -30.41 -48.22
C HIS A 152 -15.22 -29.15 -48.00
N ALA A 153 -14.15 -29.27 -47.22
CA ALA A 153 -13.28 -28.13 -46.95
C ALA A 153 -12.55 -27.65 -48.20
N TRP A 154 -11.99 -28.60 -48.95
CA TRP A 154 -11.25 -28.27 -50.16
C TRP A 154 -12.14 -27.54 -51.12
N SER A 155 -13.36 -28.05 -51.26
CA SER A 155 -14.33 -27.46 -52.18
C SER A 155 -14.63 -26.05 -51.75
N GLN A 156 -14.81 -25.87 -50.45
CA GLN A 156 -15.16 -24.56 -49.91
C GLN A 156 -14.04 -23.53 -50.11
N LEU A 157 -12.82 -24.01 -50.40
CA LEU A 157 -11.67 -23.15 -50.63
C LEU A 157 -11.73 -22.57 -52.05
N SER A 158 -12.23 -23.39 -52.98
CA SER A 158 -12.26 -23.05 -54.40
C SER A 158 -13.59 -22.39 -54.82
N ASN A 159 -14.70 -22.80 -54.22
CA ASN A 159 -15.99 -22.39 -54.80
C ASN A 159 -16.27 -20.90 -54.96
N PRO A 160 -15.61 -20.05 -54.16
CA PRO A 160 -15.72 -18.62 -54.47
C PRO A 160 -15.27 -18.19 -55.86
N VAL A 161 -14.24 -18.82 -56.39
CA VAL A 161 -13.71 -18.41 -57.71
C VAL A 161 -14.68 -18.78 -58.83
N LEU A 162 -15.46 -19.83 -58.63
CA LEU A 162 -16.52 -20.19 -59.57
C LEU A 162 -17.63 -19.14 -59.56
N LEU A 163 -18.11 -18.79 -58.36
CA LEU A 163 -19.24 -17.86 -58.23
C LEU A 163 -18.89 -16.45 -58.76
N ALA A 164 -17.63 -16.06 -58.66
CA ALA A 164 -17.16 -14.74 -59.10
C ALA A 164 -17.11 -14.63 -60.64
N GLN A 165 -17.25 -15.75 -61.33
CA GLN A 165 -17.18 -15.76 -62.78
C GLN A 165 -18.27 -14.88 -63.37
N PRO A 166 -17.84 -13.86 -64.12
CA PRO A 166 -18.73 -12.84 -64.72
C PRO A 166 -19.83 -13.42 -65.60
N ASP A 167 -19.61 -14.58 -66.21
CA ASP A 167 -20.59 -15.12 -67.14
C ASP A 167 -21.94 -15.38 -66.46
N PHE A 168 -21.97 -15.54 -65.14
CA PHE A 168 -23.23 -15.87 -64.47
C PHE A 168 -24.14 -14.65 -64.29
N THR A 169 -23.65 -13.49 -64.69
CA THR A 169 -24.50 -12.29 -64.66
C THR A 169 -25.10 -11.99 -66.04
N ARG A 170 -24.85 -12.89 -67.00
CA ARG A 170 -25.30 -12.74 -68.37
C ARG A 170 -26.00 -14.00 -68.90
N VAL A 171 -25.79 -15.15 -68.27
CA VAL A 171 -26.49 -16.33 -68.75
C VAL A 171 -27.79 -16.46 -67.98
N HIS A 172 -28.70 -17.28 -68.50
CA HIS A 172 -30.03 -17.37 -67.90
C HIS A 172 -30.31 -18.76 -67.37
N ARG A 173 -30.06 -19.77 -68.19
CA ARG A 173 -30.33 -21.14 -67.79
C ARG A 173 -29.05 -21.95 -67.89
N VAL A 174 -28.57 -22.43 -66.74
CA VAL A 174 -27.31 -23.15 -66.68
C VAL A 174 -27.52 -24.66 -66.51
N LEU A 175 -26.86 -25.43 -67.36
CA LEU A 175 -26.86 -26.90 -67.24
C LEU A 175 -25.55 -27.36 -66.59
N ASP A 176 -25.62 -27.79 -65.33
CA ASP A 176 -24.46 -28.24 -64.55
C ASP A 176 -24.18 -29.72 -64.79
N VAL A 177 -23.25 -30.02 -65.68
CA VAL A 177 -22.94 -31.41 -66.02
C VAL A 177 -22.15 -32.09 -64.90
N GLY A 178 -22.68 -33.20 -64.39
CA GLY A 178 -22.09 -33.89 -63.26
C GLY A 178 -22.11 -33.07 -61.99
N GLY A 179 -23.21 -32.36 -61.80
CA GLY A 179 -23.40 -31.40 -60.73
C GLY A 179 -23.60 -32.03 -59.37
N GLY A 180 -23.77 -33.35 -59.35
CA GLY A 180 -23.70 -34.09 -58.10
C GLY A 180 -24.64 -33.68 -57.01
N ASP A 181 -24.08 -33.15 -55.92
CA ASP A 181 -24.87 -32.85 -54.75
C ASP A 181 -25.44 -31.44 -54.76
N ALA A 182 -25.41 -30.80 -55.94
CA ALA A 182 -26.00 -29.49 -56.16
C ALA A 182 -25.46 -28.33 -55.30
N VAL A 183 -24.43 -28.59 -54.49
CA VAL A 183 -23.91 -27.55 -53.61
C VAL A 183 -23.42 -26.32 -54.40
N ASN A 184 -22.70 -26.57 -55.47
CA ASN A 184 -22.32 -25.49 -56.36
C ASN A 184 -23.53 -24.87 -57.05
N ALA A 185 -24.49 -25.72 -57.44
CA ALA A 185 -25.72 -25.23 -58.08
C ALA A 185 -26.53 -24.31 -57.13
N VAL A 186 -26.71 -24.74 -55.88
CA VAL A 186 -27.41 -23.91 -54.90
C VAL A 186 -26.72 -22.58 -54.70
N ALA A 187 -25.42 -22.64 -54.39
CA ALA A 187 -24.60 -21.44 -54.18
C ALA A 187 -24.74 -20.48 -55.34
N LEU A 188 -24.61 -21.03 -56.53
CA LEU A 188 -24.69 -20.27 -57.77
C LEU A 188 -26.05 -19.58 -57.85
N ALA A 189 -27.12 -20.31 -57.54
CA ALA A 189 -28.49 -19.78 -57.57
C ALA A 189 -28.74 -18.71 -56.51
N ARG A 190 -28.14 -18.85 -55.33
CA ARG A 190 -28.29 -17.83 -54.30
C ARG A 190 -27.59 -16.54 -54.73
N ALA A 191 -26.37 -16.67 -55.21
CA ALA A 191 -25.59 -15.50 -55.59
C ALA A 191 -26.18 -14.81 -56.82
N HIS A 192 -26.95 -15.54 -57.62
CA HIS A 192 -27.54 -14.97 -58.84
C HIS A 192 -29.03 -15.35 -58.95
N PRO A 193 -29.90 -14.54 -58.34
CA PRO A 193 -31.33 -14.80 -58.12
C PRO A 193 -32.18 -15.03 -59.38
N SER A 194 -31.84 -14.40 -60.49
CA SER A 194 -32.67 -14.58 -61.68
C SER A 194 -32.26 -15.86 -62.41
N LEU A 195 -31.05 -16.33 -62.13
CA LEU A 195 -30.48 -17.52 -62.78
C LEU A 195 -31.26 -18.79 -62.45
N ARG A 196 -31.34 -19.71 -63.41
CA ARG A 196 -31.97 -21.00 -63.15
C ARG A 196 -30.96 -22.10 -63.47
N VAL A 197 -30.96 -23.18 -62.68
CA VAL A 197 -29.91 -24.19 -62.79
C VAL A 197 -30.46 -25.60 -62.84
N THR A 198 -29.97 -26.39 -63.80
CA THR A 198 -30.36 -27.80 -63.90
C THR A 198 -29.18 -28.70 -63.55
N VAL A 199 -29.36 -29.55 -62.54
CA VAL A 199 -28.29 -30.46 -62.15
C VAL A 199 -28.42 -31.75 -62.93
N LEU A 200 -27.52 -31.98 -63.89
CA LEU A 200 -27.56 -33.17 -64.73
C LEU A 200 -26.60 -34.19 -64.15
N ASP A 201 -27.10 -35.29 -63.62
CA ASP A 201 -26.24 -36.33 -63.08
C ASP A 201 -26.93 -37.69 -63.00
N ARG A 202 -26.21 -38.67 -62.46
CA ARG A 202 -26.74 -40.02 -62.28
C ARG A 202 -27.81 -40.01 -61.20
N PRO A 203 -28.84 -40.86 -61.36
CA PRO A 203 -29.99 -40.92 -60.44
C PRO A 203 -29.56 -41.00 -58.99
N GLY A 204 -28.46 -41.72 -58.77
CA GLY A 204 -27.96 -41.96 -57.43
C GLY A 204 -27.55 -40.70 -56.73
N ALA A 205 -26.87 -39.81 -57.47
CA ALA A 205 -26.39 -38.56 -56.89
C ALA A 205 -27.50 -37.56 -56.70
N LEU A 206 -28.52 -37.67 -57.54
CA LEU A 206 -29.59 -36.69 -57.59
C LEU A 206 -30.50 -36.78 -56.37
N GLU A 207 -30.45 -37.91 -55.65
CA GLU A 207 -31.27 -38.05 -54.45
C GLU A 207 -30.66 -37.18 -53.35
N VAL A 208 -29.34 -36.97 -53.42
CA VAL A 208 -28.66 -36.08 -52.48
C VAL A 208 -28.93 -34.65 -52.89
N ALA A 209 -29.00 -34.45 -54.20
CA ALA A 209 -29.19 -33.12 -54.78
C ALA A 209 -30.58 -32.57 -54.45
N ARG A 210 -31.61 -33.42 -54.44
CA ARG A 210 -32.94 -32.92 -54.16
C ARG A 210 -33.06 -32.54 -52.69
N LYS A 211 -32.17 -33.05 -51.86
CA LYS A 211 -32.20 -32.69 -50.46
C LYS A 211 -31.40 -31.41 -50.22
N THR A 212 -30.35 -31.24 -51.01
CA THR A 212 -29.56 -30.03 -50.88
C THR A 212 -30.37 -28.87 -51.41
N ILE A 213 -31.10 -29.13 -52.48
CA ILE A 213 -31.94 -28.12 -53.09
C ILE A 213 -33.11 -27.79 -52.19
N ALA A 214 -33.72 -28.83 -51.62
CA ALA A 214 -34.86 -28.66 -50.73
C ALA A 214 -34.55 -27.81 -49.49
N GLU A 215 -33.50 -28.16 -48.77
CA GLU A 215 -33.13 -27.39 -47.58
C GLU A 215 -32.97 -25.91 -47.87
N ALA A 216 -32.56 -25.60 -49.09
CA ALA A 216 -32.35 -24.22 -49.48
C ALA A 216 -33.65 -23.64 -50.03
N GLY A 217 -34.66 -24.50 -50.14
CA GLY A 217 -35.96 -24.06 -50.61
C GLY A 217 -35.88 -23.48 -52.01
N LEU A 218 -35.04 -24.09 -52.84
CA LEU A 218 -34.82 -23.59 -54.19
C LEU A 218 -35.34 -24.58 -55.20
N GLU A 219 -36.44 -25.26 -54.86
CA GLU A 219 -37.02 -26.29 -55.76
C GLU A 219 -37.60 -25.64 -57.01
N GLU A 220 -37.79 -24.33 -56.93
CA GLU A 220 -38.31 -23.55 -58.05
C GLU A 220 -37.26 -23.28 -59.13
N ARG A 221 -36.10 -22.80 -58.71
CA ARG A 221 -35.08 -22.42 -59.69
C ARG A 221 -33.99 -23.47 -59.95
N VAL A 222 -33.88 -24.46 -59.08
CA VAL A 222 -32.86 -25.50 -59.25
C VAL A 222 -33.51 -26.88 -59.46
N ARG A 223 -33.52 -27.33 -60.72
CA ARG A 223 -34.10 -28.63 -61.10
C ARG A 223 -33.03 -29.71 -61.21
N THR A 224 -33.47 -30.96 -61.32
CA THR A 224 -32.54 -32.07 -61.55
C THR A 224 -32.96 -32.84 -62.80
N HIS A 225 -32.01 -33.54 -63.42
CA HIS A 225 -32.27 -34.30 -64.65
C HIS A 225 -31.39 -35.53 -64.68
N ALA A 226 -32.00 -36.71 -64.54
CA ALA A 226 -31.26 -37.96 -64.49
C ALA A 226 -30.65 -38.30 -65.83
N ALA A 227 -29.34 -38.48 -65.83
CA ALA A 227 -28.64 -38.88 -67.04
C ALA A 227 -27.23 -39.34 -66.78
N ASP A 228 -26.72 -40.14 -67.70
CA ASP A 228 -25.32 -40.46 -67.76
C ASP A 228 -24.71 -39.51 -68.77
N ILE A 229 -23.71 -38.76 -68.32
CA ILE A 229 -23.20 -37.64 -69.08
C ILE A 229 -22.49 -38.07 -70.37
N PHE A 230 -22.29 -39.38 -70.55
CA PHE A 230 -21.58 -39.89 -71.73
C PHE A 230 -22.48 -40.56 -72.75
N THR A 231 -23.43 -41.34 -72.28
CA THR A 231 -24.27 -42.13 -73.17
C THR A 231 -25.55 -41.39 -73.50
N ASP A 232 -26.19 -40.84 -72.47
CA ASP A 232 -27.45 -40.15 -72.68
C ASP A 232 -27.18 -38.81 -73.36
N SER A 233 -28.23 -38.15 -73.83
CA SER A 233 -28.08 -36.83 -74.45
C SER A 233 -28.47 -35.72 -73.47
N TYR A 234 -28.08 -34.49 -73.79
CA TYR A 234 -28.32 -33.40 -72.86
C TYR A 234 -29.61 -32.63 -73.22
N PRO A 235 -30.36 -32.21 -72.18
CA PRO A 235 -31.58 -31.43 -72.31
C PRO A 235 -31.33 -30.11 -73.04
N ALA A 236 -32.19 -29.77 -74.02
CA ALA A 236 -32.02 -28.52 -74.75
C ALA A 236 -32.62 -27.32 -74.00
N GLY A 237 -32.43 -26.12 -74.57
CA GLY A 237 -32.98 -24.91 -73.99
C GLY A 237 -32.09 -24.28 -72.93
N HIS A 238 -30.86 -24.76 -72.81
CA HIS A 238 -29.91 -24.22 -71.85
C HIS A 238 -28.93 -23.23 -72.47
N ASP A 239 -28.70 -22.16 -71.74
CA ASP A 239 -27.97 -20.98 -72.17
C ASP A 239 -26.46 -21.12 -71.95
N CYS A 240 -26.13 -22.03 -71.05
CA CYS A 240 -24.78 -22.14 -70.54
C CYS A 240 -24.57 -23.54 -70.00
N VAL A 241 -23.45 -24.15 -70.37
CA VAL A 241 -23.14 -25.48 -69.88
C VAL A 241 -21.88 -25.40 -69.03
N LEU A 242 -22.00 -25.96 -67.83
CA LEU A 242 -20.94 -25.91 -66.84
C LEU A 242 -20.39 -27.30 -66.56
N PHE A 243 -19.06 -27.38 -66.55
CA PHE A 243 -18.35 -28.55 -66.07
C PHE A 243 -17.51 -28.09 -64.87
N ALA A 244 -17.99 -28.33 -63.66
CA ALA A 244 -17.19 -28.03 -62.50
C ALA A 244 -16.54 -29.32 -62.05
N HIS A 245 -15.21 -29.29 -62.00
CA HIS A 245 -14.38 -30.44 -61.64
C HIS A 245 -14.78 -31.71 -62.39
N GLN A 246 -14.99 -31.58 -63.69
CA GLN A 246 -15.43 -32.71 -64.49
C GLN A 246 -14.36 -33.19 -65.44
N LEU A 247 -13.65 -32.28 -66.09
CA LEU A 247 -12.75 -32.68 -67.18
C LEU A 247 -11.46 -33.30 -66.63
N VAL A 248 -11.32 -33.41 -65.32
CA VAL A 248 -10.03 -33.79 -64.77
C VAL A 248 -9.89 -35.31 -64.56
N ILE A 249 -10.95 -36.10 -64.71
CA ILE A 249 -10.74 -37.54 -64.64
C ILE A 249 -10.84 -38.30 -65.98
N TRP A 250 -11.03 -37.57 -67.07
CA TRP A 250 -11.29 -38.22 -68.35
C TRP A 250 -10.12 -38.08 -69.34
N SER A 251 -10.02 -38.98 -70.32
CA SER A 251 -9.00 -38.88 -71.36
C SER A 251 -9.31 -37.71 -72.27
N PRO A 252 -8.29 -37.11 -72.87
CA PRO A 252 -8.55 -35.98 -73.78
C PRO A 252 -9.66 -36.26 -74.79
N GLU A 253 -9.69 -37.45 -75.39
CA GLU A 253 -10.78 -37.78 -76.31
C GLU A 253 -12.12 -37.84 -75.56
N GLN A 254 -12.14 -38.28 -74.31
CA GLN A 254 -13.42 -38.39 -73.63
C GLN A 254 -13.94 -36.99 -73.32
N ASN A 255 -13.02 -36.07 -73.05
CA ASN A 255 -13.37 -34.67 -72.82
C ASN A 255 -13.92 -34.01 -74.09
N LEU A 256 -13.42 -34.42 -75.25
CA LEU A 256 -13.96 -33.90 -76.51
C LEU A 256 -15.39 -34.37 -76.73
N THR A 257 -15.69 -35.61 -76.34
CA THR A 257 -17.04 -36.13 -76.42
C THR A 257 -17.99 -35.30 -75.57
N LEU A 258 -17.64 -35.06 -74.31
CA LEU A 258 -18.46 -34.27 -73.40
C LEU A 258 -18.67 -32.85 -73.92
N LEU A 259 -17.62 -32.25 -74.45
CA LEU A 259 -17.70 -30.86 -74.87
C LEU A 259 -18.52 -30.71 -76.17
N ARG A 260 -18.46 -31.72 -77.04
CA ARG A 260 -19.27 -31.69 -78.23
C ARG A 260 -20.73 -31.89 -77.82
N LYS A 261 -20.96 -32.69 -76.79
CA LYS A 261 -22.30 -32.81 -76.24
C LYS A 261 -22.76 -31.48 -75.67
N ALA A 262 -21.86 -30.74 -75.07
CA ALA A 262 -22.20 -29.42 -74.56
C ALA A 262 -22.58 -28.50 -75.72
N TYR A 263 -21.81 -28.58 -76.80
CA TYR A 263 -22.05 -27.75 -77.98
C TYR A 263 -23.43 -27.99 -78.64
N ASP A 264 -23.88 -29.24 -78.77
CA ASP A 264 -25.17 -29.51 -79.41
C ASP A 264 -26.34 -29.14 -78.52
N ALA A 265 -26.12 -29.18 -77.22
CA ALA A 265 -27.15 -28.96 -76.22
C ALA A 265 -27.37 -27.49 -75.93
N VAL A 266 -26.27 -26.75 -75.86
CA VAL A 266 -26.32 -25.33 -75.53
C VAL A 266 -26.98 -24.58 -76.68
N GLU A 267 -27.54 -23.40 -76.42
CA GLU A 267 -28.17 -22.66 -77.51
C GLU A 267 -27.12 -21.84 -78.20
N PRO A 268 -27.31 -21.58 -79.50
CA PRO A 268 -26.40 -20.70 -80.24
C PRO A 268 -26.22 -19.40 -79.48
N GLY A 269 -25.01 -18.87 -79.44
CA GLY A 269 -24.75 -17.70 -78.64
C GLY A 269 -24.35 -18.08 -77.22
N GLY A 270 -24.61 -19.33 -76.86
CA GLY A 270 -24.41 -19.84 -75.49
C GLY A 270 -22.99 -20.01 -75.02
N ARG A 271 -22.80 -20.28 -73.71
CA ARG A 271 -21.45 -20.35 -73.14
C ARG A 271 -21.17 -21.73 -72.60
N VAL A 272 -19.92 -22.14 -72.69
CA VAL A 272 -19.51 -23.30 -71.95
C VAL A 272 -18.48 -22.79 -70.96
N LEU A 273 -18.49 -23.32 -69.76
CA LEU A 273 -17.55 -22.88 -68.74
C LEU A 273 -16.90 -24.12 -68.16
N VAL A 274 -15.58 -24.22 -68.29
CA VAL A 274 -14.88 -25.33 -67.63
C VAL A 274 -14.19 -24.77 -66.42
N PHE A 275 -14.62 -25.26 -65.26
CA PHE A 275 -14.08 -24.80 -64.00
C PHE A 275 -13.38 -25.92 -63.26
N ASN A 276 -12.06 -25.79 -63.10
CA ASN A 276 -11.29 -26.70 -62.26
C ASN A 276 -9.91 -26.10 -62.02
N ALA A 277 -9.00 -26.91 -61.48
CA ALA A 277 -7.62 -26.48 -61.22
C ALA A 277 -6.81 -26.57 -62.50
N PHE A 278 -5.97 -25.58 -62.78
CA PHE A 278 -5.16 -25.62 -64.02
C PHE A 278 -3.68 -25.51 -63.78
N THR A 279 -2.91 -26.31 -64.50
CA THR A 279 -1.46 -26.16 -64.58
C THR A 279 -1.13 -25.00 -65.51
N ASP A 280 -0.05 -24.27 -65.20
CA ASP A 280 0.38 -23.21 -66.09
C ASP A 280 0.84 -23.81 -67.42
N ASP A 281 0.66 -23.03 -68.49
CA ASP A 281 0.99 -23.53 -69.83
C ASP A 281 2.47 -23.89 -69.94
N ASP A 282 3.32 -23.21 -69.19
CA ASP A 282 4.74 -23.47 -69.35
C ASP A 282 5.18 -24.57 -68.43
N ARG A 283 4.22 -25.16 -67.73
CA ARG A 283 4.45 -26.29 -66.84
C ARG A 283 5.50 -26.04 -65.75
N THR A 284 5.56 -24.79 -65.25
CA THR A 284 6.49 -24.40 -64.18
C THR A 284 5.76 -24.21 -62.88
N GLY A 285 4.45 -24.44 -62.90
CA GLY A 285 3.61 -24.23 -61.74
C GLY A 285 2.14 -24.29 -62.05
N PRO A 286 1.30 -23.78 -61.16
CA PRO A 286 1.63 -23.14 -59.89
C PRO A 286 2.02 -24.18 -58.83
N LEU A 287 2.79 -23.78 -57.83
CA LEU A 287 3.28 -24.74 -56.83
C LEU A 287 2.18 -25.60 -56.17
N TYR A 288 1.04 -24.98 -55.81
CA TYR A 288 -0.10 -25.70 -55.21
C TYR A 288 -0.41 -26.96 -56.03
N ALA A 289 -0.72 -26.78 -57.30
CA ALA A 289 -1.03 -27.90 -58.17
C ALA A 289 0.10 -28.94 -58.22
N ALA A 290 1.31 -28.43 -58.34
CA ALA A 290 2.47 -29.29 -58.42
C ALA A 290 2.62 -30.17 -57.19
N LEU A 291 2.33 -29.65 -56.01
CA LEU A 291 2.57 -30.46 -54.82
C LEU A 291 1.35 -31.29 -54.50
N ASP A 292 0.18 -30.78 -54.88
CA ASP A 292 -1.05 -31.53 -54.72
C ASP A 292 -1.06 -32.84 -55.54
N ASN A 293 -0.28 -32.94 -56.59
CA ASN A 293 -0.31 -34.16 -57.37
C ASN A 293 0.16 -35.39 -56.61
N VAL A 294 0.95 -35.18 -55.56
CA VAL A 294 1.45 -36.34 -54.83
C VAL A 294 0.31 -37.13 -54.26
N TYR A 295 -0.70 -36.43 -53.79
CA TYR A 295 -1.88 -37.09 -53.26
C TYR A 295 -2.61 -37.81 -54.38
N PHE A 296 -2.87 -37.09 -55.47
CA PHE A 296 -3.60 -37.68 -56.58
C PHE A 296 -2.85 -38.83 -57.23
N THR A 297 -1.53 -38.86 -57.12
CA THR A 297 -0.71 -39.96 -57.67
C THR A 297 -0.63 -41.14 -56.72
N THR A 298 -0.81 -40.90 -55.43
CA THR A 298 -0.54 -41.96 -54.46
C THR A 298 -1.75 -42.66 -53.88
N LEU A 299 -2.90 -41.99 -53.87
CA LEU A 299 -4.01 -42.61 -53.18
C LEU A 299 -5.18 -43.08 -54.04
N PRO A 300 -5.80 -42.19 -54.82
CA PRO A 300 -7.01 -42.65 -55.52
C PRO A 300 -6.71 -43.70 -56.61
N PHE A 301 -7.67 -44.56 -56.92
CA PHE A 301 -7.44 -45.54 -57.98
C PHE A 301 -7.64 -44.94 -59.36
N ARG A 302 -8.41 -43.87 -59.45
CA ARG A 302 -8.72 -43.19 -60.70
C ARG A 302 -7.72 -42.09 -60.95
N HIS A 303 -7.07 -42.02 -62.12
CA HIS A 303 -6.09 -40.95 -62.30
C HIS A 303 -6.78 -39.60 -62.55
N SER A 304 -6.68 -38.67 -61.61
CA SER A 304 -7.01 -37.26 -61.83
C SER A 304 -5.86 -36.48 -62.51
N THR A 305 -6.15 -35.84 -63.62
CA THR A 305 -5.20 -34.98 -64.32
C THR A 305 -5.54 -33.50 -64.24
N ILE A 306 -4.56 -32.68 -63.91
CA ILE A 306 -4.72 -31.24 -64.00
C ILE A 306 -4.13 -30.80 -65.35
N HIS A 307 -5.01 -30.51 -66.29
CA HIS A 307 -4.61 -30.10 -67.62
C HIS A 307 -4.18 -28.64 -67.63
N ARG A 308 -3.31 -28.25 -68.57
CA ARG A 308 -2.95 -26.83 -68.66
C ARG A 308 -4.14 -26.05 -69.18
N TRP A 309 -4.12 -24.74 -68.99
CA TRP A 309 -5.14 -23.85 -69.55
C TRP A 309 -5.25 -24.05 -71.07
N ALA A 310 -4.08 -24.06 -71.72
CA ALA A 310 -3.97 -24.20 -73.16
C ALA A 310 -4.57 -25.52 -73.68
N ASP A 311 -4.34 -26.62 -72.97
CA ASP A 311 -4.96 -27.89 -73.30
C ASP A 311 -6.45 -27.78 -73.40
N CYS A 312 -7.03 -27.14 -72.40
CA CYS A 312 -8.47 -27.03 -72.30
C CYS A 312 -9.00 -26.09 -73.35
N GLU A 313 -8.28 -24.99 -73.55
CA GLU A 313 -8.67 -24.04 -74.56
C GLU A 313 -8.72 -24.73 -75.92
N SER A 314 -7.74 -25.60 -76.18
CA SER A 314 -7.70 -26.35 -77.41
C SER A 314 -8.95 -27.22 -77.60
N TRP A 315 -9.33 -27.97 -76.57
CA TRP A 315 -10.52 -28.80 -76.68
C TRP A 315 -11.78 -28.02 -77.04
N LEU A 316 -11.94 -26.83 -76.47
CA LEU A 316 -13.13 -26.03 -76.72
C LEU A 316 -13.15 -25.68 -78.21
N ARG A 317 -11.98 -25.34 -78.75
CA ARG A 317 -11.89 -25.06 -80.18
C ARG A 317 -12.17 -26.27 -81.06
N GLU A 318 -11.70 -27.44 -80.66
CA GLU A 318 -11.95 -28.69 -81.39
C GLU A 318 -13.44 -29.04 -81.37
N ALA A 319 -14.15 -28.55 -80.37
CA ALA A 319 -15.56 -28.88 -80.23
C ALA A 319 -16.40 -27.83 -80.93
N GLY A 320 -15.73 -26.81 -81.44
CA GLY A 320 -16.42 -25.83 -82.25
C GLY A 320 -16.74 -24.51 -81.57
N PHE A 321 -16.23 -24.33 -80.36
CA PHE A 321 -16.51 -23.09 -79.62
C PHE A 321 -15.60 -21.96 -80.14
N THR A 322 -16.11 -20.74 -80.06
CA THR A 322 -15.36 -19.54 -80.46
C THR A 322 -15.29 -18.62 -79.27
N ASP A 323 -14.53 -17.54 -79.40
CA ASP A 323 -14.26 -16.62 -78.30
C ASP A 323 -13.73 -17.42 -77.11
N VAL A 324 -12.81 -18.33 -77.39
CA VAL A 324 -12.23 -19.19 -76.36
C VAL A 324 -11.07 -18.45 -75.68
N GLY A 325 -11.11 -18.42 -74.35
CA GLY A 325 -10.07 -17.77 -73.56
C GLY A 325 -10.14 -18.27 -72.13
N ARG A 326 -9.39 -17.61 -71.25
CA ARG A 326 -9.30 -18.04 -69.86
C ARG A 326 -9.54 -16.88 -68.91
N THR A 327 -10.05 -17.21 -67.72
CA THR A 327 -10.20 -16.28 -66.62
C THR A 327 -9.32 -16.76 -65.44
N ALA A 328 -8.11 -16.22 -65.29
CA ALA A 328 -7.19 -16.60 -64.19
C ALA A 328 -7.13 -15.63 -63.04
N PRO A 329 -8.21 -15.54 -62.24
CA PRO A 329 -8.22 -14.56 -61.16
C PRO A 329 -7.42 -15.02 -59.96
N PRO A 330 -6.85 -14.06 -59.22
CA PRO A 330 -6.20 -14.33 -57.93
C PRO A 330 -7.25 -14.94 -56.99
N GLY A 331 -6.82 -15.71 -55.99
CA GLY A 331 -5.44 -15.73 -55.58
C GLY A 331 -4.75 -17.07 -55.43
N TRP A 332 -4.66 -17.58 -54.20
CA TRP A 332 -3.65 -18.60 -53.93
C TRP A 332 -3.90 -20.00 -54.50
N THR A 333 -5.16 -20.32 -54.78
CA THR A 333 -5.46 -21.63 -55.36
C THR A 333 -5.35 -21.57 -56.88
N PRO A 334 -5.08 -22.71 -57.51
CA PRO A 334 -4.84 -22.75 -58.95
C PRO A 334 -6.15 -22.89 -59.73
N HIS A 335 -7.28 -22.62 -59.07
CA HIS A 335 -8.56 -22.78 -59.75
C HIS A 335 -8.86 -21.60 -60.64
N GLY A 336 -9.53 -21.88 -61.76
CA GLY A 336 -9.90 -20.86 -62.73
C GLY A 336 -10.99 -21.37 -63.67
N VAL A 337 -11.27 -20.61 -64.72
CA VAL A 337 -12.28 -20.97 -65.71
C VAL A 337 -11.79 -20.83 -67.14
N VAL A 338 -12.00 -21.86 -67.94
CA VAL A 338 -11.78 -21.76 -69.35
C VAL A 338 -13.16 -21.71 -69.98
N SER A 339 -13.34 -20.80 -70.96
CA SER A 339 -14.69 -20.53 -71.47
C SER A 339 -14.76 -20.39 -72.98
N GLY A 340 -15.95 -20.59 -73.52
CA GLY A 340 -16.19 -20.36 -74.92
C GLY A 340 -17.66 -20.18 -75.23
N SER A 341 -17.95 -19.78 -76.47
CA SER A 341 -19.34 -19.56 -76.93
C SER A 341 -19.64 -20.41 -78.14
N ARG A 342 -20.89 -20.85 -78.26
CA ARG A 342 -21.38 -21.39 -79.53
C ARG A 342 -21.90 -20.24 -80.37
N PRO A 343 -21.59 -20.24 -81.68
CA PRO A 343 -22.02 -19.08 -82.46
C PRO A 343 -23.47 -19.18 -82.92
N ARG A 344 -24.00 -18.07 -83.44
CA ARG A 344 -25.42 -17.92 -83.73
C ARG A 344 -25.77 -18.27 -85.18
N GLU B 4 -2.75 -7.71 10.24
CA GLU B 4 -2.28 -8.53 9.10
C GLU B 4 -0.76 -8.63 9.07
N LEU B 5 -0.27 -9.86 9.14
CA LEU B 5 1.17 -10.08 9.13
C LEU B 5 1.82 -9.87 7.77
N SER B 6 1.00 -9.77 6.73
CA SER B 6 1.54 -9.59 5.39
C SER B 6 2.30 -8.27 5.31
N ALA B 7 1.92 -7.32 6.18
CA ALA B 7 2.51 -5.99 6.17
C ALA B 7 3.95 -5.97 6.60
N LEU B 8 4.40 -7.07 7.23
CA LEU B 8 5.77 -7.24 7.68
C LEU B 8 6.75 -7.43 6.55
N VAL B 9 6.26 -7.93 5.42
CA VAL B 9 7.14 -8.39 4.34
C VAL B 9 8.13 -7.34 3.84
N PRO B 10 7.65 -6.13 3.47
CA PRO B 10 8.62 -5.13 2.99
C PRO B 10 9.55 -4.61 4.06
N VAL B 11 9.27 -4.91 5.33
CA VAL B 11 10.14 -4.45 6.42
C VAL B 11 11.13 -5.56 6.81
N LEU B 12 10.60 -6.76 7.01
CA LEU B 12 11.41 -7.92 7.35
C LEU B 12 12.48 -8.20 6.29
N PHE B 13 12.14 -7.93 5.03
CA PHE B 13 13.08 -8.04 3.92
C PHE B 13 13.40 -6.69 3.30
N GLY B 14 13.31 -5.63 4.10
CA GLY B 14 13.48 -4.29 3.60
C GLY B 14 14.84 -4.09 2.98
N HIS B 15 15.86 -4.75 3.54
CA HIS B 15 17.20 -4.56 3.04
C HIS B 15 17.32 -5.20 1.67
N ALA B 16 16.58 -6.29 1.48
CA ALA B 16 16.55 -6.96 0.21
C ALA B 16 15.82 -6.09 -0.79
N ALA B 17 14.70 -5.51 -0.38
CA ALA B 17 13.95 -4.62 -1.24
C ALA B 17 14.87 -3.53 -1.75
N PHE B 18 15.77 -3.03 -0.90
CA PHE B 18 16.72 -2.04 -1.40
C PHE B 18 17.64 -2.63 -2.47
N GLN B 19 18.12 -3.85 -2.24
CA GLN B 19 19.07 -4.44 -3.18
C GLN B 19 18.46 -4.64 -4.60
N GLN B 20 17.15 -4.82 -4.68
CA GLN B 20 16.53 -4.92 -5.99
C GLN B 20 16.66 -3.61 -6.73
N LEU B 21 16.30 -2.50 -6.08
CA LEU B 21 16.50 -1.17 -6.64
C LEU B 21 17.98 -0.87 -6.90
N ASN B 22 18.83 -1.32 -5.99
CA ASN B 22 20.26 -1.14 -6.14
C ASN B 22 20.73 -1.76 -7.44
N ALA B 23 20.42 -3.05 -7.61
CA ALA B 23 20.83 -3.86 -8.77
C ALA B 23 20.32 -3.33 -10.11
N GLY B 24 19.03 -3.06 -10.20
CA GLY B 24 18.45 -2.42 -11.36
C GLY B 24 19.15 -1.14 -11.73
N CYS B 25 19.81 -0.51 -10.75
CA CYS B 25 20.53 0.72 -11.02
C CYS B 25 21.94 0.43 -11.47
N GLN B 26 22.64 -0.42 -10.74
CA GLN B 26 24.00 -0.72 -11.10
C GLN B 26 24.14 -1.46 -12.46
N LEU B 27 23.14 -2.28 -12.80
CA LEU B 27 23.16 -3.15 -14.01
C LEU B 27 22.45 -2.54 -15.26
N GLY B 28 21.98 -1.31 -15.15
CA GLY B 28 21.39 -0.61 -16.28
C GLY B 28 20.06 -1.17 -16.73
N LEU B 29 19.44 -1.96 -15.86
CA LEU B 29 18.14 -2.55 -16.10
C LEU B 29 17.07 -1.47 -16.33
N PHE B 30 17.09 -0.42 -15.51
CA PHE B 30 16.08 0.63 -15.63
C PHE B 30 16.29 1.54 -16.84
N GLU B 31 17.57 1.81 -17.14
CA GLU B 31 17.98 2.57 -18.31
C GLU B 31 17.61 1.83 -19.59
N LEU B 32 17.89 0.52 -19.58
CA LEU B 32 17.52 -0.36 -20.68
C LEU B 32 16.03 -0.28 -20.92
N LEU B 33 15.22 -0.65 -19.93
CA LEU B 33 13.75 -0.66 -20.10
C LEU B 33 13.17 0.69 -20.48
N HIS B 34 13.92 1.73 -20.21
CA HIS B 34 13.53 3.08 -20.59
C HIS B 34 13.82 3.35 -22.07
N GLU B 35 15.02 2.98 -22.52
CA GLU B 35 15.41 3.26 -23.90
C GLU B 35 14.76 2.27 -24.87
N ARG B 36 14.90 0.98 -24.59
CA ARG B 36 14.46 -0.07 -25.50
C ARG B 36 13.10 -0.67 -25.11
N GLY B 37 12.15 0.21 -24.83
CA GLY B 37 10.72 -0.11 -24.79
C GLY B 37 10.44 -1.34 -23.98
N PRO B 38 9.37 -2.07 -24.31
CA PRO B 38 9.15 -3.37 -23.67
C PRO B 38 10.19 -4.39 -24.15
N LEU B 39 10.82 -5.13 -23.24
CA LEU B 39 11.72 -6.26 -23.56
C LEU B 39 11.33 -7.51 -22.76
N SER B 40 11.63 -8.68 -23.32
CA SER B 40 11.39 -9.98 -22.69
C SER B 40 12.49 -10.28 -21.69
N ALA B 41 12.27 -11.25 -20.80
CA ALA B 41 13.31 -11.67 -19.83
C ALA B 41 14.60 -12.00 -20.54
N GLU B 42 14.45 -12.76 -21.62
CA GLU B 42 15.59 -13.20 -22.41
C GLU B 42 16.36 -12.07 -23.06
N GLU B 43 15.62 -11.12 -23.64
CA GLU B 43 16.22 -9.95 -24.23
C GLU B 43 16.99 -9.14 -23.19
N VAL B 44 16.46 -9.05 -21.97
CA VAL B 44 17.14 -8.32 -20.87
C VAL B 44 18.43 -9.02 -20.49
N ALA B 45 18.35 -10.31 -20.22
CA ALA B 45 19.52 -11.10 -19.88
C ALA B 45 20.64 -10.95 -20.92
N ASP B 46 20.25 -10.89 -22.18
CA ASP B 46 21.17 -10.76 -23.31
C ASP B 46 21.87 -9.40 -23.27
N ALA B 47 21.04 -8.36 -23.13
CA ALA B 47 21.48 -6.97 -23.18
C ALA B 47 22.39 -6.61 -22.04
N LEU B 48 22.14 -7.19 -20.86
CA LEU B 48 22.91 -6.83 -19.69
C LEU B 48 24.07 -7.79 -19.44
N ARG B 49 24.18 -8.82 -20.26
CA ARG B 49 25.21 -9.85 -20.09
C ARG B 49 25.17 -10.51 -18.70
N LEU B 50 23.97 -10.92 -18.32
CA LEU B 50 23.70 -11.61 -17.06
C LEU B 50 23.32 -13.04 -17.36
N PRO B 51 23.70 -13.98 -16.50
CA PRO B 51 23.16 -15.33 -16.58
C PRO B 51 21.65 -15.23 -16.62
N ARG B 52 21.00 -16.07 -17.41
CA ARG B 52 19.55 -15.94 -17.54
C ARG B 52 18.85 -16.12 -16.17
N ARG B 53 19.36 -17.04 -15.34
CA ARG B 53 18.77 -17.24 -14.02
C ARG B 53 18.90 -15.95 -13.18
N SER B 54 20.04 -15.26 -13.28
CA SER B 54 20.20 -13.99 -12.60
C SER B 54 19.13 -12.96 -12.99
N ALA B 55 18.89 -12.81 -14.29
CA ALA B 55 17.94 -11.83 -14.77
C ALA B 55 16.52 -12.16 -14.31
N ASP B 56 16.22 -13.44 -14.23
CA ASP B 56 14.89 -13.84 -13.81
C ASP B 56 14.69 -13.45 -12.38
N ILE B 57 15.72 -13.69 -11.59
CA ILE B 57 15.73 -13.33 -10.17
C ILE B 57 15.58 -11.81 -10.00
N LEU B 58 16.44 -11.04 -10.68
CA LEU B 58 16.37 -9.59 -10.61
C LEU B 58 15.01 -9.01 -10.99
N LEU B 59 14.42 -9.55 -12.06
CA LEU B 59 13.17 -9.04 -12.63
C LEU B 59 11.97 -9.39 -11.77
N LEU B 60 12.03 -10.52 -11.05
CA LEU B 60 10.92 -10.88 -10.17
C LEU B 60 10.95 -9.89 -9.02
N GLY B 61 12.17 -9.57 -8.58
CA GLY B 61 12.36 -8.59 -7.54
C GLY B 61 11.76 -7.25 -7.90
N THR B 62 12.27 -6.66 -8.97
CA THR B 62 11.85 -5.32 -9.34
C THR B 62 10.36 -5.28 -9.69
N THR B 63 9.80 -6.42 -10.07
CA THR B 63 8.43 -6.40 -10.53
C THR B 63 7.47 -6.58 -9.37
N ALA B 64 7.85 -7.45 -8.42
CA ALA B 64 7.08 -7.63 -7.20
C ALA B 64 6.99 -6.31 -6.45
N LEU B 65 8.06 -5.51 -6.55
CA LEU B 65 8.16 -4.20 -5.91
C LEU B 65 7.42 -3.07 -6.67
N GLY B 66 6.98 -3.35 -7.89
CA GLY B 66 6.33 -2.32 -8.68
C GLY B 66 7.34 -1.40 -9.35
N LEU B 67 8.62 -1.76 -9.26
CA LEU B 67 9.67 -1.01 -9.96
C LEU B 67 9.67 -1.29 -11.47
N SER B 68 9.16 -2.46 -11.83
CA SER B 68 8.97 -2.85 -13.22
C SER B 68 7.65 -3.62 -13.31
N THR B 69 7.00 -3.59 -14.48
CA THR B 69 5.79 -4.39 -14.69
C THR B 69 6.05 -5.37 -15.81
N VAL B 70 5.25 -6.44 -15.85
CA VAL B 70 5.34 -7.39 -16.95
C VAL B 70 4.01 -7.57 -17.68
N THR B 71 4.00 -7.31 -18.99
CA THR B 71 2.79 -7.53 -19.77
C THR B 71 3.12 -8.38 -20.98
N ASP B 72 2.40 -9.49 -21.13
CA ASP B 72 2.57 -10.37 -22.29
C ASP B 72 4.03 -10.69 -22.56
N GLY B 73 4.75 -11.06 -21.50
CA GLY B 73 6.15 -11.43 -21.65
C GLY B 73 7.11 -10.26 -21.69
N GLY B 74 6.57 -9.04 -21.71
CA GLY B 74 7.42 -7.86 -21.84
C GLY B 74 7.50 -6.97 -20.60
N TYR B 75 8.72 -6.56 -20.27
CA TYR B 75 8.95 -5.79 -19.05
C TYR B 75 9.18 -4.33 -19.35
N ARG B 76 8.43 -3.49 -18.64
CA ARG B 76 8.59 -2.05 -18.71
C ARG B 76 9.03 -1.54 -17.34
N ASN B 77 9.49 -0.30 -17.28
CA ASN B 77 9.67 0.39 -16.02
C ASN B 77 8.30 0.65 -15.40
N GLY B 78 8.21 0.52 -14.06
CA GLY B 78 6.97 0.80 -13.34
C GLY B 78 6.66 2.27 -13.13
N ALA B 79 5.46 2.56 -12.64
CA ALA B 79 5.04 3.96 -12.41
C ALA B 79 6.07 4.83 -11.67
N PRO B 80 6.61 4.39 -10.52
CA PRO B 80 7.58 5.30 -9.89
C PRO B 80 8.84 5.59 -10.74
N ILE B 81 9.53 4.54 -11.19
CA ILE B 81 10.74 4.66 -12.00
C ILE B 81 10.42 5.38 -13.31
N GLY B 82 9.24 5.06 -13.86
CA GLY B 82 8.75 5.71 -15.06
C GLY B 82 8.66 7.21 -14.87
N ALA B 83 7.99 7.61 -13.80
CA ALA B 83 7.84 9.02 -13.44
C ALA B 83 9.22 9.68 -13.23
N ALA B 84 10.13 8.96 -12.60
CA ALA B 84 11.46 9.46 -12.35
C ALA B 84 12.18 9.83 -13.64
N PHE B 85 11.96 9.07 -14.71
CA PHE B 85 12.59 9.36 -16.00
C PHE B 85 11.98 10.57 -16.70
N ARG B 86 10.65 10.61 -16.75
CA ARG B 86 9.94 11.69 -17.43
C ARG B 86 10.29 13.07 -16.84
N ASP B 87 10.54 13.10 -15.54
CA ASP B 87 10.80 14.34 -14.82
C ASP B 87 12.29 14.72 -14.77
N GLY B 88 13.13 14.03 -15.56
CA GLY B 88 14.54 14.36 -15.67
C GLY B 88 15.30 14.07 -14.40
N LEU B 89 14.67 13.25 -13.55
CA LEU B 89 15.19 12.95 -12.22
C LEU B 89 16.11 11.72 -12.17
N TRP B 90 16.23 10.99 -13.29
CA TRP B 90 17.00 9.73 -13.25
C TRP B 90 18.44 9.86 -12.77
N PRO B 91 19.20 10.82 -13.30
CA PRO B 91 20.59 10.85 -12.84
C PRO B 91 20.63 11.16 -11.33
N VAL B 92 19.66 11.93 -10.85
CA VAL B 92 19.56 12.24 -9.41
C VAL B 92 19.30 10.98 -8.58
N LEU B 93 18.26 10.24 -8.95
CA LEU B 93 17.92 8.98 -8.29
C LEU B 93 19.06 7.99 -8.36
N ARG B 94 19.72 7.89 -9.50
CA ARG B 94 20.85 6.99 -9.61
C ARG B 94 21.95 7.29 -8.62
N ASP B 95 22.25 8.57 -8.45
CA ASP B 95 23.35 9.00 -7.58
C ASP B 95 23.11 8.70 -6.08
N ILE B 96 21.88 8.96 -5.61
CA ILE B 96 21.50 8.67 -4.23
C ILE B 96 21.42 7.15 -3.98
N VAL B 97 20.94 6.37 -4.96
CA VAL B 97 20.91 4.91 -4.78
C VAL B 97 22.33 4.39 -4.64
N GLN B 98 23.28 5.03 -5.32
CA GLN B 98 24.66 4.65 -5.14
C GLN B 98 25.16 5.16 -3.79
N TYR B 99 24.57 6.27 -3.33
CA TYR B 99 24.89 6.83 -2.01
C TYR B 99 24.53 5.84 -0.91
N GLN B 100 23.29 5.36 -0.90
CA GLN B 100 22.88 4.36 0.05
C GLN B 100 23.76 3.11 -0.08
N ASP B 101 24.17 2.74 -1.30
CA ASP B 101 24.98 1.54 -1.46
C ASP B 101 26.33 1.69 -0.78
N LYS B 102 26.97 2.81 -1.08
CA LYS B 102 28.37 3.03 -0.76
C LYS B 102 28.61 3.67 0.62
N ILE B 103 27.63 4.45 1.08
CA ILE B 103 27.74 5.17 2.35
C ILE B 103 26.88 4.58 3.47
N ALA B 104 25.56 4.54 3.24
CA ALA B 104 24.57 4.24 4.28
C ALA B 104 24.32 2.77 4.61
N TYR B 105 24.27 1.88 3.61
CA TYR B 105 23.81 0.50 3.83
C TYR B 105 24.57 -0.28 4.94
N GLN B 106 25.89 -0.26 4.90
CA GLN B 106 26.67 -1.11 5.80
C GLN B 106 26.73 -0.57 7.24
N PRO B 107 26.94 0.76 7.43
CA PRO B 107 26.91 1.33 8.78
C PRO B 107 25.55 1.24 9.45
N ALA B 108 24.49 1.27 8.64
CA ALA B 108 23.12 1.21 9.17
C ALA B 108 22.90 -0.04 10.01
N ALA B 109 23.80 -1.01 9.92
CA ALA B 109 23.70 -2.22 10.71
C ALA B 109 24.06 -1.93 12.16
N ASP B 110 24.54 -0.71 12.41
CA ASP B 110 24.94 -0.29 13.74
C ASP B 110 23.97 0.70 14.35
N TYR B 111 22.79 0.76 13.76
CA TYR B 111 21.70 1.56 14.25
C TYR B 111 21.40 1.25 15.73
N VAL B 112 21.36 -0.04 16.05
CA VAL B 112 21.05 -0.46 17.41
C VAL B 112 22.08 0.03 18.41
N GLU B 113 23.36 -0.17 18.15
CA GLU B 113 24.36 0.28 19.11
C GLU B 113 24.41 1.79 19.14
N SER B 114 24.04 2.40 18.03
CA SER B 114 24.05 3.84 17.95
C SER B 114 22.97 4.38 18.85
N LEU B 115 21.87 3.66 18.95
CA LEU B 115 20.77 4.08 19.79
C LEU B 115 21.11 3.89 21.27
N ARG B 116 21.71 2.74 21.61
CA ARG B 116 22.12 2.48 23.00
C ARG B 116 23.08 3.54 23.51
N THR B 117 24.15 3.80 22.77
CA THR B 117 25.22 4.66 23.24
C THR B 117 24.98 6.13 22.90
N GLY B 118 24.07 6.40 21.98
CA GLY B 118 23.83 7.77 21.56
C GLY B 118 24.98 8.34 20.76
N GLN B 119 25.89 7.45 20.35
CA GLN B 119 26.98 7.85 19.48
C GLN B 119 26.71 7.38 18.04
N ASN B 120 27.59 7.78 17.13
CA ASN B 120 27.48 7.33 15.75
C ASN B 120 28.34 6.07 15.61
N ALA B 121 27.79 4.94 16.05
CA ALA B 121 28.57 3.70 16.13
C ALA B 121 29.01 3.19 14.76
N GLY B 122 28.29 3.59 13.73
CA GLY B 122 28.50 3.11 12.37
C GLY B 122 29.80 3.55 11.73
N ILE B 123 30.44 4.54 12.33
CA ILE B 123 31.69 5.08 11.81
C ILE B 123 32.84 4.11 12.02
N ARG B 124 32.58 2.98 12.65
CA ARG B 124 33.63 1.98 12.86
C ARG B 124 34.18 1.45 11.54
N HIS B 125 33.36 1.54 10.48
CA HIS B 125 33.72 1.08 9.14
C HIS B 125 34.61 2.06 8.38
N PHE B 126 34.95 3.18 8.99
CA PHE B 126 35.81 4.18 8.37
C PHE B 126 36.85 4.65 9.37
N PRO B 127 37.85 3.80 9.62
CA PRO B 127 38.82 4.03 10.72
C PRO B 127 39.45 5.42 10.63
N GLY B 128 39.54 6.09 11.77
CA GLY B 128 40.08 7.45 11.79
C GLY B 128 40.58 7.98 13.12
N THR B 129 41.41 9.01 13.03
CA THR B 129 41.90 9.76 14.18
C THR B 129 41.02 11.00 14.40
N THR B 130 40.26 11.35 13.37
CA THR B 130 39.52 12.60 13.38
C THR B 130 38.09 12.39 13.87
N ARG B 131 37.37 13.49 14.12
CA ARG B 131 36.08 13.47 14.79
C ARG B 131 35.08 14.18 13.90
N ASP B 132 35.06 13.78 12.62
CA ASP B 132 34.06 14.25 11.65
C ASP B 132 33.99 13.26 10.47
N LEU B 133 32.84 13.26 9.77
CA LEU B 133 32.58 12.25 8.75
C LEU B 133 33.47 12.36 7.50
N TYR B 134 33.74 13.58 7.05
CA TYR B 134 34.46 13.77 5.79
C TYR B 134 35.90 13.24 5.83
N SER B 135 36.60 13.41 6.95
CA SER B 135 37.97 12.92 7.05
C SER B 135 38.01 11.40 7.05
N ARG B 136 36.99 10.80 7.66
CA ARG B 136 36.91 9.35 7.76
C ARG B 136 36.76 8.74 6.37
N LEU B 137 35.95 9.38 5.54
CA LEU B 137 35.73 8.91 4.18
C LEU B 137 36.96 9.14 3.28
N ALA B 138 37.67 10.24 3.51
CA ALA B 138 38.84 10.56 2.69
C ALA B 138 39.89 9.46 2.77
N ALA B 139 39.83 8.67 3.83
CA ALA B 139 40.74 7.55 4.03
C ALA B 139 40.42 6.41 3.07
N VAL B 140 39.25 6.48 2.42
CA VAL B 140 38.84 5.49 1.42
C VAL B 140 38.90 6.05 -0.01
N PRO B 141 39.73 5.42 -0.86
CA PRO B 141 39.93 5.82 -2.25
C PRO B 141 38.66 5.73 -3.10
N GLY B 142 37.68 6.59 -2.89
CA GLY B 142 36.54 6.62 -3.79
C GLY B 142 35.32 7.35 -3.27
N LEU B 143 35.13 7.28 -1.95
CA LEU B 143 33.89 7.69 -1.29
C LEU B 143 33.67 9.19 -1.21
N GLU B 144 34.75 9.90 -0.90
CA GLU B 144 34.78 11.35 -1.00
C GLU B 144 33.94 11.96 -2.12
N GLU B 145 34.30 11.66 -3.36
CA GLU B 145 33.59 12.22 -4.49
C GLU B 145 32.16 11.71 -4.53
N LEU B 146 31.99 10.45 -4.13
CA LEU B 146 30.66 9.85 -4.14
C LEU B 146 29.74 10.56 -3.18
N PHE B 147 30.28 10.89 -2.00
CA PHE B 147 29.56 11.61 -0.96
C PHE B 147 29.08 12.97 -1.44
N TYR B 148 29.96 13.72 -2.09
CA TYR B 148 29.60 15.06 -2.57
C TYR B 148 28.61 14.98 -3.74
N ARG B 149 28.81 13.99 -4.61
CA ARG B 149 27.90 13.78 -5.74
C ARG B 149 26.54 13.42 -5.16
N GLY B 150 26.59 12.61 -4.10
CA GLY B 150 25.39 12.20 -3.38
C GLY B 150 24.61 13.33 -2.72
N MET B 151 25.30 14.16 -1.92
CA MET B 151 24.64 15.28 -1.26
C MET B 151 24.02 16.22 -2.30
N HIS B 152 24.75 16.48 -3.38
CA HIS B 152 24.26 17.36 -4.45
C HIS B 152 22.99 16.77 -5.04
N ALA B 153 22.95 15.44 -5.13
CA ALA B 153 21.78 14.77 -5.66
C ALA B 153 20.62 14.94 -4.69
N TRP B 154 20.92 14.66 -3.42
CA TRP B 154 19.94 14.78 -2.34
C TRP B 154 19.39 16.21 -2.28
N SER B 155 20.27 17.19 -2.38
CA SER B 155 19.88 18.59 -2.35
C SER B 155 18.92 18.94 -3.48
N GLN B 156 19.26 18.45 -4.67
CA GLN B 156 18.53 18.77 -5.90
C GLN B 156 17.15 18.13 -5.94
N LEU B 157 16.93 17.14 -5.08
CA LEU B 157 15.64 16.45 -4.95
C LEU B 157 14.63 17.27 -4.14
N SER B 158 15.15 18.00 -3.15
CA SER B 158 14.36 18.77 -2.20
C SER B 158 14.16 20.25 -2.60
N ASN B 159 15.21 20.94 -3.06
CA ASN B 159 15.08 22.40 -3.29
C ASN B 159 14.06 22.92 -4.33
N PRO B 160 13.47 22.05 -5.17
CA PRO B 160 12.30 22.61 -5.87
C PRO B 160 11.25 23.18 -4.90
N VAL B 161 11.06 22.53 -3.75
CA VAL B 161 10.03 22.97 -2.79
C VAL B 161 10.41 24.32 -2.15
N LEU B 162 11.72 24.57 -2.03
CA LEU B 162 12.25 25.85 -1.57
C LEU B 162 11.94 26.99 -2.53
N LEU B 163 12.27 26.81 -3.81
CA LEU B 163 12.13 27.83 -4.84
C LEU B 163 10.67 28.15 -5.14
N ALA B 164 9.81 27.16 -4.98
CA ALA B 164 8.39 27.30 -5.28
C ALA B 164 7.64 28.16 -4.25
N GLN B 165 8.29 28.40 -3.11
CA GLN B 165 7.76 29.18 -2.00
C GLN B 165 7.40 30.58 -2.47
N PRO B 166 6.11 30.93 -2.39
CA PRO B 166 5.53 32.17 -2.91
C PRO B 166 6.24 33.44 -2.43
N ASP B 167 6.90 33.38 -1.27
CA ASP B 167 7.54 34.56 -0.67
C ASP B 167 8.66 35.18 -1.54
N PHE B 168 9.29 34.37 -2.41
CA PHE B 168 10.40 34.85 -3.23
C PHE B 168 9.95 35.67 -4.48
N THR B 169 8.64 35.75 -4.72
CA THR B 169 8.11 36.60 -5.79
C THR B 169 7.69 37.95 -5.20
N ARG B 170 7.94 38.13 -3.91
CA ARG B 170 7.54 39.33 -3.17
C ARG B 170 8.67 39.94 -2.34
N VAL B 171 9.71 39.16 -2.04
CA VAL B 171 10.85 39.70 -1.28
C VAL B 171 11.90 40.24 -2.24
N HIS B 172 12.85 41.00 -1.72
CA HIS B 172 13.87 41.61 -2.57
C HIS B 172 15.27 41.17 -2.22
N ARG B 173 15.67 41.29 -0.96
CA ARG B 173 17.03 40.91 -0.58
C ARG B 173 16.97 39.85 0.50
N VAL B 174 17.52 38.67 0.23
CA VAL B 174 17.44 37.54 1.14
C VAL B 174 18.77 37.35 1.84
N LEU B 175 18.71 37.18 3.16
CA LEU B 175 19.90 36.82 3.94
C LEU B 175 19.87 35.33 4.25
N ASP B 176 20.72 34.58 3.57
CA ASP B 176 20.81 33.13 3.74
C ASP B 176 21.82 32.79 4.85
N VAL B 177 21.29 32.53 6.04
CA VAL B 177 22.13 32.27 7.19
C VAL B 177 22.69 30.84 7.19
N GLY B 178 24.00 30.72 7.29
CA GLY B 178 24.70 29.44 7.21
C GLY B 178 24.57 28.82 5.83
N GLY B 179 24.61 29.67 4.80
CA GLY B 179 24.36 29.29 3.42
C GLY B 179 25.45 28.43 2.79
N GLY B 180 26.60 28.33 3.47
CA GLY B 180 27.66 27.41 3.11
C GLY B 180 28.26 27.61 1.73
N ASP B 181 28.02 26.65 0.83
CA ASP B 181 28.61 26.66 -0.51
C ASP B 181 27.71 27.36 -1.55
N ALA B 182 26.75 28.14 -1.06
CA ALA B 182 25.90 28.98 -1.87
C ALA B 182 25.02 28.32 -2.93
N VAL B 183 25.01 26.99 -3.04
CA VAL B 183 24.19 26.36 -4.10
C VAL B 183 22.70 26.69 -3.95
N ASN B 184 22.18 26.70 -2.72
CA ASN B 184 20.80 27.11 -2.51
C ASN B 184 20.61 28.57 -2.89
N ALA B 185 21.59 29.40 -2.56
CA ALA B 185 21.56 30.82 -2.94
C ALA B 185 21.56 30.95 -4.47
N VAL B 186 22.47 30.22 -5.09
CA VAL B 186 22.60 30.19 -6.55
C VAL B 186 21.30 29.66 -7.19
N ALA B 187 20.82 28.50 -6.73
CA ALA B 187 19.56 27.92 -7.21
C ALA B 187 18.40 28.92 -7.10
N LEU B 188 18.29 29.55 -5.94
CA LEU B 188 17.28 30.58 -5.64
C LEU B 188 17.38 31.81 -6.55
N ALA B 189 18.61 32.29 -6.74
CA ALA B 189 18.90 33.46 -7.58
C ALA B 189 18.58 33.20 -9.06
N ARG B 190 18.90 31.99 -9.51
CA ARG B 190 18.60 31.57 -10.88
C ARG B 190 17.11 31.49 -11.10
N ALA B 191 16.40 30.89 -10.15
CA ALA B 191 14.96 30.68 -10.31
C ALA B 191 14.21 32.01 -10.22
N HIS B 192 14.85 32.99 -9.59
CA HIS B 192 14.24 34.30 -9.37
C HIS B 192 15.23 35.40 -9.79
N PRO B 193 15.15 35.82 -11.07
CA PRO B 193 16.12 36.68 -11.74
C PRO B 193 16.26 38.06 -11.09
N SER B 194 15.17 38.57 -10.54
CA SER B 194 15.16 39.91 -9.97
C SER B 194 15.65 39.91 -8.52
N LEU B 195 15.56 38.76 -7.88
CA LEU B 195 15.94 38.58 -6.48
C LEU B 195 17.43 38.81 -6.22
N ARG B 196 17.77 39.33 -5.05
CA ARG B 196 19.17 39.45 -4.62
C ARG B 196 19.34 38.70 -3.31
N VAL B 197 20.49 38.05 -3.15
CA VAL B 197 20.74 37.14 -2.03
C VAL B 197 22.11 37.39 -1.42
N THR B 198 22.16 37.43 -0.08
CA THR B 198 23.43 37.54 0.65
C THR B 198 23.67 36.24 1.43
N VAL B 199 24.81 35.62 1.19
CA VAL B 199 25.17 34.37 1.86
C VAL B 199 25.95 34.67 3.13
N LEU B 200 25.32 34.42 4.27
CA LEU B 200 25.94 34.66 5.57
C LEU B 200 26.46 33.35 6.16
N ASP B 201 27.77 33.26 6.31
CA ASP B 201 28.38 32.09 6.92
C ASP B 201 29.79 32.47 7.37
N ARG B 202 30.51 31.53 7.96
CA ARG B 202 31.84 31.80 8.47
C ARG B 202 32.84 32.01 7.32
N PRO B 203 33.86 32.87 7.53
CA PRO B 203 34.87 33.21 6.52
C PRO B 203 35.45 31.99 5.79
N GLY B 204 35.57 30.86 6.50
CA GLY B 204 36.10 29.64 5.93
C GLY B 204 35.26 28.99 4.86
N ALA B 205 33.95 28.90 5.10
CA ALA B 205 33.01 28.25 4.18
C ALA B 205 32.76 29.12 2.94
N LEU B 206 33.02 30.42 3.07
CA LEU B 206 32.72 31.40 2.03
C LEU B 206 33.66 31.34 0.82
N GLU B 207 34.82 30.69 0.95
CA GLU B 207 35.72 30.53 -0.20
C GLU B 207 35.16 29.49 -1.19
N VAL B 208 34.41 28.53 -0.67
CA VAL B 208 33.70 27.53 -1.49
C VAL B 208 32.43 28.17 -2.08
N ALA B 209 31.83 29.10 -1.35
CA ALA B 209 30.60 29.77 -1.82
C ALA B 209 30.84 30.73 -2.97
N ARG B 210 31.91 31.52 -2.91
CA ARG B 210 32.22 32.49 -3.97
C ARG B 210 32.82 31.79 -5.16
N LYS B 211 33.17 30.52 -4.98
CA LYS B 211 33.70 29.68 -6.06
C LYS B 211 32.49 29.09 -6.83
N THR B 212 31.40 28.83 -6.12
CA THR B 212 30.11 28.41 -6.71
C THR B 212 29.37 29.54 -7.43
N ILE B 213 29.44 30.75 -6.88
CA ILE B 213 28.79 31.93 -7.47
C ILE B 213 29.49 32.39 -8.76
N ALA B 214 30.82 32.42 -8.73
CA ALA B 214 31.61 32.77 -9.92
C ALA B 214 31.29 31.79 -11.04
N GLU B 215 31.38 30.50 -10.70
CA GLU B 215 31.03 29.42 -11.62
C GLU B 215 29.63 29.58 -12.22
N ALA B 216 28.71 30.15 -11.45
CA ALA B 216 27.32 30.34 -11.89
C ALA B 216 27.11 31.71 -12.52
N GLY B 217 28.18 32.52 -12.53
CA GLY B 217 28.16 33.85 -13.11
C GLY B 217 27.16 34.79 -12.48
N LEU B 218 26.98 34.68 -11.17
CA LEU B 218 26.00 35.50 -10.45
C LEU B 218 26.63 36.43 -9.42
N GLU B 219 27.84 36.92 -9.68
CA GLU B 219 28.56 37.76 -8.72
C GLU B 219 27.87 39.10 -8.47
N GLU B 220 26.96 39.46 -9.37
CA GLU B 220 26.19 40.70 -9.23
C GLU B 220 25.05 40.56 -8.23
N ARG B 221 24.25 39.52 -8.38
CA ARG B 221 23.06 39.37 -7.56
C ARG B 221 23.24 38.50 -6.31
N VAL B 222 24.34 37.75 -6.24
CA VAL B 222 24.59 36.91 -5.07
C VAL B 222 25.86 37.38 -4.36
N ARG B 223 25.64 38.18 -3.32
CA ARG B 223 26.72 38.73 -2.54
C ARG B 223 26.94 37.81 -1.37
N THR B 224 28.04 38.04 -0.68
CA THR B 224 28.36 37.32 0.54
C THR B 224 28.76 38.25 1.70
N HIS B 225 28.67 37.72 2.92
CA HIS B 225 28.98 38.52 4.12
C HIS B 225 29.60 37.62 5.20
N ALA B 226 30.86 37.88 5.54
CA ALA B 226 31.58 37.09 6.54
C ALA B 226 31.11 37.39 7.96
N ALA B 227 30.67 36.34 8.67
CA ALA B 227 30.25 36.45 10.07
C ALA B 227 30.08 35.06 10.69
N ASP B 228 30.23 34.95 12.01
CA ASP B 228 29.82 33.71 12.70
C ASP B 228 28.41 33.90 13.23
N ILE B 229 27.54 32.97 12.86
CA ILE B 229 26.10 33.15 13.06
C ILE B 229 25.71 33.18 14.55
N PHE B 230 26.66 32.90 15.43
CA PHE B 230 26.39 32.89 16.87
C PHE B 230 26.99 34.09 17.62
N THR B 231 28.18 34.56 17.24
CA THR B 231 28.84 35.63 18.00
C THR B 231 28.50 37.03 17.45
N ASP B 232 28.59 37.20 16.13
CA ASP B 232 28.33 38.47 15.43
C ASP B 232 26.84 38.83 15.21
N SER B 233 26.61 40.06 14.76
CA SER B 233 25.26 40.51 14.38
C SER B 233 25.08 40.46 12.87
N TYR B 234 23.82 40.49 12.44
CA TYR B 234 23.50 40.26 11.05
C TYR B 234 23.33 41.57 10.26
N PRO B 235 23.84 41.60 9.00
CA PRO B 235 23.75 42.80 8.15
C PRO B 235 22.31 43.23 7.90
N ALA B 236 22.05 44.51 8.06
CA ALA B 236 20.70 45.05 7.87
C ALA B 236 20.40 45.33 6.40
N GLY B 237 19.17 45.80 6.15
CA GLY B 237 18.72 46.18 4.82
C GLY B 237 18.20 45.03 4.00
N HIS B 238 18.06 43.87 4.65
CA HIS B 238 17.57 42.66 3.98
C HIS B 238 16.08 42.46 4.22
N ASP B 239 15.36 42.10 3.17
CA ASP B 239 13.90 42.01 3.19
C ASP B 239 13.39 40.66 3.74
N CYS B 240 14.28 39.68 3.84
CA CYS B 240 13.93 38.28 4.11
C CYS B 240 15.12 37.55 4.70
N VAL B 241 14.90 36.74 5.73
CA VAL B 241 16.01 35.96 6.27
C VAL B 241 15.68 34.46 6.16
N LEU B 242 16.64 33.69 5.66
CA LEU B 242 16.44 32.28 5.35
C LEU B 242 17.31 31.29 6.13
N PHE B 243 16.68 30.24 6.66
CA PHE B 243 17.43 29.13 7.22
C PHE B 243 17.05 27.86 6.44
N ALA B 244 17.90 27.50 5.49
CA ALA B 244 17.68 26.24 4.76
C ALA B 244 18.68 25.22 5.25
N HIS B 245 18.18 24.04 5.60
CA HIS B 245 19.02 22.96 6.09
C HIS B 245 20.00 23.42 7.18
N GLN B 246 19.56 24.37 8.01
CA GLN B 246 20.41 24.99 9.03
C GLN B 246 19.99 24.61 10.48
N LEU B 247 18.69 24.69 10.75
CA LEU B 247 18.15 24.58 12.10
C LEU B 247 18.01 23.14 12.55
N VAL B 248 18.34 22.23 11.65
CA VAL B 248 18.15 20.82 11.93
C VAL B 248 19.43 20.25 12.52
N ILE B 249 20.49 21.07 12.59
CA ILE B 249 21.72 20.64 13.26
C ILE B 249 21.91 21.30 14.63
N TRP B 250 21.03 22.23 15.00
CA TRP B 250 21.17 22.95 16.28
C TRP B 250 20.10 22.56 17.32
N SER B 251 20.47 22.68 18.60
CA SER B 251 19.55 22.48 19.72
C SER B 251 18.53 23.63 19.71
N PRO B 252 17.30 23.37 20.17
CA PRO B 252 16.22 24.39 20.19
C PRO B 252 16.58 25.76 20.79
N GLU B 253 17.37 25.81 21.85
CA GLU B 253 17.85 27.11 22.37
C GLU B 253 18.73 27.84 21.36
N GLN B 254 19.51 27.07 20.64
CA GLN B 254 20.44 27.63 19.68
C GLN B 254 19.68 28.16 18.48
N ASN B 255 18.59 27.47 18.11
CA ASN B 255 17.71 27.93 17.04
C ASN B 255 17.02 29.23 17.38
N LEU B 256 16.66 29.37 18.66
CA LEU B 256 15.98 30.57 19.17
C LEU B 256 16.92 31.78 19.20
N THR B 257 18.20 31.53 19.47
CA THR B 257 19.22 32.59 19.43
C THR B 257 19.29 33.18 18.03
N LEU B 258 19.46 32.28 17.06
CA LEU B 258 19.55 32.59 15.65
C LEU B 258 18.30 33.30 15.14
N LEU B 259 17.14 32.85 15.60
CA LEU B 259 15.88 33.37 15.11
C LEU B 259 15.62 34.80 15.58
N ARG B 260 16.13 35.11 16.78
CA ARG B 260 16.06 36.47 17.33
C ARG B 260 16.98 37.46 16.62
N LYS B 261 18.17 36.99 16.24
CA LYS B 261 19.06 37.79 15.42
C LYS B 261 18.40 38.08 14.06
N ALA B 262 17.66 37.08 13.58
CA ALA B 262 16.90 37.18 12.35
C ALA B 262 15.84 38.27 12.47
N TYR B 263 15.25 38.37 13.65
CA TYR B 263 14.27 39.41 13.95
C TYR B 263 14.89 40.83 13.90
N ASP B 264 16.11 41.00 14.43
CA ASP B 264 16.71 42.34 14.53
C ASP B 264 17.22 42.86 13.20
N ALA B 265 17.62 41.95 12.32
CA ALA B 265 18.25 42.33 11.06
C ALA B 265 17.20 42.68 10.03
N VAL B 266 16.17 41.85 9.93
CA VAL B 266 15.12 42.11 8.96
C VAL B 266 14.34 43.35 9.39
N GLU B 267 13.77 44.05 8.42
CA GLU B 267 12.95 45.23 8.69
C GLU B 267 11.48 44.84 8.76
N PRO B 268 10.68 45.60 9.52
CA PRO B 268 9.23 45.39 9.53
C PRO B 268 8.61 45.26 8.13
N GLY B 269 7.68 44.31 8.03
CA GLY B 269 7.07 43.86 6.79
C GLY B 269 7.87 42.67 6.28
N GLY B 270 9.10 42.53 6.76
CA GLY B 270 10.00 41.49 6.30
C GLY B 270 9.64 40.09 6.75
N ARG B 271 10.23 39.09 6.11
CA ARG B 271 9.87 37.71 6.40
C ARG B 271 11.06 36.85 6.80
N VAL B 272 10.77 35.82 7.59
CA VAL B 272 11.77 34.81 7.92
C VAL B 272 11.31 33.47 7.34
N LEU B 273 12.26 32.67 6.89
CA LEU B 273 11.90 31.40 6.30
C LEU B 273 12.78 30.26 6.84
N VAL B 274 12.14 29.25 7.40
CA VAL B 274 12.87 28.05 7.73
C VAL B 274 12.54 26.96 6.72
N PHE B 275 13.55 26.52 5.99
CA PHE B 275 13.36 25.48 5.01
C PHE B 275 14.19 24.23 5.33
N ASN B 276 13.51 23.13 5.66
CA ASN B 276 14.14 21.82 5.83
C ASN B 276 13.15 20.67 5.91
N ALA B 277 13.68 19.50 6.31
CA ALA B 277 12.89 18.27 6.43
C ALA B 277 12.17 18.25 7.79
N PHE B 278 10.84 18.37 7.78
CA PHE B 278 10.05 18.35 9.01
C PHE B 278 9.41 17.01 9.39
N THR B 279 9.45 16.69 10.70
CA THR B 279 8.66 15.58 11.21
C THR B 279 7.23 16.09 11.34
N ASP B 280 6.25 15.25 11.09
CA ASP B 280 4.85 15.64 11.27
C ASP B 280 4.55 15.99 12.74
N ASP B 281 3.56 16.85 12.96
CA ASP B 281 3.21 17.27 14.31
C ASP B 281 2.80 16.10 15.20
N ASP B 282 2.16 15.08 14.62
CA ASP B 282 1.72 13.98 15.46
C ASP B 282 2.77 12.87 15.54
N ARG B 283 3.94 13.14 14.97
CA ARG B 283 5.08 12.22 15.02
C ARG B 283 4.80 10.81 14.46
N THR B 284 3.98 10.72 13.41
CA THR B 284 3.67 9.43 12.78
C THR B 284 4.41 9.28 11.47
N GLY B 285 5.25 10.25 11.14
CA GLY B 285 5.97 10.24 9.89
C GLY B 285 6.54 11.62 9.64
N PRO B 286 6.85 11.95 8.38
CA PRO B 286 6.63 11.07 7.23
C PRO B 286 7.71 9.99 7.11
N LEU B 287 7.32 8.90 6.44
CA LEU B 287 8.13 7.69 6.34
C LEU B 287 9.55 7.97 5.84
N TYR B 288 9.64 8.87 4.87
CA TYR B 288 10.92 9.31 4.37
C TYR B 288 11.84 9.74 5.54
N ALA B 289 11.41 10.77 6.27
CA ALA B 289 12.21 11.30 7.37
C ALA B 289 12.55 10.22 8.42
N ALA B 290 11.56 9.44 8.79
CA ALA B 290 11.72 8.38 9.79
C ALA B 290 12.81 7.37 9.44
N LEU B 291 12.96 7.02 8.15
CA LEU B 291 13.90 5.98 7.74
C LEU B 291 15.25 6.61 7.44
N ASP B 292 15.22 7.87 7.01
CA ASP B 292 16.44 8.64 6.80
C ASP B 292 17.23 8.83 8.13
N ASN B 293 16.53 8.77 9.26
CA ASN B 293 17.18 8.97 10.57
C ASN B 293 18.28 7.93 10.88
N VAL B 294 18.20 6.75 10.26
CA VAL B 294 19.24 5.74 10.47
C VAL B 294 20.59 6.27 9.98
N TYR B 295 20.57 7.04 8.90
CA TYR B 295 21.81 7.62 8.45
C TYR B 295 22.31 8.61 9.51
N PHE B 296 21.44 9.53 9.93
CA PHE B 296 21.82 10.58 10.87
C PHE B 296 22.24 10.02 12.26
N THR B 297 21.71 8.87 12.63
CA THR B 297 22.02 8.24 13.91
C THR B 297 23.28 7.35 13.84
N THR B 298 23.68 6.93 12.65
CA THR B 298 24.81 5.96 12.54
C THR B 298 26.13 6.54 12.04
N LEU B 299 26.08 7.64 11.29
CA LEU B 299 27.26 8.16 10.61
C LEU B 299 27.85 9.54 11.00
N PRO B 300 27.01 10.60 11.03
CA PRO B 300 27.58 11.91 11.39
C PRO B 300 27.95 12.04 12.89
N PHE B 301 28.95 12.86 13.22
CA PHE B 301 29.26 13.05 14.62
C PHE B 301 28.35 14.11 15.23
N ARG B 302 27.86 15.01 14.39
CA ARG B 302 27.03 16.12 14.84
C ARG B 302 25.59 15.65 14.76
N HIS B 303 24.86 15.69 15.88
CA HIS B 303 23.52 15.13 15.84
C HIS B 303 22.57 16.13 15.14
N SER B 304 22.11 15.71 13.96
CA SER B 304 21.01 16.36 13.24
C SER B 304 19.64 16.01 13.83
N THR B 305 18.85 17.01 14.24
CA THR B 305 17.47 16.70 14.61
C THR B 305 16.47 17.26 13.60
N ILE B 306 15.54 16.41 13.20
CA ILE B 306 14.41 16.79 12.37
C ILE B 306 13.28 17.10 13.37
N HIS B 307 12.98 18.38 13.47
CA HIS B 307 12.02 18.90 14.43
C HIS B 307 10.66 18.97 13.78
N ARG B 308 9.60 18.89 14.56
CA ARG B 308 8.27 18.95 13.98
C ARG B 308 7.96 20.35 13.44
N TRP B 309 6.93 20.44 12.61
CA TRP B 309 6.50 21.74 12.13
C TRP B 309 6.21 22.66 13.30
N ALA B 310 5.44 22.15 14.25
CA ALA B 310 5.00 22.94 15.38
C ALA B 310 6.16 23.47 16.23
N ASP B 311 7.20 22.66 16.40
CA ASP B 311 8.38 23.08 17.15
C ASP B 311 8.96 24.34 16.56
N CYS B 312 9.08 24.36 15.24
CA CYS B 312 9.69 25.49 14.55
C CYS B 312 8.78 26.71 14.55
N GLU B 313 7.47 26.48 14.37
CA GLU B 313 6.44 27.52 14.47
C GLU B 313 6.46 28.17 15.88
N SER B 314 6.71 27.37 16.91
CA SER B 314 6.85 27.85 18.29
C SER B 314 8.05 28.78 18.46
N TRP B 315 9.23 28.33 18.02
CA TRP B 315 10.44 29.12 18.10
C TRP B 315 10.29 30.49 17.45
N LEU B 316 9.51 30.54 16.38
CA LEU B 316 9.31 31.80 15.68
C LEU B 316 8.58 32.86 16.48
N ARG B 317 7.50 32.48 17.16
CA ARG B 317 6.73 33.42 17.99
C ARG B 317 7.55 33.88 19.19
N GLU B 318 8.24 32.91 19.79
CA GLU B 318 9.09 33.08 20.95
C GLU B 318 10.24 34.03 20.59
N ALA B 319 10.51 34.14 19.28
CA ALA B 319 11.52 35.07 18.78
C ALA B 319 10.85 36.37 18.30
N GLY B 320 9.52 36.41 18.34
CA GLY B 320 8.79 37.63 18.08
C GLY B 320 8.07 37.84 16.75
N PHE B 321 8.02 36.81 15.90
CA PHE B 321 7.40 36.97 14.57
C PHE B 321 5.86 36.82 14.58
N THR B 322 5.20 37.48 13.63
CA THR B 322 3.74 37.46 13.51
C THR B 322 3.38 36.85 12.16
N ASP B 323 2.10 36.53 11.94
CA ASP B 323 1.64 35.81 10.75
C ASP B 323 2.49 34.55 10.56
N VAL B 324 2.69 33.82 11.65
CA VAL B 324 3.51 32.60 11.59
C VAL B 324 2.64 31.43 11.11
N GLY B 325 3.14 30.71 10.12
CA GLY B 325 2.44 29.57 9.54
C GLY B 325 3.36 28.66 8.75
N ARG B 326 2.76 27.72 8.04
CA ARG B 326 3.54 26.78 7.25
C ARG B 326 3.00 26.65 5.83
N THR B 327 3.93 26.44 4.89
CA THR B 327 3.56 26.02 3.55
C THR B 327 4.16 24.63 3.32
N ALA B 328 3.34 23.61 3.56
CA ALA B 328 3.68 22.25 3.14
C ALA B 328 3.04 22.01 1.79
N PRO B 329 3.83 21.62 0.79
CA PRO B 329 3.29 21.32 -0.54
C PRO B 329 3.60 19.88 -0.97
N PRO B 330 2.68 19.29 -1.77
CA PRO B 330 2.83 17.91 -2.28
C PRO B 330 4.13 17.68 -3.05
N GLY B 331 5.09 17.12 -2.34
CA GLY B 331 6.24 16.49 -2.94
C GLY B 331 6.41 15.16 -2.23
N TRP B 332 7.05 14.19 -2.87
CA TRP B 332 7.16 12.87 -2.27
C TRP B 332 8.14 12.97 -1.12
N THR B 333 8.92 14.05 -1.14
CA THR B 333 9.94 14.39 -0.15
C THR B 333 9.31 15.12 1.05
N PRO B 334 9.92 15.01 2.26
CA PRO B 334 9.23 15.57 3.43
C PRO B 334 9.49 17.06 3.68
N HIS B 335 10.10 17.75 2.71
CA HIS B 335 10.45 19.16 2.86
C HIS B 335 9.27 20.10 2.66
N GLY B 336 9.32 21.19 3.42
CA GLY B 336 8.34 22.28 3.38
C GLY B 336 8.98 23.52 4.00
N VAL B 337 8.19 24.58 4.18
CA VAL B 337 8.71 25.82 4.76
C VAL B 337 7.82 26.37 5.90
N VAL B 338 8.44 26.67 7.04
CA VAL B 338 7.76 27.38 8.12
C VAL B 338 8.23 28.82 8.10
N SER B 339 7.30 29.74 8.22
CA SER B 339 7.62 31.15 8.03
C SER B 339 6.97 32.06 9.08
N GLY B 340 7.46 33.28 9.16
CA GLY B 340 6.84 34.31 9.97
C GLY B 340 7.27 35.70 9.51
N SER B 341 6.55 36.70 10.00
CA SER B 341 6.78 38.09 9.60
C SER B 341 7.08 38.98 10.82
N ARG B 342 7.97 39.96 10.65
CA ARG B 342 8.13 41.06 11.60
C ARG B 342 7.23 42.23 11.19
N PRO B 343 6.51 42.82 12.15
CA PRO B 343 5.56 43.90 11.81
C PRO B 343 6.21 45.29 11.82
N GLU C 4 2.90 8.99 -6.53
CA GLU C 4 3.99 9.74 -7.16
C GLU C 4 5.26 8.89 -6.98
N LEU C 5 6.39 9.55 -6.75
CA LEU C 5 7.62 8.85 -6.42
C LEU C 5 7.56 8.36 -4.98
N SER C 6 6.42 8.58 -4.32
CA SER C 6 6.20 8.18 -2.93
C SER C 6 6.29 6.66 -2.73
N ALA C 7 6.02 5.89 -3.78
CA ALA C 7 6.12 4.43 -3.71
C ALA C 7 7.59 3.97 -3.68
N LEU C 8 8.48 4.90 -4.02
CA LEU C 8 9.91 4.67 -4.04
C LEU C 8 10.45 4.61 -2.60
N VAL C 9 9.72 5.26 -1.67
CA VAL C 9 10.20 5.44 -0.30
C VAL C 9 10.55 4.16 0.48
N PRO C 10 9.62 3.18 0.53
CA PRO C 10 9.94 1.97 1.28
C PRO C 10 11.07 1.15 0.71
N VAL C 11 11.47 1.44 -0.54
CA VAL C 11 12.51 0.69 -1.22
C VAL C 11 13.83 1.40 -1.09
N LEU C 12 13.82 2.69 -1.40
CA LEU C 12 15.01 3.53 -1.33
C LEU C 12 15.55 3.59 0.10
N PHE C 13 14.65 3.50 1.09
CA PHE C 13 15.07 3.41 2.49
C PHE C 13 14.72 2.05 3.12
N GLY C 14 14.68 1.01 2.29
CA GLY C 14 14.28 -0.31 2.73
C GLY C 14 15.20 -0.92 3.78
N HIS C 15 16.49 -0.69 3.65
CA HIS C 15 17.41 -1.29 4.61
C HIS C 15 17.25 -0.61 5.99
N ALA C 16 16.95 0.68 5.95
CA ALA C 16 16.69 1.44 7.16
C ALA C 16 15.37 0.99 7.77
N ALA C 17 14.39 0.72 6.92
CA ALA C 17 13.12 0.18 7.38
C ALA C 17 13.35 -1.14 8.10
N PHE C 18 14.24 -1.96 7.58
CA PHE C 18 14.55 -3.17 8.28
C PHE C 18 15.16 -2.85 9.63
N GLN C 19 16.03 -1.86 9.67
CA GLN C 19 16.71 -1.56 10.93
C GLN C 19 15.74 -1.08 12.01
N GLN C 20 14.65 -0.43 11.63
CA GLN C 20 13.66 -0.09 12.63
C GLN C 20 13.10 -1.36 13.27
N LEU C 21 12.68 -2.32 12.45
CA LEU C 21 12.20 -3.60 12.98
C LEU C 21 13.29 -4.35 13.78
N ASN C 22 14.54 -4.28 13.29
CA ASN C 22 15.69 -4.88 13.95
C ASN C 22 15.91 -4.32 15.38
N ALA C 23 16.00 -2.99 15.47
CA ALA C 23 16.19 -2.32 16.75
C ALA C 23 15.03 -2.59 17.70
N GLY C 24 13.81 -2.41 17.23
CA GLY C 24 12.63 -2.73 18.02
C GLY C 24 12.68 -4.13 18.60
N CYS C 25 13.47 -5.01 17.98
CA CYS C 25 13.60 -6.36 18.52
C CYS C 25 14.75 -6.46 19.51
N GLN C 26 15.93 -6.00 19.12
CA GLN C 26 17.12 -6.11 19.95
C GLN C 26 17.02 -5.31 21.28
N LEU C 27 16.34 -4.16 21.23
CA LEU C 27 16.22 -3.24 22.36
C LEU C 27 14.93 -3.47 23.16
N GLY C 28 14.16 -4.48 22.81
CA GLY C 28 12.99 -4.83 23.59
C GLY C 28 11.77 -3.93 23.55
N LEU C 29 11.64 -3.11 22.51
CA LEU C 29 10.48 -2.22 22.37
C LEU C 29 9.14 -2.96 22.19
N PHE C 30 9.11 -4.00 21.35
CA PHE C 30 7.84 -4.62 21.06
C PHE C 30 7.38 -5.45 22.24
N GLU C 31 8.31 -6.11 22.90
CA GLU C 31 7.99 -6.86 24.12
C GLU C 31 7.52 -5.89 25.22
N LEU C 32 8.23 -4.75 25.35
CA LEU C 32 7.83 -3.69 26.29
C LEU C 32 6.38 -3.21 26.03
N LEU C 33 6.12 -2.71 24.83
CA LEU C 33 4.79 -2.22 24.47
C LEU C 33 3.72 -3.29 24.56
N HIS C 34 4.11 -4.55 24.40
CA HIS C 34 3.14 -5.62 24.52
C HIS C 34 2.75 -5.80 25.97
N GLU C 35 3.73 -5.83 26.88
CA GLU C 35 3.38 -6.15 28.27
C GLU C 35 2.75 -4.96 29.02
N ARG C 36 3.33 -3.79 28.87
CA ARG C 36 2.88 -2.63 29.62
C ARG C 36 2.04 -1.63 28.78
N GLY C 37 1.08 -2.17 27.99
CA GLY C 37 0.00 -1.40 27.36
C GLY C 37 0.56 -0.19 26.65
N PRO C 38 -0.22 0.89 26.59
CA PRO C 38 0.26 2.19 26.09
C PRO C 38 1.33 2.81 27.01
N LEU C 39 2.47 3.23 26.47
CA LEU C 39 3.48 3.96 27.23
C LEU C 39 3.85 5.26 26.51
N SER C 40 4.22 6.28 27.25
CA SER C 40 4.64 7.53 26.64
C SER C 40 6.05 7.33 26.08
N ALA C 41 6.51 8.25 25.22
CA ALA C 41 7.87 8.18 24.71
C ALA C 41 8.83 8.06 25.83
N GLU C 42 8.66 8.96 26.80
CA GLU C 42 9.57 9.09 27.93
C GLU C 42 9.60 7.86 28.80
N GLU C 43 8.41 7.32 29.05
CA GLU C 43 8.31 6.09 29.79
C GLU C 43 9.09 5.04 29.03
N VAL C 44 9.04 5.08 27.69
CA VAL C 44 9.75 4.09 26.88
C VAL C 44 11.27 4.26 26.99
N ALA C 45 11.75 5.49 26.80
CA ALA C 45 13.19 5.77 26.93
C ALA C 45 13.74 5.26 28.24
N ASP C 46 12.95 5.46 29.31
CA ASP C 46 13.32 5.00 30.66
C ASP C 46 13.37 3.47 30.73
N ALA C 47 12.25 2.83 30.38
CA ALA C 47 12.12 1.39 30.55
C ALA C 47 13.16 0.64 29.73
N LEU C 48 13.56 1.22 28.61
CA LEU C 48 14.56 0.61 27.73
C LEU C 48 15.95 1.19 27.99
N ARG C 49 16.04 2.17 28.90
CA ARG C 49 17.34 2.78 29.25
C ARG C 49 18.06 3.27 28.01
N LEU C 50 17.35 4.08 27.24
CA LEU C 50 17.90 4.68 26.05
C LEU C 50 17.87 6.19 26.24
N PRO C 51 18.85 6.88 25.64
CA PRO C 51 18.81 8.34 25.53
C PRO C 51 17.47 8.80 25.00
N ARG C 52 17.00 9.96 25.42
CA ARG C 52 15.67 10.36 24.99
C ARG C 52 15.60 10.50 23.46
N ARG C 53 16.65 11.08 22.87
CA ARG C 53 16.69 11.28 21.43
C ARG C 53 16.59 9.93 20.73
N SER C 54 17.31 8.94 21.26
CA SER C 54 17.27 7.62 20.66
C SER C 54 15.85 7.05 20.64
N ALA C 55 15.11 7.12 21.75
CA ALA C 55 13.74 6.58 21.72
C ALA C 55 12.80 7.35 20.77
N ASP C 56 12.95 8.67 20.74
CA ASP C 56 12.15 9.52 19.87
C ASP C 56 12.33 9.17 18.41
N ILE C 57 13.57 8.88 18.04
CA ILE C 57 13.93 8.37 16.72
C ILE C 57 13.33 6.97 16.44
N LEU C 58 13.63 6.00 17.31
CA LEU C 58 13.13 4.66 17.13
C LEU C 58 11.63 4.62 17.02
N LEU C 59 10.93 5.43 17.79
CA LEU C 59 9.46 5.41 17.78
C LEU C 59 8.92 6.05 16.51
N LEU C 60 9.67 7.01 15.97
CA LEU C 60 9.25 7.64 14.74
C LEU C 60 9.34 6.57 13.66
N GLY C 61 10.45 5.82 13.68
CA GLY C 61 10.65 4.73 12.75
C GLY C 61 9.49 3.74 12.80
N THR C 62 9.31 3.15 13.97
CA THR C 62 8.33 2.10 14.10
C THR C 62 6.88 2.57 13.89
N THR C 63 6.63 3.86 14.04
CA THR C 63 5.26 4.34 13.93
C THR C 63 4.96 4.74 12.49
N ALA C 64 5.95 5.31 11.82
CA ALA C 64 5.83 5.59 10.41
C ALA C 64 5.59 4.30 9.59
N LEU C 65 6.23 3.20 9.99
CA LEU C 65 6.14 1.91 9.33
C LEU C 65 4.88 1.12 9.71
N GLY C 66 4.17 1.58 10.74
CA GLY C 66 2.97 0.92 11.23
C GLY C 66 3.25 -0.21 12.19
N LEU C 67 4.51 -0.32 12.59
CA LEU C 67 4.92 -1.31 13.59
C LEU C 67 4.42 -0.96 15.01
N SER C 68 4.20 0.33 15.24
CA SER C 68 3.62 0.84 16.49
C SER C 68 2.62 1.95 16.13
N THR C 69 1.59 2.15 16.94
CA THR C 69 0.68 3.28 16.72
C THR C 69 0.75 4.22 17.92
N VAL C 70 0.53 5.51 17.69
CA VAL C 70 0.51 6.50 18.78
C VAL C 70 -0.82 7.24 18.86
N THR C 71 -1.42 7.16 20.03
CA THR C 71 -2.69 7.78 20.31
C THR C 71 -2.57 8.58 21.60
N ASP C 72 -2.87 9.88 21.52
CA ASP C 72 -2.82 10.76 22.69
C ASP C 72 -1.53 10.65 23.53
N GLY C 73 -0.38 10.67 22.86
CA GLY C 73 0.89 10.64 23.58
C GLY C 73 1.38 9.27 24.00
N GLY C 74 0.53 8.25 23.85
CA GLY C 74 0.84 6.89 24.29
C GLY C 74 1.02 5.90 23.16
N TYR C 75 2.03 5.04 23.25
CA TYR C 75 2.43 4.12 22.18
C TYR C 75 2.01 2.68 22.40
N ARG C 76 1.43 2.06 21.37
CA ARG C 76 1.07 0.64 21.40
C ARG C 76 1.81 -0.07 20.29
N ASN C 77 1.83 -1.40 20.33
CA ASN C 77 2.23 -2.17 19.15
C ASN C 77 1.21 -2.01 18.03
N GLY C 78 1.69 -1.87 16.79
CA GLY C 78 0.84 -1.74 15.63
C GLY C 78 0.24 -3.07 15.19
N ALA C 79 -0.70 -3.01 14.24
CA ALA C 79 -1.43 -4.19 13.76
C ALA C 79 -0.60 -5.46 13.48
N PRO C 80 0.48 -5.37 12.66
CA PRO C 80 1.26 -6.59 12.38
C PRO C 80 1.86 -7.20 13.63
N ILE C 81 2.60 -6.39 14.39
CA ILE C 81 3.30 -6.84 15.60
C ILE C 81 2.30 -7.34 16.65
N GLY C 82 1.17 -6.64 16.80
CA GLY C 82 0.09 -7.09 17.67
C GLY C 82 -0.36 -8.49 17.31
N ALA C 83 -0.63 -8.68 16.02
CA ALA C 83 -1.05 -9.97 15.48
C ALA C 83 -0.02 -11.06 15.74
N ALA C 84 1.25 -10.72 15.55
CA ALA C 84 2.32 -11.70 15.79
C ALA C 84 2.24 -12.18 17.23
N PHE C 85 1.97 -11.26 18.16
CA PHE C 85 1.89 -11.65 19.57
C PHE C 85 0.65 -12.47 19.83
N ARG C 86 -0.48 -11.98 19.33
CA ARG C 86 -1.77 -12.61 19.55
C ARG C 86 -1.76 -14.05 19.07
N ASP C 87 -1.07 -14.30 17.96
CA ASP C 87 -1.02 -15.64 17.36
C ASP C 87 0.14 -16.50 17.86
N GLY C 88 0.85 -16.04 18.89
CA GLY C 88 1.96 -16.83 19.41
C GLY C 88 3.15 -16.84 18.47
N LEU C 89 3.18 -15.90 17.55
CA LEU C 89 4.26 -15.92 16.58
C LEU C 89 5.50 -15.15 17.04
N TRP C 90 5.43 -14.49 18.20
CA TRP C 90 6.53 -13.58 18.56
C TRP C 90 7.93 -14.20 18.66
N PRO C 91 8.10 -15.31 19.39
CA PRO C 91 9.45 -15.86 19.47
C PRO C 91 10.05 -16.27 18.11
N VAL C 92 9.23 -16.80 17.23
CA VAL C 92 9.69 -17.18 15.90
C VAL C 92 10.11 -15.93 15.15
N LEU C 93 9.24 -14.92 15.15
CA LEU C 93 9.55 -13.66 14.48
C LEU C 93 10.81 -13.02 15.04
N ARG C 94 10.96 -13.01 16.36
CA ARG C 94 12.14 -12.46 16.98
C ARG C 94 13.38 -13.14 16.43
N ASP C 95 13.34 -14.47 16.38
CA ASP C 95 14.48 -15.23 15.90
C ASP C 95 14.79 -15.01 14.41
N ILE C 96 13.79 -14.98 13.53
CA ILE C 96 14.12 -14.74 12.12
C ILE C 96 14.65 -13.32 11.95
N VAL C 97 14.09 -12.34 12.65
CA VAL C 97 14.62 -10.98 12.53
C VAL C 97 16.08 -11.00 12.97
N GLN C 98 16.44 -11.88 13.90
CA GLN C 98 17.83 -11.96 14.33
C GLN C 98 18.70 -12.61 13.27
N TYR C 99 18.11 -13.56 12.55
CA TYR C 99 18.79 -14.24 11.45
C TYR C 99 19.14 -13.23 10.37
N GLN C 100 18.15 -12.39 10.00
CA GLN C 100 18.41 -11.32 9.04
C GLN C 100 19.54 -10.41 9.50
N ASP C 101 19.58 -10.13 10.80
CA ASP C 101 20.57 -9.24 11.39
C ASP C 101 21.96 -9.84 11.34
N LYS C 102 22.06 -11.09 11.81
CA LYS C 102 23.35 -11.72 12.09
C LYS C 102 23.95 -12.45 10.89
N ILE C 103 23.09 -12.96 10.03
CA ILE C 103 23.48 -13.77 8.87
C ILE C 103 23.30 -13.07 7.51
N ALA C 104 22.08 -12.59 7.25
CA ALA C 104 21.70 -12.15 5.91
C ALA C 104 22.10 -10.72 5.55
N TYR C 105 21.91 -9.77 6.47
CA TYR C 105 22.03 -8.34 6.14
C TYR C 105 23.33 -7.95 5.44
N GLN C 106 24.48 -8.35 5.97
CA GLN C 106 25.69 -7.83 5.36
C GLN C 106 25.99 -8.46 3.98
N PRO C 107 25.90 -9.82 3.86
CA PRO C 107 26.19 -10.45 2.56
C PRO C 107 25.27 -9.99 1.46
N ALA C 108 24.09 -9.54 1.83
CA ALA C 108 23.11 -9.05 0.88
C ALA C 108 23.63 -7.92 0.00
N ALA C 109 24.70 -7.26 0.42
CA ALA C 109 25.27 -6.18 -0.37
C ALA C 109 26.09 -6.73 -1.56
N ASP C 110 26.19 -8.06 -1.65
CA ASP C 110 26.90 -8.65 -2.77
C ASP C 110 25.93 -9.23 -3.78
N TYR C 111 24.68 -8.78 -3.71
CA TYR C 111 23.66 -9.16 -4.67
C TYR C 111 24.06 -8.87 -6.11
N VAL C 112 24.52 -7.64 -6.37
CA VAL C 112 24.93 -7.26 -7.71
C VAL C 112 26.07 -8.15 -8.19
N GLU C 113 27.09 -8.37 -7.37
CA GLU C 113 28.20 -9.20 -7.83
C GLU C 113 27.72 -10.66 -7.98
N SER C 114 26.75 -11.06 -7.17
CA SER C 114 26.24 -12.42 -7.26
C SER C 114 25.42 -12.63 -8.53
N LEU C 115 24.72 -11.59 -8.99
CA LEU C 115 23.92 -11.70 -10.19
C LEU C 115 24.82 -11.79 -11.41
N ARG C 116 25.85 -10.95 -11.46
CA ARG C 116 26.79 -10.99 -12.55
C ARG C 116 27.47 -12.33 -12.75
N THR C 117 27.99 -12.88 -11.66
CA THR C 117 28.88 -14.02 -11.75
C THR C 117 28.13 -15.33 -11.67
N GLY C 118 26.86 -15.26 -11.28
CA GLY C 118 26.05 -16.46 -11.08
C GLY C 118 26.52 -17.29 -9.88
N GLN C 119 27.44 -16.73 -9.10
CA GLN C 119 27.93 -17.37 -7.89
C GLN C 119 27.46 -16.66 -6.63
N ASN C 120 27.66 -17.30 -5.47
CA ASN C 120 27.21 -16.73 -4.20
C ASN C 120 28.31 -15.87 -3.57
N ALA C 121 28.44 -14.65 -4.08
CA ALA C 121 29.57 -13.77 -3.78
C ALA C 121 29.67 -13.32 -2.32
N GLY C 122 28.53 -13.34 -1.63
CA GLY C 122 28.44 -12.87 -0.27
C GLY C 122 29.15 -13.79 0.72
N ILE C 123 29.52 -14.99 0.27
CA ILE C 123 30.14 -15.95 1.16
C ILE C 123 31.56 -15.55 1.49
N ARG C 124 32.03 -14.44 0.92
CA ARG C 124 33.33 -13.89 1.28
C ARG C 124 33.39 -13.47 2.76
N HIS C 125 32.25 -13.10 3.33
CA HIS C 125 32.20 -12.68 4.73
C HIS C 125 32.27 -13.89 5.67
N PHE C 126 32.39 -15.10 5.11
CA PHE C 126 32.54 -16.31 5.91
C PHE C 126 33.58 -17.22 5.30
N PRO C 127 34.86 -16.78 5.37
CA PRO C 127 35.98 -17.48 4.74
C PRO C 127 36.08 -18.90 5.26
N GLY C 128 36.35 -19.81 4.35
CA GLY C 128 36.49 -21.21 4.71
C GLY C 128 37.25 -21.93 3.62
N THR C 129 37.38 -23.24 3.77
CA THR C 129 38.04 -24.03 2.77
C THR C 129 37.02 -24.57 1.77
N THR C 130 36.20 -25.52 2.22
CA THR C 130 35.27 -26.23 1.33
C THR C 130 33.87 -25.63 1.36
N ARG C 131 32.97 -26.17 0.54
CA ARG C 131 31.83 -25.41 0.02
C ARG C 131 30.37 -25.83 0.33
N ASP C 132 29.88 -25.36 1.47
CA ASP C 132 28.45 -25.31 1.77
C ASP C 132 28.34 -24.28 2.89
N LEU C 133 27.16 -23.69 3.06
CA LEU C 133 27.01 -22.56 3.94
C LEU C 133 27.28 -22.89 5.40
N TYR C 134 26.86 -24.06 5.84
CA TYR C 134 26.98 -24.40 7.25
C TYR C 134 28.42 -24.58 7.76
N SER C 135 29.28 -25.24 6.98
CA SER C 135 30.65 -25.47 7.43
C SER C 135 31.40 -24.14 7.56
N ARG C 136 31.06 -23.18 6.69
CA ARG C 136 31.68 -21.86 6.73
C ARG C 136 31.38 -21.08 8.01
N LEU C 137 30.14 -21.20 8.46
CA LEU C 137 29.70 -20.50 9.67
C LEU C 137 30.30 -21.06 10.97
N ALA C 138 30.48 -22.38 11.04
CA ALA C 138 31.01 -23.03 12.25
C ALA C 138 32.41 -22.55 12.58
N ALA C 139 33.11 -22.04 11.56
CA ALA C 139 34.45 -21.47 11.71
C ALA C 139 34.42 -20.12 12.42
N VAL C 140 33.22 -19.59 12.62
CA VAL C 140 33.02 -18.37 13.38
C VAL C 140 32.38 -18.68 14.73
N PRO C 141 33.04 -18.26 15.82
CA PRO C 141 32.52 -18.43 17.17
C PRO C 141 31.19 -17.70 17.34
N GLY C 142 30.11 -18.45 17.54
CA GLY C 142 28.80 -17.86 17.76
C GLY C 142 27.78 -18.01 16.64
N LEU C 143 28.24 -18.05 15.40
CA LEU C 143 27.32 -17.99 14.27
C LEU C 143 26.63 -19.31 14.01
N GLU C 144 27.38 -20.40 14.06
CA GLU C 144 26.83 -21.75 14.09
C GLU C 144 25.54 -21.93 14.91
N GLU C 145 25.54 -21.61 16.21
CA GLU C 145 24.32 -21.78 17.01
C GLU C 145 23.19 -20.82 16.60
N LEU C 146 23.54 -19.59 16.23
CA LEU C 146 22.55 -18.61 15.78
C LEU C 146 21.94 -19.06 14.46
N PHE C 147 22.76 -19.65 13.61
CA PHE C 147 22.28 -20.17 12.34
C PHE C 147 21.13 -21.13 12.54
N TYR C 148 21.28 -22.07 13.46
CA TYR C 148 20.19 -23.03 13.68
C TYR C 148 18.97 -22.46 14.35
N ARG C 149 19.15 -21.50 15.25
CA ARG C 149 17.97 -20.94 15.86
C ARG C 149 17.15 -20.28 14.78
N GLY C 150 17.84 -19.61 13.87
CA GLY C 150 17.22 -18.96 12.73
C GLY C 150 16.55 -19.91 11.77
N MET C 151 17.29 -20.93 11.32
CA MET C 151 16.70 -21.88 10.39
C MET C 151 15.53 -22.59 11.04
N HIS C 152 15.66 -22.96 12.32
CA HIS C 152 14.54 -23.62 13.00
C HIS C 152 13.34 -22.69 13.01
N ALA C 153 13.59 -21.40 13.14
CA ALA C 153 12.52 -20.42 13.17
C ALA C 153 11.85 -20.32 11.81
N TRP C 154 12.63 -20.24 10.73
CA TRP C 154 12.05 -20.14 9.38
C TRP C 154 11.16 -21.35 9.12
N SER C 155 11.65 -22.53 9.49
CA SER C 155 10.85 -23.74 9.32
C SER C 155 9.55 -23.66 10.09
N GLN C 156 9.60 -23.22 11.33
CA GLN C 156 8.40 -23.20 12.14
C GLN C 156 7.36 -22.22 11.57
N LEU C 157 7.83 -21.27 10.77
CA LEU C 157 6.96 -20.27 10.13
C LEU C 157 6.24 -20.79 8.90
N SER C 158 6.95 -21.57 8.10
CA SER C 158 6.49 -22.00 6.78
C SER C 158 5.73 -23.29 6.85
N ASN C 159 6.27 -24.21 7.65
CA ASN C 159 5.78 -25.57 7.66
C ASN C 159 4.32 -25.84 8.07
N PRO C 160 3.59 -24.86 8.65
CA PRO C 160 2.17 -25.24 8.86
C PRO C 160 1.41 -25.73 7.64
N VAL C 161 1.60 -25.18 6.43
CA VAL C 161 0.81 -25.64 5.27
C VAL C 161 1.21 -27.06 4.88
N LEU C 162 2.45 -27.41 5.18
CA LEU C 162 2.95 -28.72 4.92
C LEU C 162 2.20 -29.72 5.76
N LEU C 163 2.11 -29.45 7.06
CA LEU C 163 1.49 -30.39 7.98
C LEU C 163 -0.03 -30.54 7.71
N ALA C 164 -0.69 -29.46 7.29
CA ALA C 164 -2.12 -29.51 7.06
C ALA C 164 -2.50 -30.31 5.80
N GLN C 165 -1.49 -30.59 4.98
CA GLN C 165 -1.67 -31.31 3.72
C GLN C 165 -2.30 -32.67 4.07
N PRO C 166 -3.52 -32.93 3.52
CA PRO C 166 -4.35 -34.09 3.85
C PRO C 166 -3.66 -35.43 3.66
N ASP C 167 -2.65 -35.45 2.78
CA ASP C 167 -1.97 -36.69 2.44
C ASP C 167 -1.32 -37.34 3.65
N PHE C 168 -1.02 -36.54 4.67
CA PHE C 168 -0.34 -37.03 5.86
C PHE C 168 -1.26 -37.77 6.85
N THR C 169 -2.55 -37.80 6.53
CA THR C 169 -3.49 -38.55 7.35
C THR C 169 -3.74 -39.93 6.73
N ARG C 170 -3.07 -40.18 5.60
CA ARG C 170 -3.20 -41.45 4.87
C ARG C 170 -1.91 -42.11 4.38
N VAL C 171 -0.81 -41.38 4.34
CA VAL C 171 0.42 -42.02 3.89
C VAL C 171 1.07 -42.65 5.11
N HIS C 172 2.05 -43.50 4.90
CA HIS C 172 2.65 -44.25 6.00
C HIS C 172 4.12 -43.88 6.21
N ARG C 173 4.91 -43.91 5.15
CA ARG C 173 6.32 -43.52 5.26
C ARG C 173 6.70 -42.42 4.26
N VAL C 174 7.23 -41.32 4.78
CA VAL C 174 7.59 -40.17 3.98
C VAL C 174 9.11 -40.13 3.80
N LEU C 175 9.57 -39.97 2.56
CA LEU C 175 11.00 -39.80 2.28
C LEU C 175 11.32 -38.32 2.02
N ASP C 176 12.02 -37.68 2.96
CA ASP C 176 12.39 -36.26 2.84
C ASP C 176 13.69 -36.12 2.07
N VAL C 177 13.60 -35.82 0.77
CA VAL C 177 14.80 -35.69 -0.06
C VAL C 177 15.53 -34.37 0.22
N GLY C 178 16.82 -34.48 0.54
CA GLY C 178 17.62 -33.32 0.90
C GLY C 178 17.07 -32.69 2.15
N GLY C 179 16.62 -33.53 3.06
CA GLY C 179 15.89 -33.11 4.25
C GLY C 179 16.66 -32.40 5.33
N GLY C 180 17.99 -32.44 5.25
CA GLY C 180 18.85 -31.60 6.07
C GLY C 180 18.81 -31.71 7.60
N ASP C 181 18.27 -30.66 8.22
CA ASP C 181 18.29 -30.56 9.67
C ASP C 181 17.08 -31.23 10.32
N ALA C 182 16.36 -32.06 9.57
CA ALA C 182 15.27 -32.86 10.11
C ALA C 182 14.14 -32.07 10.80
N VAL C 183 14.22 -30.74 10.77
CA VAL C 183 13.23 -29.90 11.45
C VAL C 183 11.81 -30.10 10.92
N ASN C 184 11.69 -30.11 9.60
CA ASN C 184 10.42 -30.37 8.97
C ASN C 184 10.02 -31.82 9.21
N ALA C 185 10.99 -32.71 9.14
CA ALA C 185 10.73 -34.13 9.36
C ALA C 185 10.13 -34.33 10.74
N VAL C 186 10.80 -33.74 11.73
CA VAL C 186 10.37 -33.79 13.12
C VAL C 186 9.00 -33.14 13.32
N ALA C 187 8.85 -31.91 12.84
CA ALA C 187 7.57 -31.20 12.94
C ALA C 187 6.44 -32.04 12.40
N LEU C 188 6.69 -32.64 11.24
CA LEU C 188 5.74 -33.51 10.54
C LEU C 188 5.31 -34.71 11.40
N ALA C 189 6.29 -35.37 12.03
CA ALA C 189 6.02 -36.55 12.85
C ALA C 189 5.14 -36.20 14.04
N ARG C 190 5.37 -35.04 14.61
CA ARG C 190 4.59 -34.54 15.73
C ARG C 190 3.13 -34.34 15.31
N ALA C 191 2.91 -33.73 14.16
CA ALA C 191 1.56 -33.39 13.73
C ALA C 191 0.76 -34.62 13.37
N HIS C 192 1.48 -35.67 13.02
CA HIS C 192 0.88 -36.92 12.57
C HIS C 192 1.56 -38.10 13.26
N PRO C 193 0.96 -38.53 14.40
CA PRO C 193 1.52 -39.48 15.37
C PRO C 193 1.87 -40.83 14.76
N SER C 194 1.06 -41.25 13.80
CA SER C 194 1.21 -42.57 13.19
C SER C 194 2.24 -42.57 12.07
N LEU C 195 2.47 -41.38 11.50
CA LEU C 195 3.37 -41.21 10.37
C LEU C 195 4.81 -41.57 10.72
N ARG C 196 5.56 -42.04 9.72
CA ARG C 196 6.99 -42.35 9.82
C ARG C 196 7.75 -41.54 8.77
N VAL C 197 8.98 -41.11 9.07
CA VAL C 197 9.75 -40.24 8.17
C VAL C 197 11.21 -40.67 8.07
N THR C 198 11.76 -40.66 6.86
CA THR C 198 13.18 -40.93 6.65
C THR C 198 13.89 -39.71 6.06
N VAL C 199 14.97 -39.25 6.69
CA VAL C 199 15.70 -38.09 6.15
C VAL C 199 16.87 -38.48 5.25
N LEU C 200 16.73 -38.23 3.96
CA LEU C 200 17.77 -38.59 2.98
C LEU C 200 18.58 -37.35 2.60
N ASP C 201 19.86 -37.36 2.94
CA ASP C 201 20.76 -36.27 2.58
C ASP C 201 22.21 -36.76 2.64
N ARG C 202 23.14 -35.87 2.32
CA ARG C 202 24.56 -36.21 2.37
C ARG C 202 24.91 -36.34 3.84
N PRO C 203 25.89 -37.21 4.17
CA PRO C 203 26.22 -37.48 5.58
C PRO C 203 26.34 -36.20 6.43
N GLY C 204 26.81 -35.11 5.83
CA GLY C 204 27.08 -33.89 6.57
C GLY C 204 25.90 -33.24 7.26
N ALA C 205 24.76 -33.17 6.58
CA ALA C 205 23.61 -32.56 7.19
C ALA C 205 23.01 -33.49 8.27
N LEU C 206 23.26 -34.79 8.13
CA LEU C 206 22.58 -35.78 8.96
C LEU C 206 23.01 -35.83 10.43
N GLU C 207 24.20 -35.37 10.74
CA GLU C 207 24.66 -35.36 12.14
C GLU C 207 23.93 -34.25 12.86
N VAL C 208 23.54 -33.24 12.11
CA VAL C 208 22.74 -32.16 12.64
C VAL C 208 21.30 -32.65 12.76
N ALA C 209 20.92 -33.55 11.88
CA ALA C 209 19.57 -34.10 11.89
C ALA C 209 19.32 -34.98 13.09
N ARG C 210 20.33 -35.78 13.45
CA ARG C 210 20.19 -36.76 14.53
C ARG C 210 20.13 -36.09 15.89
N LYS C 211 20.57 -34.84 15.95
CA LYS C 211 20.55 -34.09 17.19
C LYS C 211 19.19 -33.41 17.34
N THR C 212 18.60 -33.05 16.21
CA THR C 212 17.28 -32.41 16.17
C THR C 212 16.18 -33.41 16.53
N ILE C 213 16.34 -34.65 16.06
CA ILE C 213 15.41 -35.73 16.36
C ILE C 213 15.54 -36.12 17.82
N ALA C 214 16.79 -36.20 18.29
CA ALA C 214 17.07 -36.59 19.66
C ALA C 214 16.33 -35.68 20.64
N GLU C 215 16.48 -34.36 20.51
CA GLU C 215 15.76 -33.39 21.35
C GLU C 215 14.22 -33.60 21.35
N ALA C 216 13.70 -34.15 20.24
CA ALA C 216 12.26 -34.40 20.13
C ALA C 216 11.87 -35.82 20.59
N GLY C 217 12.87 -36.67 20.86
CA GLY C 217 12.64 -38.03 21.32
C GLY C 217 11.87 -38.87 20.31
N LEU C 218 12.19 -38.68 19.04
CA LEU C 218 11.47 -39.35 17.96
C LEU C 218 12.35 -40.27 17.10
N GLU C 219 13.35 -40.92 17.69
CA GLU C 219 14.23 -41.80 16.92
C GLU C 219 13.53 -43.05 16.39
N GLU C 220 12.33 -43.34 16.89
CA GLU C 220 11.57 -44.50 16.40
C GLU C 220 10.91 -44.25 15.03
N ARG C 221 10.19 -43.14 14.89
CA ARG C 221 9.43 -42.88 13.66
C ARG C 221 10.20 -42.04 12.65
N VAL C 222 11.26 -41.38 13.09
CA VAL C 222 12.06 -40.56 12.19
C VAL C 222 13.50 -41.05 12.14
N ARG C 223 13.82 -41.84 11.12
CA ARG C 223 15.18 -42.35 10.96
C ARG C 223 15.92 -41.48 9.95
N THR C 224 17.22 -41.69 9.77
CA THR C 224 17.97 -40.97 8.73
C THR C 224 18.64 -41.98 7.82
N HIS C 225 19.00 -41.53 6.62
CA HIS C 225 19.57 -42.39 5.57
C HIS C 225 20.59 -41.61 4.74
N ALA C 226 21.86 -42.02 4.81
CA ALA C 226 22.93 -41.36 4.08
C ALA C 226 22.87 -41.64 2.58
N ALA C 227 22.85 -40.57 1.78
CA ALA C 227 22.88 -40.68 0.32
C ALA C 227 23.10 -39.32 -0.34
N ASP C 228 23.61 -39.35 -1.57
CA ASP C 228 23.59 -38.14 -2.39
C ASP C 228 22.35 -38.15 -3.30
N ILE C 229 21.54 -37.12 -3.19
CA ILE C 229 20.22 -37.10 -3.82
C ILE C 229 20.29 -37.09 -5.35
N PHE C 230 21.48 -36.94 -5.90
CA PHE C 230 21.62 -36.83 -7.36
C PHE C 230 22.23 -38.07 -7.98
N THR C 231 23.21 -38.65 -7.28
CA THR C 231 23.97 -39.78 -7.80
C THR C 231 23.47 -41.14 -7.30
N ASP C 232 23.23 -41.25 -6.00
CA ASP C 232 22.81 -42.52 -5.39
C ASP C 232 21.35 -42.87 -5.75
N SER C 233 20.91 -44.06 -5.33
CA SER C 233 19.52 -44.48 -5.51
C SER C 233 18.73 -44.27 -4.21
N TYR C 234 17.40 -44.23 -4.30
CA TYR C 234 16.57 -43.93 -3.12
C TYR C 234 16.04 -45.20 -2.48
N PRO C 235 15.93 -45.20 -1.14
CA PRO C 235 15.39 -46.30 -0.35
C PRO C 235 13.98 -46.65 -0.77
N ALA C 236 13.70 -47.93 -0.97
CA ALA C 236 12.37 -48.30 -1.42
C ALA C 236 11.41 -48.37 -0.25
N GLY C 237 10.17 -48.67 -0.54
CA GLY C 237 9.18 -48.87 0.50
C GLY C 237 8.53 -47.60 1.00
N HIS C 238 8.80 -46.48 0.33
CA HIS C 238 8.18 -45.26 0.82
C HIS C 238 6.89 -44.91 0.07
N ASP C 239 5.91 -44.55 0.88
CA ASP C 239 4.54 -44.33 0.47
C ASP C 239 4.39 -42.91 -0.08
N CYS C 240 5.40 -42.08 0.16
CA CYS C 240 5.33 -40.65 -0.15
C CYS C 240 6.73 -40.06 -0.25
N VAL C 241 6.96 -39.25 -1.28
CA VAL C 241 8.28 -38.60 -1.41
C VAL C 241 8.12 -37.08 -1.33
N LEU C 242 8.95 -36.48 -0.48
CA LEU C 242 8.82 -35.07 -0.18
C LEU C 242 10.07 -34.32 -0.59
N PHE C 243 9.86 -33.19 -1.25
CA PHE C 243 10.93 -32.25 -1.51
C PHE C 243 10.54 -30.96 -0.84
N ALA C 244 11.08 -30.72 0.36
CA ALA C 244 10.94 -29.43 1.00
C ALA C 244 12.31 -28.86 0.72
N HIS C 245 12.70 -27.78 1.37
CA HIS C 245 13.94 -27.11 1.00
C HIS C 245 13.85 -26.75 -0.47
N GLN C 246 14.95 -26.68 -1.19
CA GLN C 246 14.73 -26.21 -2.55
C GLN C 246 14.97 -27.12 -3.81
N LEU C 247 16.12 -27.79 -3.93
CA LEU C 247 17.25 -27.71 -3.01
C LEU C 247 18.29 -26.58 -3.19
N VAL C 248 18.41 -25.86 -4.31
CA VAL C 248 18.23 -26.37 -5.68
C VAL C 248 19.47 -26.63 -6.54
N ILE C 249 19.14 -27.29 -7.65
CA ILE C 249 19.83 -27.32 -8.91
C ILE C 249 18.81 -26.49 -9.70
N TRP C 250 19.14 -25.82 -10.81
CA TRP C 250 18.13 -24.87 -11.31
C TRP C 250 17.37 -25.20 -12.60
N SER C 251 17.95 -25.94 -13.53
CA SER C 251 17.21 -26.20 -14.77
C SER C 251 16.01 -27.13 -14.62
N PRO C 252 14.98 -26.89 -15.44
CA PRO C 252 13.89 -27.87 -15.53
C PRO C 252 14.48 -29.27 -15.76
N GLU C 253 15.59 -29.32 -16.51
CA GLU C 253 16.27 -30.56 -16.86
C GLU C 253 16.63 -31.42 -15.65
N GLN C 254 17.24 -30.83 -14.63
CA GLN C 254 17.61 -31.67 -13.50
C GLN C 254 16.53 -31.84 -12.48
N ASN C 255 15.64 -30.86 -12.39
CA ASN C 255 14.50 -31.02 -11.51
C ASN C 255 13.60 -32.16 -11.97
N LEU C 256 13.50 -32.28 -13.27
CA LEU C 256 12.71 -33.32 -13.90
C LEU C 256 13.37 -34.66 -13.63
N THR C 257 14.70 -34.65 -13.63
CA THR C 257 15.48 -35.84 -13.31
C THR C 257 15.21 -36.31 -11.91
N LEU C 258 15.28 -35.38 -10.97
CA LEU C 258 15.01 -35.68 -9.59
C LEU C 258 13.60 -36.26 -9.43
N LEU C 259 12.63 -35.67 -10.13
CA LEU C 259 11.24 -36.08 -9.99
C LEU C 259 10.98 -37.44 -10.59
N ARG C 260 11.72 -37.78 -11.65
CA ARG C 260 11.63 -39.13 -12.18
C ARG C 260 12.26 -40.13 -11.21
N LYS C 261 13.34 -39.73 -10.55
CA LYS C 261 13.97 -40.55 -9.53
C LYS C 261 12.98 -40.78 -8.40
N ALA C 262 12.22 -39.74 -8.10
CA ALA C 262 11.21 -39.84 -7.06
C ALA C 262 10.13 -40.80 -7.50
N TYR C 263 9.77 -40.74 -8.78
CA TYR C 263 8.75 -41.64 -9.32
C TYR C 263 9.17 -43.08 -9.17
N ASP C 264 10.43 -43.40 -9.46
CA ASP C 264 10.86 -44.79 -9.41
C ASP C 264 11.02 -45.25 -7.96
N ALA C 265 11.26 -44.31 -7.06
CA ALA C 265 11.46 -44.63 -5.65
C ALA C 265 10.14 -44.79 -4.88
N VAL C 266 9.17 -43.93 -5.17
CA VAL C 266 7.87 -43.96 -4.48
C VAL C 266 7.11 -45.25 -4.83
N GLU C 267 6.22 -45.67 -3.93
CA GLU C 267 5.53 -46.92 -4.09
C GLU C 267 4.33 -46.59 -4.94
N PRO C 268 3.90 -47.53 -5.79
CA PRO C 268 2.71 -47.29 -6.62
C PRO C 268 1.51 -46.93 -5.77
N GLY C 269 0.73 -45.94 -6.19
CA GLY C 269 -0.37 -45.45 -5.38
C GLY C 269 0.07 -44.31 -4.49
N GLY C 270 1.39 -44.20 -4.33
CA GLY C 270 2.04 -43.22 -3.49
C GLY C 270 1.90 -41.81 -4.02
N ARG C 271 2.33 -40.82 -3.23
CA ARG C 271 2.17 -39.42 -3.58
C ARG C 271 3.53 -38.74 -3.65
N VAL C 272 3.63 -37.70 -4.48
CA VAL C 272 4.83 -36.86 -4.44
C VAL C 272 4.42 -35.45 -3.99
N LEU C 273 5.24 -34.82 -3.16
CA LEU C 273 4.94 -33.48 -2.64
C LEU C 273 6.12 -32.57 -2.81
N VAL C 274 5.89 -31.47 -3.51
CA VAL C 274 6.91 -30.45 -3.56
C VAL C 274 6.44 -29.28 -2.73
N PHE C 275 7.22 -28.94 -1.72
CA PHE C 275 6.87 -27.86 -0.82
C PHE C 275 7.91 -26.75 -0.93
N ASN C 276 7.52 -25.59 -1.49
CA ASN C 276 8.34 -24.39 -1.33
C ASN C 276 7.68 -23.09 -1.75
N ALA C 277 8.49 -22.04 -1.80
CA ALA C 277 8.05 -20.68 -2.09
C ALA C 277 7.97 -20.41 -3.58
N PHE C 278 6.99 -21.03 -4.22
CA PHE C 278 6.77 -20.91 -5.64
C PHE C 278 6.60 -19.46 -6.07
N THR C 279 7.14 -19.12 -7.24
CA THR C 279 6.85 -17.85 -7.89
C THR C 279 5.43 -17.89 -8.43
N ASP C 280 4.76 -16.73 -8.44
CA ASP C 280 3.44 -16.68 -9.02
C ASP C 280 3.55 -17.05 -10.49
N ASP C 281 2.50 -17.65 -11.04
CA ASP C 281 2.54 -18.08 -12.43
C ASP C 281 2.80 -16.90 -13.36
N ASP C 282 2.39 -15.70 -12.96
CA ASP C 282 2.61 -14.52 -13.82
C ASP C 282 3.90 -13.74 -13.53
N ARG C 283 4.74 -14.26 -12.65
CA ARG C 283 6.03 -13.64 -12.34
C ARG C 283 5.94 -12.18 -11.85
N THR C 284 4.85 -11.89 -11.13
CA THR C 284 4.63 -10.57 -10.54
C THR C 284 4.84 -10.58 -9.04
N GLY C 285 5.19 -11.74 -8.52
CA GLY C 285 5.32 -11.90 -7.08
C GLY C 285 5.42 -13.38 -6.80
N PRO C 286 5.21 -13.77 -5.56
CA PRO C 286 4.88 -12.91 -4.42
C PRO C 286 6.12 -12.19 -3.88
N LEU C 287 5.90 -11.06 -3.22
CA LEU C 287 6.97 -10.22 -2.71
C LEU C 287 7.94 -10.94 -1.76
N TYR C 288 7.40 -11.76 -0.87
CA TYR C 288 8.22 -12.54 0.06
C TYR C 288 9.29 -13.29 -0.69
N ALA C 289 8.86 -14.21 -1.56
CA ALA C 289 9.76 -15.04 -2.36
C ALA C 289 10.73 -14.20 -3.19
N ALA C 290 10.22 -13.16 -3.82
CA ALA C 290 11.02 -12.25 -4.62
C ALA C 290 12.16 -11.61 -3.85
N LEU C 291 11.93 -11.25 -2.58
CA LEU C 291 12.94 -10.53 -1.80
C LEU C 291 13.84 -11.47 -1.00
N ASP C 292 13.25 -12.60 -0.63
CA ASP C 292 13.98 -13.70 0.00
C ASP C 292 15.06 -14.24 -0.95
N ASN C 293 14.87 -13.98 -2.25
CA ASN C 293 15.82 -14.42 -3.26
C ASN C 293 17.18 -13.79 -3.07
N VAL C 294 17.23 -12.62 -2.44
CA VAL C 294 18.52 -11.96 -2.26
C VAL C 294 19.44 -12.80 -1.40
N TYR C 295 18.87 -13.37 -0.34
CA TYR C 295 19.64 -14.24 0.53
C TYR C 295 20.13 -15.46 -0.25
N PHE C 296 19.21 -16.12 -0.97
CA PHE C 296 19.56 -17.33 -1.73
C PHE C 296 20.61 -17.09 -2.82
N THR C 297 20.65 -15.87 -3.33
CA THR C 297 21.58 -15.53 -4.40
C THR C 297 22.97 -15.25 -3.88
N THR C 298 23.05 -14.82 -2.63
CA THR C 298 24.29 -14.27 -2.06
C THR C 298 25.09 -15.19 -1.14
N LEU C 299 24.42 -16.13 -0.46
CA LEU C 299 25.10 -16.94 0.54
C LEU C 299 25.15 -18.45 0.28
N PRO C 300 23.98 -19.12 0.19
CA PRO C 300 23.97 -20.58 0.03
C PRO C 300 24.42 -21.00 -1.36
N PHE C 301 24.94 -22.21 -1.48
CA PHE C 301 25.30 -22.75 -2.79
C PHE C 301 24.00 -23.25 -3.45
N ARG C 302 22.91 -23.10 -2.67
CA ARG C 302 21.55 -23.46 -3.07
C ARG C 302 21.06 -22.26 -3.87
N HIS C 303 20.63 -22.52 -5.09
CA HIS C 303 20.26 -21.48 -6.05
C HIS C 303 18.95 -20.77 -5.65
N SER C 304 19.00 -19.44 -5.55
CA SER C 304 17.75 -18.68 -5.45
C SER C 304 16.77 -19.24 -6.45
N THR C 305 15.60 -19.69 -6.02
CA THR C 305 14.81 -20.34 -7.06
C THR C 305 13.56 -19.67 -7.64
N ILE C 306 13.55 -19.48 -8.97
CA ILE C 306 12.29 -19.06 -9.56
C ILE C 306 11.67 -20.15 -10.42
N HIS C 307 10.74 -20.89 -9.85
CA HIS C 307 9.95 -21.79 -10.63
C HIS C 307 8.56 -21.49 -10.15
N ARG C 308 7.65 -21.41 -11.11
CA ARG C 308 6.25 -21.19 -10.81
C ARG C 308 5.54 -22.45 -10.36
N TRP C 309 4.37 -22.26 -9.79
CA TRP C 309 3.50 -23.37 -9.50
C TRP C 309 3.32 -24.19 -10.78
N ALA C 310 3.04 -23.50 -11.88
CA ALA C 310 2.79 -24.16 -13.14
C ALA C 310 3.99 -25.00 -13.63
N ASP C 311 5.19 -24.47 -13.49
CA ASP C 311 6.38 -25.23 -13.84
C ASP C 311 6.42 -26.57 -13.09
N CYS C 312 6.18 -26.51 -11.79
CA CYS C 312 6.31 -27.71 -10.99
C CYS C 312 5.18 -28.69 -11.32
N GLU C 313 3.98 -28.15 -11.53
CA GLU C 313 2.85 -28.99 -11.92
C GLU C 313 3.19 -29.68 -13.23
N SER C 314 3.81 -28.94 -14.15
CA SER C 314 4.23 -29.51 -15.42
C SER C 314 5.29 -30.60 -15.25
N TRP C 315 6.35 -30.36 -14.49
CA TRP C 315 7.38 -31.39 -14.32
C TRP C 315 6.78 -32.68 -13.80
N LEU C 316 5.80 -32.56 -12.93
CA LEU C 316 5.14 -33.71 -12.34
C LEU C 316 4.40 -34.51 -13.41
N ARG C 317 3.72 -33.84 -14.34
CA ARG C 317 3.05 -34.61 -15.40
C ARG C 317 4.06 -35.28 -16.31
N GLU C 318 5.10 -34.54 -16.67
CA GLU C 318 6.14 -35.02 -17.56
C GLU C 318 6.92 -36.18 -16.92
N ALA C 319 6.89 -36.30 -15.61
CA ALA C 319 7.63 -37.37 -14.93
C ALA C 319 6.75 -38.59 -14.72
N GLY C 320 5.49 -38.45 -15.08
CA GLY C 320 4.57 -39.57 -15.05
C GLY C 320 3.56 -39.57 -13.95
N PHE C 321 3.50 -38.49 -13.18
CA PHE C 321 2.55 -38.42 -12.07
C PHE C 321 1.15 -38.04 -12.54
N THR C 322 0.13 -38.51 -11.83
CA THR C 322 -1.24 -38.17 -12.21
C THR C 322 -1.91 -37.47 -11.05
N ASP C 323 -3.11 -36.92 -11.29
CA ASP C 323 -3.84 -36.17 -10.27
C ASP C 323 -2.94 -35.05 -9.72
N VAL C 324 -2.33 -34.31 -10.63
CA VAL C 324 -1.42 -33.22 -10.26
C VAL C 324 -2.17 -31.93 -9.94
N GLY C 325 -1.86 -31.36 -8.78
CA GLY C 325 -2.47 -30.09 -8.41
C GLY C 325 -1.68 -29.35 -7.33
N ARG C 326 -2.26 -28.26 -6.86
CA ARG C 326 -1.59 -27.44 -5.86
C ARG C 326 -2.50 -27.11 -4.67
N THR C 327 -1.87 -27.00 -3.51
CA THR C 327 -2.49 -26.54 -2.29
C THR C 327 -1.89 -25.17 -2.02
N ALA C 328 -2.63 -24.12 -2.38
CA ALA C 328 -2.22 -22.70 -2.18
C ALA C 328 -1.94 -22.33 -0.72
N PRO C 329 -1.12 -21.26 -0.50
CA PRO C 329 -0.79 -21.01 0.90
C PRO C 329 -1.97 -20.38 1.65
N PRO C 330 -2.16 -20.83 2.90
CA PRO C 330 -3.18 -20.34 3.85
C PRO C 330 -3.00 -18.87 4.20
N GLY C 331 -1.79 -18.45 4.57
CA GLY C 331 -1.61 -17.09 5.05
C GLY C 331 -0.49 -16.29 4.44
N TRP C 332 0.22 -15.53 5.27
CA TRP C 332 1.08 -14.47 4.75
C TRP C 332 2.36 -14.93 4.06
N THR C 333 2.81 -16.16 4.31
CA THR C 333 4.01 -16.68 3.64
C THR C 333 3.67 -17.30 2.28
N PRO C 334 4.64 -17.33 1.36
CA PRO C 334 4.30 -17.84 0.04
C PRO C 334 4.47 -19.36 -0.14
N HIS C 335 4.81 -20.11 0.91
CA HIS C 335 5.09 -21.53 0.73
C HIS C 335 3.78 -22.26 0.49
N GLY C 336 3.82 -23.27 -0.38
CA GLY C 336 2.63 -24.02 -0.70
C GLY C 336 3.06 -25.39 -1.17
N VAL C 337 2.11 -26.19 -1.64
CA VAL C 337 2.45 -27.54 -2.06
C VAL C 337 1.91 -27.91 -3.43
N VAL C 338 2.80 -28.40 -4.28
CA VAL C 338 2.40 -29.01 -5.53
C VAL C 338 2.56 -30.50 -5.36
N SER C 339 1.55 -31.25 -5.77
CA SER C 339 1.55 -32.68 -5.49
C SER C 339 1.04 -33.53 -6.67
N GLY C 340 1.36 -34.82 -6.63
CA GLY C 340 0.87 -35.77 -7.61
C GLY C 340 0.92 -37.21 -7.14
N SER C 341 0.35 -38.10 -7.93
CA SER C 341 0.25 -39.52 -7.59
C SER C 341 0.92 -40.44 -8.62
N ARG C 342 1.58 -41.50 -8.12
CA ARG C 342 2.02 -42.58 -8.99
C ARG C 342 0.89 -43.62 -9.10
N PRO C 343 0.67 -44.17 -10.31
CA PRO C 343 -0.48 -45.08 -10.46
C PRO C 343 -0.26 -46.60 -10.13
N ARG C 344 -1.02 -47.47 -10.81
CA ARG C 344 -1.26 -48.89 -10.44
C ARG C 344 -0.34 -49.98 -11.04
N ALA C 345 0.57 -50.50 -10.20
CA ALA C 345 1.75 -51.25 -10.64
C ALA C 345 2.35 -52.10 -9.52
N ALA C 346 1.62 -52.18 -8.41
CA ALA C 346 2.09 -52.83 -7.19
C ALA C 346 1.83 -54.31 -7.26
N ALA C 347 0.81 -54.68 -8.05
CA ALA C 347 0.36 -56.06 -8.10
C ALA C 347 0.93 -56.83 -9.31
N LEU C 348 2.23 -57.15 -9.22
CA LEU C 348 2.89 -58.10 -10.13
C LEU C 348 2.79 -59.56 -9.65
N GLU C 349 1.59 -60.07 -9.79
CA GLU C 349 1.25 -61.46 -9.62
C GLU C 349 0.78 -61.97 -11.00
N HIS C 350 1.74 -62.23 -11.88
CA HIS C 350 1.44 -62.67 -13.26
C HIS C 350 1.82 -64.14 -13.57
N HIS C 351 0.78 -64.96 -13.68
CA HIS C 351 0.80 -66.43 -13.60
C HIS C 351 -0.59 -66.95 -14.10
N HIS C 352 -0.73 -68.26 -14.30
CA HIS C 352 -1.97 -68.81 -14.83
C HIS C 352 -2.52 -69.93 -13.94
N GLU D 4 7.30 15.43 57.11
CA GLU D 4 7.07 16.03 58.44
C GLU D 4 6.91 17.54 58.30
N LEU D 5 7.92 18.20 57.72
CA LEU D 5 7.77 19.58 57.31
C LEU D 5 7.04 19.71 55.96
N SER D 6 6.76 18.56 55.35
CA SER D 6 6.14 18.49 54.04
C SER D 6 4.77 19.19 53.95
N ALA D 7 4.07 19.31 55.08
CA ALA D 7 2.76 19.98 55.13
C ALA D 7 2.92 21.48 54.95
N LEU D 8 4.15 21.96 55.04
CA LEU D 8 4.42 23.39 54.86
C LEU D 8 4.31 23.80 53.40
N VAL D 9 4.54 22.82 52.52
CA VAL D 9 4.74 23.05 51.09
C VAL D 9 3.55 23.74 50.41
N PRO D 10 2.30 23.26 50.62
CA PRO D 10 1.15 23.91 49.97
C PRO D 10 0.89 25.34 50.40
N VAL D 11 1.54 25.75 51.49
CA VAL D 11 1.45 27.05 52.15
C VAL D 11 2.65 27.97 51.87
N LEU D 12 3.86 27.45 52.07
CA LEU D 12 5.12 28.15 51.80
C LEU D 12 5.25 28.57 50.33
N PHE D 13 4.66 27.77 49.42
CA PHE D 13 4.62 28.08 48.00
C PHE D 13 3.17 28.27 47.56
N GLY D 14 2.30 28.62 48.48
CA GLY D 14 0.87 28.68 48.21
C GLY D 14 0.50 29.65 47.13
N HIS D 15 1.25 30.74 47.01
CA HIS D 15 0.93 31.72 45.99
C HIS D 15 1.26 31.17 44.57
N ALA D 16 2.31 30.36 44.50
CA ALA D 16 2.71 29.73 43.26
C ALA D 16 1.67 28.67 42.89
N ALA D 17 1.20 27.95 43.90
CA ALA D 17 0.14 26.99 43.71
C ALA D 17 -1.09 27.71 43.13
N PHE D 18 -1.37 28.92 43.58
CA PHE D 18 -2.45 29.66 42.96
C PHE D 18 -2.12 29.96 41.48
N GLN D 19 -0.88 30.31 41.22
CA GLN D 19 -0.52 30.72 39.87
C GLN D 19 -0.70 29.61 38.82
N GLN D 20 -0.55 28.36 39.24
CA GLN D 20 -0.78 27.23 38.38
C GLN D 20 -2.25 27.20 37.97
N LEU D 21 -3.16 27.33 38.94
CA LEU D 21 -4.58 27.40 38.61
C LEU D 21 -4.85 28.61 37.73
N ASN D 22 -4.20 29.71 38.07
CA ASN D 22 -4.37 30.95 37.33
C ASN D 22 -4.02 30.78 35.84
N ALA D 23 -2.80 30.30 35.59
CA ALA D 23 -2.31 30.09 34.23
C ALA D 23 -3.18 29.08 33.47
N GLY D 24 -3.41 27.92 34.07
CA GLY D 24 -4.27 26.91 33.50
C GLY D 24 -5.62 27.48 33.10
N CYS D 25 -6.01 28.58 33.72
CA CYS D 25 -7.25 29.26 33.34
C CYS D 25 -7.05 30.28 32.22
N GLN D 26 -6.03 31.12 32.37
CA GLN D 26 -5.74 32.16 31.38
C GLN D 26 -5.30 31.58 30.04
N LEU D 27 -4.60 30.44 30.06
CA LEU D 27 -4.07 29.84 28.84
C LEU D 27 -5.05 28.80 28.28
N GLY D 28 -6.20 28.66 28.92
CA GLY D 28 -7.26 27.81 28.41
C GLY D 28 -6.98 26.34 28.49
N LEU D 29 -6.03 25.97 29.36
CA LEU D 29 -5.63 24.58 29.54
C LEU D 29 -6.79 23.68 29.96
N PHE D 30 -7.62 24.15 30.87
CA PHE D 30 -8.69 23.30 31.38
C PHE D 30 -9.82 23.14 30.35
N GLU D 31 -10.13 24.20 29.61
CA GLU D 31 -11.14 24.11 28.53
C GLU D 31 -10.66 23.15 27.47
N LEU D 32 -9.38 23.31 27.09
CA LEU D 32 -8.72 22.40 26.15
C LEU D 32 -8.85 20.95 26.57
N LEU D 33 -8.33 20.60 27.74
CA LEU D 33 -8.41 19.22 28.20
C LEU D 33 -9.86 18.77 28.36
N HIS D 34 -10.80 19.69 28.55
CA HIS D 34 -12.18 19.26 28.73
C HIS D 34 -12.77 18.78 27.43
N GLU D 35 -12.56 19.55 26.37
CA GLU D 35 -13.16 19.23 25.09
C GLU D 35 -12.37 18.15 24.32
N ARG D 36 -11.06 18.30 24.27
CA ARG D 36 -10.26 17.39 23.46
C ARG D 36 -9.60 16.27 24.27
N GLY D 37 -10.39 15.65 25.17
CA GLY D 37 -10.08 14.39 25.82
C GLY D 37 -8.68 14.32 26.35
N PRO D 38 -8.11 13.12 26.51
CA PRO D 38 -6.69 13.10 26.90
C PRO D 38 -5.76 13.60 25.82
N LEU D 39 -4.89 14.55 26.14
CA LEU D 39 -3.89 15.07 25.21
C LEU D 39 -2.47 14.93 25.75
N SER D 40 -1.51 14.82 24.85
CA SER D 40 -0.11 14.64 25.19
C SER D 40 0.46 15.96 25.64
N ALA D 41 1.62 15.94 26.27
CA ALA D 41 2.31 17.18 26.62
C ALA D 41 2.51 18.05 25.39
N GLU D 42 3.09 17.40 24.37
CA GLU D 42 3.46 18.04 23.11
C GLU D 42 2.24 18.56 22.38
N GLU D 43 1.16 17.77 22.41
CA GLU D 43 -0.13 18.18 21.87
C GLU D 43 -0.67 19.42 22.62
N VAL D 44 -0.44 19.46 23.93
CA VAL D 44 -0.86 20.61 24.73
C VAL D 44 -0.04 21.84 24.38
N ALA D 45 1.29 21.70 24.40
CA ALA D 45 2.13 22.83 24.02
C ALA D 45 1.67 23.39 22.67
N ASP D 46 1.30 22.49 21.75
CA ASP D 46 0.87 22.94 20.43
C ASP D 46 -0.40 23.75 20.50
N ALA D 47 -1.47 23.17 21.02
CA ALA D 47 -2.79 23.82 20.98
C ALA D 47 -2.82 25.15 21.73
N LEU D 48 -1.97 25.27 22.74
CA LEU D 48 -1.90 26.48 23.55
C LEU D 48 -0.81 27.42 23.05
N ARG D 49 -0.08 26.99 22.02
CA ARG D 49 1.01 27.81 21.45
C ARG D 49 2.01 28.22 22.52
N LEU D 50 2.49 27.24 23.28
CA LEU D 50 3.44 27.51 24.34
C LEU D 50 4.76 26.82 24.01
N PRO D 51 5.88 27.47 24.36
CA PRO D 51 7.19 26.85 24.27
C PRO D 51 7.14 25.53 24.99
N ARG D 52 7.89 24.55 24.53
CA ARG D 52 7.80 23.24 25.13
C ARG D 52 8.22 23.33 26.62
N ARG D 53 9.26 24.11 26.91
CA ARG D 53 9.75 24.29 28.29
C ARG D 53 8.62 24.80 29.16
N SER D 54 7.85 25.74 28.64
CA SER D 54 6.71 26.26 29.35
C SER D 54 5.61 25.23 29.62
N ALA D 55 5.22 24.44 28.64
CA ALA D 55 4.15 23.47 28.87
C ALA D 55 4.55 22.38 29.88
N ASP D 56 5.81 21.95 29.87
CA ASP D 56 6.29 20.93 30.82
C ASP D 56 6.18 21.42 32.25
N ILE D 57 6.54 22.70 32.43
CA ILE D 57 6.40 23.43 33.68
C ILE D 57 4.92 23.63 34.06
N LEU D 58 4.09 24.21 33.20
CA LEU D 58 2.68 24.37 33.59
C LEU D 58 2.01 23.03 33.97
N LEU D 59 2.35 21.98 33.24
CA LEU D 59 1.71 20.69 33.44
C LEU D 59 2.23 19.96 34.68
N LEU D 60 3.51 20.19 35.02
CA LEU D 60 4.04 19.61 36.25
C LEU D 60 3.34 20.31 37.39
N GLY D 61 3.13 21.60 37.23
CA GLY D 61 2.41 22.40 38.20
C GLY D 61 1.02 21.84 38.45
N THR D 62 0.16 21.87 37.44
CA THR D 62 -1.24 21.53 37.59
C THR D 62 -1.47 20.08 38.03
N THR D 63 -0.49 19.26 37.75
CA THR D 63 -0.62 17.84 38.01
C THR D 63 -0.15 17.48 39.40
N ALA D 64 0.94 18.11 39.86
CA ALA D 64 1.41 17.98 41.23
C ALA D 64 0.31 18.38 42.21
N LEU D 65 -0.50 19.36 41.78
CA LEU D 65 -1.64 19.87 42.51
C LEU D 65 -2.93 19.06 42.36
N GLY D 66 -2.97 18.14 41.40
CA GLY D 66 -4.18 17.36 41.18
C GLY D 66 -5.27 18.05 40.36
N LEU D 67 -4.93 19.20 39.77
CA LEU D 67 -5.82 19.94 38.88
C LEU D 67 -5.92 19.24 37.51
N SER D 68 -4.85 18.53 37.18
CA SER D 68 -4.78 17.75 35.98
C SER D 68 -4.15 16.40 36.39
N THR D 69 -4.49 15.32 35.68
CA THR D 69 -3.84 14.02 35.92
C THR D 69 -3.09 13.61 34.68
N VAL D 70 -2.07 12.78 34.84
CA VAL D 70 -1.33 12.26 33.70
C VAL D 70 -1.30 10.72 33.73
N THR D 71 -1.79 10.10 32.66
CA THR D 71 -1.78 8.63 32.54
C THR D 71 -1.17 8.30 31.21
N ASP D 72 -0.12 7.46 31.22
CA ASP D 72 0.50 6.99 29.98
C ASP D 72 0.76 8.12 28.98
N GLY D 73 1.34 9.21 29.45
CA GLY D 73 1.67 10.33 28.58
C GLY D 73 0.54 11.32 28.32
N GLY D 74 -0.68 10.99 28.73
CA GLY D 74 -1.82 11.82 28.41
C GLY D 74 -2.49 12.55 29.56
N TYR D 75 -2.80 13.82 29.31
CA TYR D 75 -3.29 14.68 30.38
C TYR D 75 -4.80 14.89 30.35
N ARG D 76 -5.39 14.67 31.52
CA ARG D 76 -6.80 14.92 31.73
C ARG D 76 -6.99 16.01 32.79
N ASN D 77 -8.19 16.57 32.83
CA ASN D 77 -8.60 17.36 33.97
C ASN D 77 -8.80 16.43 35.15
N GLY D 78 -8.37 16.87 36.34
CA GLY D 78 -8.58 16.08 37.55
C GLY D 78 -10.00 16.18 38.05
N ALA D 79 -10.33 15.37 39.05
CA ALA D 79 -11.66 15.32 39.65
C ALA D 79 -12.33 16.69 39.98
N PRO D 80 -11.60 17.59 40.67
CA PRO D 80 -12.22 18.87 41.05
C PRO D 80 -12.57 19.67 39.81
N ILE D 81 -11.61 19.89 38.91
CA ILE D 81 -11.87 20.65 37.68
C ILE D 81 -12.90 19.98 36.77
N GLY D 82 -12.81 18.66 36.63
CA GLY D 82 -13.78 17.91 35.85
C GLY D 82 -15.20 18.11 36.34
N ALA D 83 -15.41 17.92 37.64
CA ALA D 83 -16.74 18.12 38.24
C ALA D 83 -17.24 19.53 37.95
N ALA D 84 -16.34 20.50 38.01
CA ALA D 84 -16.71 21.88 37.75
C ALA D 84 -17.33 22.02 36.36
N PHE D 85 -16.76 21.33 35.37
CA PHE D 85 -17.27 21.42 34.01
C PHE D 85 -18.59 20.70 33.94
N ARG D 86 -18.60 19.47 34.43
CA ARG D 86 -19.77 18.64 34.39
C ARG D 86 -20.99 19.24 35.09
N ASP D 87 -20.77 19.92 36.23
CA ASP D 87 -21.90 20.50 36.96
C ASP D 87 -22.22 21.93 36.49
N GLY D 88 -21.57 22.36 35.40
CA GLY D 88 -21.76 23.66 34.77
C GLY D 88 -21.19 24.86 35.52
N LEU D 89 -20.30 24.61 36.47
CA LEU D 89 -19.76 25.68 37.31
C LEU D 89 -18.54 26.33 36.67
N TRP D 90 -18.13 25.86 35.49
CA TRP D 90 -16.87 26.35 34.89
C TRP D 90 -16.78 27.86 34.63
N PRO D 91 -17.81 28.47 34.02
CA PRO D 91 -17.62 29.92 33.80
C PRO D 91 -17.48 30.67 35.13
N VAL D 92 -18.21 30.23 36.15
CA VAL D 92 -18.15 30.83 37.48
C VAL D 92 -16.74 30.70 38.04
N LEU D 93 -16.23 29.48 38.05
CA LEU D 93 -14.86 29.23 38.49
C LEU D 93 -13.85 30.04 37.68
N ARG D 94 -14.03 30.06 36.36
CA ARG D 94 -13.13 30.84 35.51
C ARG D 94 -13.09 32.31 35.89
N ASP D 95 -14.28 32.91 36.11
CA ASP D 95 -14.42 34.32 36.46
C ASP D 95 -13.78 34.59 37.83
N ILE D 96 -14.05 33.68 38.76
CA ILE D 96 -13.55 33.78 40.12
C ILE D 96 -12.05 33.73 40.17
N VAL D 97 -11.44 32.86 39.37
CA VAL D 97 -10.00 32.81 39.37
C VAL D 97 -9.44 34.13 38.83
N GLN D 98 -10.20 34.77 37.95
CA GLN D 98 -9.72 36.02 37.37
C GLN D 98 -9.83 37.15 38.40
N TYR D 99 -10.90 37.07 39.20
CA TYR D 99 -11.16 38.01 40.30
C TYR D 99 -10.00 37.96 41.31
N GLN D 100 -9.60 36.76 41.72
CA GLN D 100 -8.42 36.57 42.57
C GLN D 100 -7.14 37.12 41.92
N ASP D 101 -7.04 36.99 40.60
CA ASP D 101 -5.87 37.47 39.85
C ASP D 101 -5.79 38.98 39.88
N LYS D 102 -6.88 39.63 39.48
CA LYS D 102 -6.87 41.06 39.22
C LYS D 102 -7.23 41.97 40.41
N ILE D 103 -8.04 41.46 41.33
CA ILE D 103 -8.48 42.23 42.49
C ILE D 103 -7.74 41.78 43.76
N ALA D 104 -7.76 40.48 44.03
CA ALA D 104 -7.31 39.96 45.32
C ALA D 104 -5.81 39.81 45.49
N TYR D 105 -5.13 39.29 44.48
CA TYR D 105 -3.75 38.82 44.64
C TYR D 105 -2.74 39.83 45.24
N GLN D 106 -2.75 41.05 44.73
CA GLN D 106 -1.74 42.04 45.10
C GLN D 106 -1.98 42.70 46.45
N PRO D 107 -3.25 43.09 46.74
CA PRO D 107 -3.51 43.61 48.09
C PRO D 107 -3.25 42.57 49.20
N ALA D 108 -3.38 41.29 48.88
CA ALA D 108 -3.11 40.25 49.85
C ALA D 108 -1.67 40.32 50.40
N ALA D 109 -0.75 41.02 49.74
CA ALA D 109 0.61 41.19 50.30
C ALA D 109 0.63 42.25 51.42
N ASP D 110 -0.52 42.90 51.66
CA ASP D 110 -0.68 43.90 52.72
C ASP D 110 -1.50 43.34 53.89
N TYR D 111 -1.57 42.02 53.99
CA TYR D 111 -2.25 41.33 55.08
C TYR D 111 -1.68 41.75 56.41
N VAL D 112 -0.34 41.68 56.51
CA VAL D 112 0.37 41.97 57.75
C VAL D 112 0.02 43.36 58.27
N GLU D 113 0.11 44.37 57.41
CA GLU D 113 -0.19 45.71 57.84
C GLU D 113 -1.71 45.88 58.03
N SER D 114 -2.52 45.07 57.37
CA SER D 114 -3.99 45.15 57.54
C SER D 114 -4.43 44.69 58.93
N LEU D 115 -3.67 43.73 59.48
CA LEU D 115 -3.87 43.16 60.81
C LEU D 115 -3.41 44.09 61.94
N ARG D 116 -2.23 44.70 61.76
CA ARG D 116 -1.68 45.68 62.70
C ARG D 116 -2.64 46.84 62.91
N THR D 117 -3.14 47.42 61.82
CA THR D 117 -3.91 48.65 61.89
C THR D 117 -5.41 48.44 61.99
N GLY D 118 -5.86 47.22 61.71
CA GLY D 118 -7.29 46.91 61.75
C GLY D 118 -8.10 47.56 60.65
N GLN D 119 -7.39 48.21 59.71
CA GLN D 119 -8.00 48.70 58.48
C GLN D 119 -7.46 47.97 57.25
N ASN D 120 -7.97 48.37 56.08
CA ASN D 120 -7.58 47.75 54.80
C ASN D 120 -6.39 48.37 54.06
N ALA D 121 -5.17 48.03 54.51
CA ALA D 121 -3.94 48.62 54.00
C ALA D 121 -3.70 48.28 52.53
N GLY D 122 -4.39 47.26 52.05
CA GLY D 122 -4.24 46.79 50.68
C GLY D 122 -4.80 47.69 49.59
N ILE D 123 -5.69 48.62 49.93
CA ILE D 123 -6.26 49.56 48.96
C ILE D 123 -5.22 50.64 48.59
N ARG D 124 -4.02 50.46 49.11
CA ARG D 124 -2.85 51.25 48.77
C ARG D 124 -2.58 51.17 47.26
N HIS D 125 -3.04 50.06 46.69
CA HIS D 125 -2.92 49.76 45.27
C HIS D 125 -3.99 50.40 44.35
N PHE D 126 -4.87 51.25 44.91
CA PHE D 126 -5.94 51.86 44.11
C PHE D 126 -6.01 53.42 44.34
N PRO D 127 -7.19 54.04 44.63
CA PRO D 127 -6.90 55.48 44.64
C PRO D 127 -6.98 56.07 46.05
N GLY D 128 -7.49 57.30 46.15
CA GLY D 128 -7.61 57.97 47.42
C GLY D 128 -8.65 59.07 47.49
N THR D 129 -9.79 58.88 46.83
CA THR D 129 -10.93 59.78 47.01
C THR D 129 -11.78 59.11 48.07
N THR D 130 -12.98 59.60 48.37
CA THR D 130 -13.67 59.02 49.52
C THR D 130 -14.50 57.83 49.01
N ARG D 131 -15.06 57.05 49.93
CA ARG D 131 -15.01 55.61 49.74
C ARG D 131 -16.25 54.73 49.64
N ASP D 132 -16.01 53.67 48.86
CA ASP D 132 -16.82 52.48 48.70
C ASP D 132 -15.81 51.59 47.99
N LEU D 133 -15.96 50.28 48.00
CA LEU D 133 -14.94 49.52 47.31
C LEU D 133 -15.07 49.78 45.81
N TYR D 134 -16.30 49.93 45.34
CA TYR D 134 -16.56 50.02 43.90
C TYR D 134 -15.99 51.25 43.19
N SER D 135 -16.09 52.44 43.79
CA SER D 135 -15.56 53.64 43.13
C SER D 135 -14.05 53.61 43.07
N ARG D 136 -13.44 52.96 44.06
CA ARG D 136 -11.99 52.86 44.10
C ARG D 136 -11.48 52.09 42.90
N LEU D 137 -12.19 51.00 42.59
CA LEU D 137 -11.86 50.15 41.44
C LEU D 137 -12.23 50.79 40.10
N ALA D 138 -13.34 51.55 40.07
CA ALA D 138 -13.83 52.19 38.85
C ALA D 138 -12.81 53.17 38.25
N ALA D 139 -11.84 53.58 39.05
CA ALA D 139 -10.78 54.47 38.59
C ALA D 139 -9.83 53.74 37.64
N VAL D 140 -9.93 52.42 37.62
CA VAL D 140 -9.16 51.61 36.68
C VAL D 140 -10.19 51.14 35.65
N PRO D 141 -9.95 51.44 34.37
CA PRO D 141 -10.91 51.09 33.32
C PRO D 141 -11.15 49.58 33.21
N GLY D 142 -10.16 48.76 33.59
CA GLY D 142 -10.34 47.33 33.53
C GLY D 142 -11.17 46.68 34.63
N LEU D 143 -11.11 47.24 35.84
CA LEU D 143 -11.62 46.61 37.06
C LEU D 143 -13.15 46.62 37.05
N GLU D 144 -13.70 47.76 36.67
CA GLU D 144 -14.98 47.86 35.95
C GLU D 144 -16.00 46.74 36.21
N GLU D 145 -16.36 46.05 35.12
CA GLU D 145 -17.30 44.94 35.06
C GLU D 145 -16.73 43.73 35.77
N LEU D 146 -15.41 43.60 35.75
CA LEU D 146 -14.72 42.46 36.34
C LEU D 146 -15.08 42.31 37.82
N PHE D 147 -15.19 43.43 38.52
CA PHE D 147 -15.65 43.36 39.89
C PHE D 147 -17.05 42.73 39.97
N TYR D 148 -17.99 43.20 39.16
CA TYR D 148 -19.36 42.64 39.21
C TYR D 148 -19.48 41.22 38.68
N ARG D 149 -18.71 40.92 37.64
CA ARG D 149 -18.69 39.58 37.09
C ARG D 149 -18.14 38.64 38.16
N GLY D 150 -17.16 39.12 38.92
CA GLY D 150 -16.59 38.36 40.02
C GLY D 150 -17.62 38.11 41.09
N MET D 151 -18.26 39.19 41.54
CA MET D 151 -19.26 39.10 42.60
C MET D 151 -20.47 38.23 42.20
N HIS D 152 -20.94 38.36 40.97
CA HIS D 152 -22.04 37.52 40.48
C HIS D 152 -21.60 36.06 40.48
N ALA D 153 -20.32 35.82 40.19
CA ALA D 153 -19.78 34.48 40.13
C ALA D 153 -19.83 33.88 41.52
N TRP D 154 -19.29 34.64 42.47
CA TRP D 154 -19.25 34.23 43.86
C TRP D 154 -20.64 33.93 44.36
N SER D 155 -21.59 34.80 44.04
CA SER D 155 -22.95 34.62 44.50
C SER D 155 -23.57 33.31 44.02
N GLN D 156 -23.38 32.99 42.75
CA GLN D 156 -23.99 31.81 42.11
C GLN D 156 -23.46 30.49 42.69
N LEU D 157 -22.32 30.62 43.36
CA LEU D 157 -21.61 29.52 44.00
C LEU D 157 -22.35 29.18 45.29
N SER D 158 -22.85 30.23 45.91
CA SER D 158 -23.53 30.13 47.20
C SER D 158 -25.05 30.01 47.03
N ASN D 159 -25.63 30.72 46.07
CA ASN D 159 -27.10 30.81 46.06
C ASN D 159 -27.93 29.53 45.98
N PRO D 160 -27.36 28.45 45.41
CA PRO D 160 -28.11 27.21 45.50
C PRO D 160 -28.46 26.78 46.93
N VAL D 161 -27.56 27.00 47.89
CA VAL D 161 -27.87 26.54 49.24
C VAL D 161 -29.00 27.37 49.87
N LEU D 162 -29.14 28.63 49.46
CA LEU D 162 -30.29 29.40 49.94
C LEU D 162 -31.58 28.81 49.41
N LEU D 163 -31.65 28.61 48.10
CA LEU D 163 -32.87 28.11 47.43
C LEU D 163 -33.25 26.71 47.93
N ALA D 164 -32.24 25.92 48.31
CA ALA D 164 -32.39 24.54 48.78
C ALA D 164 -32.98 24.44 50.18
N GLN D 165 -33.02 25.57 50.90
CA GLN D 165 -33.54 25.60 52.26
C GLN D 165 -35.01 25.15 52.32
N PRO D 166 -35.27 24.03 52.98
CA PRO D 166 -36.59 23.41 53.05
C PRO D 166 -37.74 24.32 53.50
N ASP D 167 -37.44 25.38 54.24
CA ASP D 167 -38.49 26.22 54.77
C ASP D 167 -39.35 26.89 53.67
N PHE D 168 -38.78 27.08 52.49
CA PHE D 168 -39.46 27.85 51.45
C PHE D 168 -40.55 27.02 50.79
N THR D 169 -40.62 25.75 51.17
CA THR D 169 -41.67 24.88 50.71
C THR D 169 -42.75 24.73 51.78
N ARG D 170 -42.66 25.54 52.84
CA ARG D 170 -43.52 25.40 54.01
C ARG D 170 -44.13 26.74 54.42
N VAL D 171 -43.55 27.81 53.88
CA VAL D 171 -44.06 29.16 54.06
C VAL D 171 -44.88 29.69 52.86
N HIS D 172 -45.59 30.79 53.06
CA HIS D 172 -46.41 31.41 52.02
C HIS D 172 -45.80 32.73 51.59
N ARG D 173 -45.52 33.57 52.58
CA ARG D 173 -45.00 34.91 52.33
C ARG D 173 -43.66 35.13 53.03
N VAL D 174 -42.64 35.46 52.24
CA VAL D 174 -41.31 35.69 52.80
C VAL D 174 -41.04 37.17 52.83
N LEU D 175 -40.61 37.65 53.99
CA LEU D 175 -40.22 39.04 54.14
C LEU D 175 -38.69 39.11 54.05
N ASP D 176 -38.22 39.67 52.96
CA ASP D 176 -36.80 39.79 52.70
C ASP D 176 -36.28 41.09 53.31
N VAL D 177 -35.65 40.98 54.48
CA VAL D 177 -35.09 42.17 55.14
C VAL D 177 -33.72 42.58 54.58
N GLY D 178 -33.63 43.83 54.14
CA GLY D 178 -32.42 44.32 53.49
C GLY D 178 -32.21 43.59 52.18
N GLY D 179 -33.31 43.30 51.48
CA GLY D 179 -33.27 42.50 50.27
C GLY D 179 -32.69 43.19 49.05
N GLY D 180 -32.56 44.51 49.11
CA GLY D 180 -31.88 45.28 48.09
C GLY D 180 -32.46 45.24 46.68
N ASP D 181 -31.71 44.64 45.74
CA ASP D 181 -32.06 44.64 44.32
C ASP D 181 -32.93 43.44 43.88
N ALA D 182 -33.63 42.83 44.82
CA ALA D 182 -34.58 41.75 44.56
C ALA D 182 -34.02 40.50 43.88
N VAL D 183 -32.72 40.47 43.62
CA VAL D 183 -32.13 39.32 42.93
C VAL D 183 -32.37 37.98 43.65
N ASN D 184 -32.17 37.95 44.96
CA ASN D 184 -32.49 36.78 45.75
C ASN D 184 -33.98 36.48 45.75
N ALA D 185 -34.80 37.53 45.83
CA ALA D 185 -36.25 37.37 45.83
C ALA D 185 -36.69 36.74 44.53
N VAL D 186 -36.19 37.27 43.41
CA VAL D 186 -36.49 36.73 42.09
C VAL D 186 -36.06 35.28 41.99
N ALA D 187 -34.81 35.01 42.34
CA ALA D 187 -34.28 33.66 42.31
C ALA D 187 -35.16 32.71 43.12
N LEU D 188 -35.53 33.15 44.31
CA LEU D 188 -36.39 32.37 45.19
C LEU D 188 -37.76 32.08 44.59
N ALA D 189 -38.39 33.12 44.03
CA ALA D 189 -39.74 33.02 43.47
C ALA D 189 -39.78 32.07 42.26
N ARG D 190 -38.73 32.09 41.44
CA ARG D 190 -38.63 31.16 40.33
C ARG D 190 -38.52 29.73 40.84
N ALA D 191 -37.73 29.50 41.88
CA ALA D 191 -37.54 28.14 42.38
C ALA D 191 -38.78 27.59 43.10
N HIS D 192 -39.64 28.49 43.57
CA HIS D 192 -40.84 28.10 44.34
C HIS D 192 -42.08 28.84 43.81
N PRO D 193 -42.78 28.22 42.83
CA PRO D 193 -43.80 28.85 41.99
C PRO D 193 -44.98 29.55 42.68
N SER D 194 -45.42 29.03 43.82
CA SER D 194 -46.55 29.64 44.53
C SER D 194 -46.11 30.67 45.56
N LEU D 195 -44.83 30.65 45.92
CA LEU D 195 -44.27 31.51 46.99
C LEU D 195 -44.42 32.99 46.71
N ARG D 196 -44.57 33.76 47.78
CA ARG D 196 -44.67 35.21 47.70
C ARG D 196 -43.54 35.85 48.50
N VAL D 197 -42.95 36.94 47.98
CA VAL D 197 -41.79 37.55 48.63
C VAL D 197 -41.92 39.07 48.71
N THR D 198 -41.63 39.65 49.87
CA THR D 198 -41.63 41.11 49.98
C THR D 198 -40.22 41.61 50.22
N VAL D 199 -39.78 42.55 49.40
CA VAL D 199 -38.44 43.09 49.52
C VAL D 199 -38.42 44.35 50.37
N LEU D 200 -37.80 44.26 51.53
CA LEU D 200 -37.69 45.38 52.47
C LEU D 200 -36.29 46.00 52.45
N ASP D 201 -36.21 47.24 51.97
CA ASP D 201 -34.95 47.97 51.96
C ASP D 201 -35.23 49.47 51.88
N ARG D 202 -34.16 50.26 51.82
CA ARG D 202 -34.27 51.70 51.80
C ARG D 202 -34.93 52.11 50.48
N PRO D 203 -35.72 53.20 50.51
CA PRO D 203 -36.45 53.65 49.32
C PRO D 203 -35.56 53.76 48.06
N GLY D 204 -34.29 54.14 48.25
CA GLY D 204 -33.37 54.31 47.13
C GLY D 204 -32.94 53.05 46.39
N ALA D 205 -32.52 52.03 47.12
CA ALA D 205 -32.03 50.80 46.52
C ALA D 205 -33.19 50.02 45.92
N LEU D 206 -34.38 50.32 46.43
CA LEU D 206 -35.60 49.60 46.15
C LEU D 206 -36.17 49.81 44.74
N GLU D 207 -35.79 50.89 44.08
CA GLU D 207 -36.26 51.12 42.73
C GLU D 207 -35.50 50.24 41.76
N VAL D 208 -34.28 49.84 42.14
CA VAL D 208 -33.50 48.91 41.32
C VAL D 208 -34.16 47.54 41.46
N ALA D 209 -34.78 47.31 42.62
CA ALA D 209 -35.47 46.07 42.90
C ALA D 209 -36.72 45.96 42.04
N ARG D 210 -37.39 47.08 41.83
CA ARG D 210 -38.65 47.09 41.09
C ARG D 210 -38.42 46.82 39.61
N LYS D 211 -37.19 47.02 39.16
CA LYS D 211 -36.82 46.75 37.78
C LYS D 211 -36.34 45.32 37.57
N THR D 212 -35.74 44.73 38.60
CA THR D 212 -35.33 43.33 38.54
C THR D 212 -36.60 42.46 38.50
N ILE D 213 -37.62 42.92 39.22
CA ILE D 213 -38.92 42.25 39.30
C ILE D 213 -39.69 42.37 37.97
N ALA D 214 -39.71 43.58 37.39
CA ALA D 214 -40.36 43.82 36.11
C ALA D 214 -39.72 42.94 35.02
N GLU D 215 -38.39 42.97 34.92
CA GLU D 215 -37.65 42.13 33.98
C GLU D 215 -37.99 40.64 34.11
N ALA D 216 -38.33 40.19 35.31
CA ALA D 216 -38.62 38.77 35.53
C ALA D 216 -40.10 38.44 35.40
N GLY D 217 -40.92 39.47 35.24
CA GLY D 217 -42.37 39.31 35.10
C GLY D 217 -42.96 38.67 36.34
N LEU D 218 -42.41 39.05 37.49
CA LEU D 218 -42.81 38.50 38.77
C LEU D 218 -43.43 39.58 39.63
N GLU D 219 -44.12 40.52 39.00
CA GLU D 219 -44.76 41.63 39.71
C GLU D 219 -45.94 41.07 40.51
N GLU D 220 -46.30 39.83 40.22
CA GLU D 220 -47.42 39.15 40.86
C GLU D 220 -47.09 38.74 42.29
N ARG D 221 -46.00 38.02 42.44
CA ARG D 221 -45.61 37.46 43.72
C ARG D 221 -44.51 38.22 44.47
N VAL D 222 -43.78 39.10 43.79
CA VAL D 222 -42.66 39.80 44.45
C VAL D 222 -42.88 41.30 44.58
N ARG D 223 -43.27 41.71 45.78
CA ARG D 223 -43.54 43.11 46.09
C ARG D 223 -42.34 43.80 46.74
N THR D 224 -42.38 45.13 46.81
CA THR D 224 -41.35 45.88 47.52
C THR D 224 -42.02 46.79 48.54
N HIS D 225 -41.28 47.15 49.59
CA HIS D 225 -41.81 47.97 50.66
C HIS D 225 -40.70 48.85 51.22
N ALA D 226 -40.89 50.17 51.11
CA ALA D 226 -39.90 51.13 51.56
C ALA D 226 -39.81 51.20 53.06
N ALA D 227 -38.61 51.01 53.60
CA ALA D 227 -38.40 51.13 55.04
C ALA D 227 -36.91 51.19 55.38
N ASP D 228 -36.59 51.74 56.55
CA ASP D 228 -35.25 51.60 57.12
C ASP D 228 -35.34 50.42 58.08
N ILE D 229 -34.51 49.41 57.86
CA ILE D 229 -34.64 48.15 58.57
C ILE D 229 -34.38 48.28 60.06
N PHE D 230 -33.96 49.48 60.49
CA PHE D 230 -33.59 49.72 61.88
C PHE D 230 -34.58 50.56 62.70
N THR D 231 -35.14 51.58 62.07
CA THR D 231 -36.02 52.51 62.76
C THR D 231 -37.51 52.19 62.49
N ASP D 232 -37.85 51.91 61.22
CA ASP D 232 -39.24 51.66 60.87
C ASP D 232 -39.70 50.30 61.40
N SER D 233 -41.01 50.05 61.35
CA SER D 233 -41.51 48.75 61.76
C SER D 233 -41.76 47.93 60.52
N TYR D 234 -41.86 46.63 60.71
CA TYR D 234 -41.92 45.70 59.59
C TYR D 234 -43.37 45.32 59.25
N PRO D 235 -43.66 45.14 57.95
CA PRO D 235 -44.99 44.77 57.45
C PRO D 235 -45.52 43.49 58.09
N ALA D 236 -46.80 43.50 58.47
CA ALA D 236 -47.39 42.33 59.10
C ALA D 236 -47.83 41.30 58.06
N GLY D 237 -48.34 40.16 58.52
CA GLY D 237 -48.90 39.17 57.64
C GLY D 237 -47.89 38.24 56.99
N HIS D 238 -46.65 38.29 57.46
CA HIS D 238 -45.60 37.46 56.86
C HIS D 238 -45.35 36.18 57.62
N ASP D 239 -45.13 35.13 56.85
CA ASP D 239 -45.04 33.77 57.35
C ASP D 239 -43.60 33.43 57.78
N CYS D 240 -42.67 34.23 57.28
CA CYS D 240 -41.24 33.95 57.34
C CYS D 240 -40.43 35.24 57.15
N VAL D 241 -39.35 35.42 57.90
CA VAL D 241 -38.48 36.58 57.70
C VAL D 241 -37.07 36.13 57.34
N LEU D 242 -36.48 36.73 56.32
CA LEU D 242 -35.19 36.28 55.81
C LEU D 242 -34.09 37.34 55.91
N PHE D 243 -32.91 36.94 56.36
CA PHE D 243 -31.75 37.82 56.30
C PHE D 243 -30.65 37.16 55.48
N ALA D 244 -30.52 37.54 54.21
CA ALA D 244 -29.44 36.98 53.38
C ALA D 244 -28.27 37.97 53.19
N HIS D 245 -27.09 37.54 53.62
CA HIS D 245 -25.87 38.36 53.60
C HIS D 245 -26.14 39.71 54.22
N GLN D 246 -26.94 39.70 55.28
CA GLN D 246 -27.37 40.93 55.91
C GLN D 246 -26.69 41.08 57.29
N LEU D 247 -26.62 39.99 58.04
CA LEU D 247 -26.07 40.02 59.40
C LEU D 247 -24.53 39.96 59.47
N VAL D 248 -23.86 39.81 58.33
CA VAL D 248 -22.40 39.83 58.32
C VAL D 248 -21.94 41.25 58.00
N ILE D 249 -22.90 42.17 57.95
CA ILE D 249 -22.64 43.60 57.75
C ILE D 249 -22.72 44.35 59.06
N TRP D 250 -23.48 43.79 60.00
CA TRP D 250 -23.77 44.52 61.22
C TRP D 250 -23.11 43.99 62.50
N SER D 251 -22.96 44.91 63.44
CA SER D 251 -22.47 44.63 64.78
C SER D 251 -23.50 43.81 65.54
N PRO D 252 -23.03 42.93 66.43
CA PRO D 252 -23.88 42.07 67.27
C PRO D 252 -25.04 42.79 67.98
N GLU D 253 -24.83 44.01 68.49
CA GLU D 253 -25.95 44.71 69.12
C GLU D 253 -27.07 44.95 68.11
N GLN D 254 -26.67 45.27 66.88
CA GLN D 254 -27.60 45.65 65.83
C GLN D 254 -28.39 44.51 65.23
N ASN D 255 -27.74 43.34 65.16
CA ASN D 255 -28.39 42.16 64.64
C ASN D 255 -29.56 41.79 65.53
N LEU D 256 -29.38 41.99 66.83
CA LEU D 256 -30.43 41.74 67.82
C LEU D 256 -31.57 42.72 67.62
N THR D 257 -31.25 43.93 67.20
CA THR D 257 -32.29 44.91 66.94
C THR D 257 -33.16 44.34 65.83
N LEU D 258 -32.51 43.98 64.72
CA LEU D 258 -33.16 43.43 63.53
C LEU D 258 -33.94 42.15 63.82
N LEU D 259 -33.33 41.26 64.60
CA LEU D 259 -33.90 39.96 64.87
C LEU D 259 -35.12 40.07 65.74
N ARG D 260 -35.11 41.05 66.64
CA ARG D 260 -36.24 41.36 67.51
C ARG D 260 -37.35 42.02 66.71
N LYS D 261 -36.97 42.85 65.74
CA LYS D 261 -37.96 43.46 64.86
C LYS D 261 -38.63 42.40 64.03
N ALA D 262 -37.82 41.41 63.63
CA ALA D 262 -38.28 40.26 62.88
C ALA D 262 -39.26 39.44 63.71
N TYR D 263 -38.97 39.32 65.00
CA TYR D 263 -39.86 38.59 65.91
C TYR D 263 -41.27 39.20 65.96
N ASP D 264 -41.36 40.53 65.95
CA ASP D 264 -42.66 41.21 66.07
C ASP D 264 -43.44 41.20 64.79
N ALA D 265 -42.72 41.09 63.68
CA ALA D 265 -43.29 41.21 62.35
C ALA D 265 -43.92 39.91 61.92
N VAL D 266 -43.20 38.84 62.17
CA VAL D 266 -43.63 37.50 61.80
C VAL D 266 -44.84 37.13 62.64
N GLU D 267 -45.68 36.25 62.13
CA GLU D 267 -46.85 35.82 62.88
C GLU D 267 -46.47 34.57 63.66
N PRO D 268 -47.17 34.32 64.80
CA PRO D 268 -46.89 33.14 65.63
C PRO D 268 -46.85 31.87 64.78
N GLY D 269 -45.89 31.00 65.06
CA GLY D 269 -45.66 29.84 64.22
C GLY D 269 -44.68 30.12 63.10
N GLY D 270 -44.46 31.41 62.81
CA GLY D 270 -43.65 31.83 61.70
C GLY D 270 -42.18 31.55 61.89
N ARG D 271 -41.39 31.71 60.83
CA ARG D 271 -39.98 31.35 60.84
C ARG D 271 -39.05 32.53 60.56
N VAL D 272 -37.84 32.48 61.11
CA VAL D 272 -36.78 33.44 60.74
C VAL D 272 -35.60 32.68 60.15
N LEU D 273 -34.98 33.24 59.12
CA LEU D 273 -33.91 32.53 58.42
C LEU D 273 -32.77 33.47 58.20
N VAL D 274 -31.61 33.09 58.71
CA VAL D 274 -30.41 33.82 58.44
C VAL D 274 -29.55 32.99 57.50
N PHE D 275 -29.29 33.54 56.33
CA PHE D 275 -28.46 32.86 55.35
C PHE D 275 -27.20 33.67 55.08
N ASN D 276 -26.04 33.09 55.41
CA ASN D 276 -24.74 33.63 54.99
C ASN D 276 -23.56 32.67 55.24
N ALA D 277 -22.36 33.18 55.11
CA ALA D 277 -21.15 32.38 55.35
C ALA D 277 -20.82 32.33 56.85
N PHE D 278 -20.90 31.14 57.44
CA PHE D 278 -20.55 30.92 58.85
C PHE D 278 -19.15 30.33 59.12
N THR D 279 -18.44 30.83 60.14
CA THR D 279 -17.21 30.17 60.66
C THR D 279 -17.62 28.99 61.55
N ASP D 280 -16.81 27.94 61.60
CA ASP D 280 -17.07 26.82 62.51
C ASP D 280 -17.03 27.27 63.98
N ASP D 281 -17.83 26.63 64.83
CA ASP D 281 -17.92 27.03 66.25
C ASP D 281 -16.58 26.93 66.95
N ASP D 282 -15.77 25.97 66.55
CA ASP D 282 -14.51 25.72 67.23
C ASP D 282 -13.33 26.53 66.68
N ARG D 283 -13.65 27.44 65.75
CA ARG D 283 -12.67 28.34 65.16
C ARG D 283 -11.46 27.60 64.57
N THR D 284 -11.69 26.41 64.00
CA THR D 284 -10.62 25.68 63.31
C THR D 284 -10.77 25.74 61.80
N GLY D 285 -11.84 26.41 61.33
CA GLY D 285 -12.17 26.47 59.92
C GLY D 285 -13.58 27.01 59.73
N PRO D 286 -14.18 26.79 58.53
CA PRO D 286 -13.61 26.03 57.42
C PRO D 286 -12.55 26.79 56.64
N LEU D 287 -11.63 26.06 56.04
CA LEU D 287 -10.47 26.63 55.36
C LEU D 287 -10.85 27.72 54.36
N TYR D 288 -11.96 27.49 53.66
CA TYR D 288 -12.53 28.47 52.74
C TYR D 288 -12.65 29.82 53.45
N ALA D 289 -13.49 29.88 54.50
CA ALA D 289 -13.75 31.11 55.27
C ALA D 289 -12.45 31.69 55.78
N ALA D 290 -11.63 30.80 56.31
CA ALA D 290 -10.36 31.15 56.88
C ALA D 290 -9.43 31.87 55.92
N LEU D 291 -9.43 31.44 54.66
CA LEU D 291 -8.50 32.05 53.71
C LEU D 291 -9.16 33.20 53.01
N ASP D 292 -10.48 33.10 52.82
CA ASP D 292 -11.26 34.18 52.22
C ASP D 292 -11.13 35.45 53.05
N ASN D 293 -10.85 35.30 54.35
CA ASN D 293 -10.74 36.47 55.22
C ASN D 293 -9.62 37.41 54.80
N VAL D 294 -8.57 36.91 54.13
CA VAL D 294 -7.46 37.80 53.73
C VAL D 294 -7.99 38.89 52.81
N TYR D 295 -8.96 38.57 51.98
CA TYR D 295 -9.55 39.61 51.14
C TYR D 295 -10.24 40.65 52.00
N PHE D 296 -11.09 40.18 52.90
CA PHE D 296 -11.93 41.04 53.73
C PHE D 296 -11.15 41.98 54.67
N THR D 297 -9.95 41.58 55.06
CA THR D 297 -9.15 42.44 55.93
C THR D 297 -8.29 43.42 55.11
N THR D 298 -8.09 43.11 53.84
CA THR D 298 -7.16 43.89 53.01
C THR D 298 -7.83 44.90 52.06
N LEU D 299 -9.10 44.70 51.73
CA LEU D 299 -9.69 45.53 50.69
C LEU D 299 -10.95 46.32 51.03
N PRO D 300 -12.03 45.66 51.50
CA PRO D 300 -13.23 46.48 51.73
C PRO D 300 -13.04 47.42 52.93
N PHE D 301 -13.74 48.55 52.95
CA PHE D 301 -13.63 49.47 54.09
C PHE D 301 -14.51 49.09 55.27
N ARG D 302 -15.58 48.36 55.00
CA ARG D 302 -16.55 47.97 56.00
C ARG D 302 -16.14 46.60 56.53
N HIS D 303 -16.02 46.44 57.84
CA HIS D 303 -15.62 45.13 58.34
C HIS D 303 -16.80 44.17 58.25
N SER D 304 -16.70 43.22 57.32
CA SER D 304 -17.60 42.06 57.31
C SER D 304 -17.13 41.05 58.36
N THR D 305 -17.99 40.69 59.31
CA THR D 305 -17.60 39.65 60.25
C THR D 305 -18.36 38.38 59.93
N ILE D 306 -17.63 37.28 59.86
CA ILE D 306 -18.23 35.96 59.72
C ILE D 306 -18.28 35.32 61.11
N HIS D 307 -19.48 35.32 61.66
CA HIS D 307 -19.76 34.84 63.00
C HIS D 307 -19.89 33.33 62.98
N ARG D 308 -19.67 32.69 64.12
CA ARG D 308 -19.87 31.26 64.22
C ARG D 308 -21.37 30.98 64.20
N TRP D 309 -21.71 29.74 63.89
CA TRP D 309 -23.09 29.32 63.90
C TRP D 309 -23.72 29.60 65.27
N ALA D 310 -22.99 29.24 66.32
CA ALA D 310 -23.43 29.39 67.71
C ALA D 310 -23.69 30.86 68.13
N ASP D 311 -22.85 31.77 67.65
CA ASP D 311 -23.06 33.19 67.87
C ASP D 311 -24.44 33.59 67.40
N CYS D 312 -24.76 33.17 66.19
CA CYS D 312 -25.99 33.54 65.52
C CYS D 312 -27.19 32.86 66.16
N GLU D 313 -26.99 31.58 66.50
CA GLU D 313 -28.01 30.81 67.20
C GLU D 313 -28.34 31.51 68.52
N SER D 314 -27.31 32.08 69.16
CA SER D 314 -27.52 32.81 70.40
C SER D 314 -28.45 34.01 70.21
N TRP D 315 -28.15 34.84 69.20
CA TRP D 315 -28.94 36.05 68.91
C TRP D 315 -30.40 35.71 68.69
N LEU D 316 -30.63 34.56 68.06
CA LEU D 316 -32.00 34.12 67.80
C LEU D 316 -32.77 33.78 69.07
N ARG D 317 -32.11 33.08 69.99
CA ARG D 317 -32.73 32.79 71.29
C ARG D 317 -32.86 34.08 72.09
N GLU D 318 -31.84 34.93 72.04
CA GLU D 318 -31.87 36.19 72.80
C GLU D 318 -33.02 37.06 72.30
N ALA D 319 -33.43 36.83 71.05
CA ALA D 319 -34.46 37.64 70.40
C ALA D 319 -35.85 37.04 70.56
N GLY D 320 -35.93 35.87 71.19
CA GLY D 320 -37.19 35.25 71.51
C GLY D 320 -37.61 34.05 70.67
N PHE D 321 -36.71 33.61 69.78
CA PHE D 321 -37.06 32.48 68.92
C PHE D 321 -36.85 31.12 69.62
N THR D 322 -37.65 30.14 69.22
CA THR D 322 -37.57 28.78 69.74
C THR D 322 -37.28 27.86 68.57
N ASP D 323 -37.02 26.58 68.84
CA ASP D 323 -36.63 25.62 67.81
C ASP D 323 -35.47 26.18 67.00
N VAL D 324 -34.49 26.73 67.69
CA VAL D 324 -33.38 27.34 66.99
C VAL D 324 -32.41 26.24 66.61
N GLY D 325 -31.95 26.27 65.37
CA GLY D 325 -30.99 25.29 64.92
C GLY D 325 -30.30 25.74 63.66
N ARG D 326 -29.53 24.83 63.08
CA ARG D 326 -28.80 25.16 61.87
C ARG D 326 -29.00 24.09 60.78
N THR D 327 -28.95 24.56 59.53
CA THR D 327 -28.91 23.71 58.36
C THR D 327 -27.56 23.96 57.73
N ALA D 328 -26.61 23.06 58.00
CA ALA D 328 -25.27 23.13 57.37
C ALA D 328 -25.15 21.95 56.43
N PRO D 329 -25.11 22.24 55.12
CA PRO D 329 -25.13 21.14 54.16
C PRO D 329 -23.87 21.09 53.29
N PRO D 330 -23.69 19.98 52.56
CA PRO D 330 -22.63 20.02 51.55
C PRO D 330 -22.97 21.12 50.54
N GLY D 331 -21.97 21.72 49.91
CA GLY D 331 -20.63 21.20 49.98
C GLY D 331 -19.51 22.17 50.29
N TRP D 332 -18.69 22.40 49.28
CA TRP D 332 -17.35 22.95 49.45
C TRP D 332 -17.38 24.40 49.90
N THR D 333 -18.56 25.02 49.80
CA THR D 333 -18.78 26.40 50.22
C THR D 333 -19.18 26.48 51.72
N PRO D 334 -18.79 27.56 52.43
CA PRO D 334 -19.06 27.72 53.87
C PRO D 334 -20.43 28.37 54.20
N HIS D 335 -21.29 28.42 53.21
CA HIS D 335 -22.60 29.03 53.39
C HIS D 335 -23.58 28.07 54.09
N GLY D 336 -24.47 28.63 54.89
CA GLY D 336 -25.46 27.81 55.56
C GLY D 336 -26.62 28.67 56.00
N VAL D 337 -27.55 28.08 56.75
CA VAL D 337 -28.71 28.81 57.26
C VAL D 337 -28.91 28.52 58.75
N VAL D 338 -29.04 29.58 59.55
CA VAL D 338 -29.45 29.47 60.96
C VAL D 338 -30.91 29.87 61.02
N SER D 339 -31.73 29.10 61.74
CA SER D 339 -33.17 29.33 61.71
C SER D 339 -33.85 29.21 63.08
N GLY D 340 -35.04 29.81 63.18
CA GLY D 340 -35.87 29.68 64.38
C GLY D 340 -37.33 30.03 64.14
N SER D 341 -38.16 29.76 65.14
CA SER D 341 -39.60 29.94 65.04
C SER D 341 -40.12 30.89 66.12
N ARG D 342 -41.17 31.65 65.81
CA ARG D 342 -41.93 32.38 66.84
C ARG D 342 -43.05 31.49 67.38
N PRO D 343 -43.24 31.46 68.71
CA PRO D 343 -44.28 30.58 69.28
C PRO D 343 -45.68 31.19 69.29
#